data_6TTH
#
_entry.id   6TTH
#
_cell.length_a   1.00
_cell.length_b   1.00
_cell.length_c   1.00
_cell.angle_alpha   90.00
_cell.angle_beta   90.00
_cell.angle_gamma   90.00
#
_symmetry.space_group_name_H-M   'P 1'
#
loop_
_entity.id
_entity.type
_entity.pdbx_description
1 polymer 'Pyruvate kinase PKM'
2 non-polymer 1,6-di-O-phosphono-beta-D-fructofuranose
3 non-polymer THREONINE
4 water water
#
_entity_poly.entity_id   1
_entity_poly.type   'polypeptide(L)'
_entity_poly.pdbx_seq_one_letter_code
;MGSSHHHHHHSSGLVPRGSKPHSEAGTAFIQTQQLHAAMADTFLEHMCRLDIDSPPITARNTGIICTIGPASRSVETLKE
MIKSGMNVARLNFSHGTHEYHAETIKNVRTATESFASDPILYRPVAVALDTKGPEIRTGLIKGSGTAEVELKKGATLKIT
LDNAYMEKCDENILWLDYKNICKVVEVGSKIYVDDGLISLQVKQKGADFLVTEVENGGSLGSKKGVNLPGAAVDLPAVSE
KDIQDLKFGVEQDVDMVFASFIRKASDVHEVRKVLGEKGKNIKIISKIENHEGVRRFDEILEASDGIMVARGDLGIEIPA
EKVFLAQKMMIGRCNRAGKPVICATQMLESMIKKPRPTRAEGSDVANAVLDGADCIMLSGETAKGDYPLEAVRMQHLIAR
EAEAAIYHLQLFEELRRLAPITSDPTEATAVGAVEASFKCCSGAIIVLTKSGRSAHQVARYRPRAPIIAVTRNPQTARQA
HLYRGIFPVLCKDPVQEAWAEDVDLRVNFAMNVGKARGFFKKGDVVIVLTGWRPGSGFTNTMRVVPVP
;
_entity_poly.pdbx_strand_id   A,B,C,D
#
loop_
_chem_comp.id
_chem_comp.type
_chem_comp.name
_chem_comp.formula
FBP D-saccharide, beta linking 1,6-di-O-phosphono-beta-D-fructofuranose 'C6 H14 O12 P2'
#
# COMPACT_ATOMS: atom_id res chain seq x y z
N MET A 39 -11.58 -4.10 -8.03
CA MET A 39 -11.11 -2.90 -8.78
C MET A 39 -10.93 -1.71 -7.82
N ALA A 40 -11.48 -1.82 -6.60
CA ALA A 40 -11.38 -0.77 -5.57
C ALA A 40 -9.96 -0.73 -5.00
N ASP A 41 -9.56 0.45 -4.51
CA ASP A 41 -8.19 0.68 -4.01
C ASP A 41 -7.97 0.33 -2.53
N THR A 42 -9.04 0.42 -1.73
CA THR A 42 -9.05 -0.04 -0.35
C THR A 42 -9.88 -1.34 -0.25
N PHE A 43 -9.72 -2.04 0.87
CA PHE A 43 -10.58 -3.18 1.21
C PHE A 43 -11.97 -2.67 1.63
N LEU A 44 -12.00 -1.50 2.26
CA LEU A 44 -13.26 -0.90 2.68
C LEU A 44 -14.12 -0.52 1.46
N GLU A 45 -13.53 0.14 0.46
CA GLU A 45 -14.25 0.43 -0.79
C GLU A 45 -14.71 -0.87 -1.47
N HIS A 46 -13.88 -1.92 -1.45
CA HIS A 46 -14.21 -3.21 -2.07
C HIS A 46 -15.49 -3.82 -1.46
N MET A 47 -15.59 -3.87 -0.13
CA MET A 47 -16.79 -4.31 0.61
C MET A 47 -17.99 -3.48 0.15
N CYS A 48 -17.87 -2.14 0.22
CA CYS A 48 -18.97 -1.18 -0.05
C CYS A 48 -19.54 -1.37 -1.45
N ARG A 49 -18.77 -1.97 -2.36
CA ARG A 49 -19.15 -2.06 -3.77
C ARG A 49 -19.84 -3.40 -4.05
N LEU A 50 -19.86 -4.30 -3.05
CA LEU A 50 -20.44 -5.64 -3.22
C LEU A 50 -21.93 -5.50 -3.51
N ASP A 51 -22.42 -6.29 -4.48
CA ASP A 51 -23.78 -6.16 -4.97
C ASP A 51 -24.47 -7.52 -5.10
N ILE A 52 -25.69 -7.61 -4.55
CA ILE A 52 -26.44 -8.88 -4.48
C ILE A 52 -27.22 -9.10 -5.79
N ASP A 53 -27.10 -8.16 -6.73
CA ASP A 53 -27.77 -8.25 -8.02
C ASP A 53 -26.81 -8.68 -9.14
N SER A 54 -25.52 -8.44 -8.93
CA SER A 54 -24.45 -8.88 -9.82
C SER A 54 -24.32 -10.41 -9.75
N PRO A 55 -24.56 -11.13 -10.87
CA PRO A 55 -24.53 -12.61 -10.92
C PRO A 55 -23.10 -13.17 -10.77
N PRO A 56 -22.96 -14.38 -10.15
CA PRO A 56 -21.65 -15.04 -10.05
C PRO A 56 -21.26 -15.72 -11.37
N ILE A 57 -20.00 -16.18 -11.45
CA ILE A 57 -19.50 -16.98 -12.58
C ILE A 57 -19.95 -18.44 -12.41
N THR A 58 -19.93 -19.21 -13.50
CA THR A 58 -20.43 -20.61 -13.55
C THR A 58 -19.47 -21.58 -12.83
N ALA A 59 -18.19 -21.25 -12.82
CA ALA A 59 -17.17 -22.10 -12.18
C ALA A 59 -17.25 -21.95 -10.66
N ARG A 60 -17.17 -23.08 -9.96
CA ARG A 60 -16.86 -23.12 -8.54
C ARG A 60 -15.36 -23.37 -8.39
N ASN A 61 -14.74 -22.71 -7.43
CA ASN A 61 -13.31 -22.81 -7.20
C ASN A 61 -13.00 -23.68 -5.98
N THR A 62 -13.85 -23.67 -4.97
CA THR A 62 -13.65 -24.44 -3.73
C THR A 62 -14.16 -25.88 -3.91
N GLY A 63 -13.31 -26.88 -3.64
CA GLY A 63 -13.75 -28.31 -3.75
C GLY A 63 -14.69 -28.74 -2.63
N ILE A 64 -15.41 -29.85 -2.83
CA ILE A 64 -16.37 -30.39 -1.85
C ILE A 64 -16.07 -31.88 -1.57
N ILE A 65 -15.70 -32.13 -0.31
CA ILE A 65 -15.56 -33.46 0.32
C ILE A 65 -16.83 -33.78 1.12
N CYS A 66 -17.43 -34.94 0.83
CA CYS A 66 -18.61 -35.43 1.56
C CYS A 66 -18.24 -36.76 2.23
N THR A 67 -18.63 -36.93 3.48
CA THR A 67 -18.51 -38.21 4.17
C THR A 67 -19.62 -39.14 3.67
N ILE A 68 -19.25 -40.36 3.28
CA ILE A 68 -20.23 -41.37 2.89
C ILE A 68 -20.59 -42.20 4.12
N GLY A 69 -21.88 -42.14 4.50
CA GLY A 69 -22.45 -42.95 5.57
C GLY A 69 -23.63 -43.76 5.06
N PRO A 70 -24.53 -44.20 5.98
CA PRO A 70 -25.76 -44.97 5.65
C PRO A 70 -26.70 -44.27 4.64
N ALA A 71 -26.86 -42.96 4.79
CA ALA A 71 -27.86 -42.18 4.05
C ALA A 71 -27.35 -41.69 2.67
N SER A 72 -26.23 -42.26 2.19
CA SER A 72 -25.59 -41.80 0.93
C SER A 72 -24.75 -42.91 0.30
N ARG A 73 -24.76 -44.11 0.88
CA ARG A 73 -23.95 -45.26 0.44
C ARG A 73 -24.47 -45.84 -0.89
N SER A 74 -25.71 -45.54 -1.28
CA SER A 74 -26.37 -46.20 -2.44
C SER A 74 -25.87 -45.64 -3.78
N VAL A 75 -25.73 -46.52 -4.78
CA VAL A 75 -25.26 -46.16 -6.16
C VAL A 75 -26.19 -45.12 -6.79
N GLU A 76 -27.45 -45.10 -6.39
CA GLU A 76 -28.39 -44.11 -6.91
C GLU A 76 -28.18 -42.73 -6.24
N THR A 77 -27.95 -42.72 -4.92
CA THR A 77 -27.79 -41.45 -4.18
C THR A 77 -26.44 -40.79 -4.53
N LEU A 78 -25.44 -41.64 -4.77
CA LEU A 78 -24.08 -41.24 -5.15
C LEU A 78 -24.09 -40.54 -6.51
N LYS A 79 -24.78 -41.12 -7.51
CA LYS A 79 -24.92 -40.49 -8.84
C LYS A 79 -25.46 -39.05 -8.69
N GLU A 80 -26.42 -38.87 -7.79
CA GLU A 80 -27.05 -37.56 -7.60
C GLU A 80 -26.08 -36.57 -6.96
N MET A 81 -25.19 -37.06 -6.09
CA MET A 81 -24.21 -36.20 -5.42
C MET A 81 -23.04 -35.86 -6.36
N ILE A 82 -22.66 -36.79 -7.23
CA ILE A 82 -21.67 -36.47 -8.25
C ILE A 82 -22.22 -35.38 -9.19
N LYS A 83 -23.50 -35.44 -9.54
CA LYS A 83 -24.12 -34.40 -10.38
C LYS A 83 -24.25 -33.07 -9.62
N SER A 84 -24.35 -33.13 -8.30
CA SER A 84 -24.53 -31.93 -7.47
C SER A 84 -23.18 -31.27 -7.16
N GLY A 85 -22.09 -31.95 -7.51
CA GLY A 85 -20.74 -31.40 -7.41
C GLY A 85 -19.97 -31.90 -6.20
N MET A 86 -20.03 -33.22 -5.96
CA MET A 86 -19.12 -33.87 -5.01
C MET A 86 -17.84 -34.24 -5.77
N ASN A 87 -16.69 -33.92 -5.18
CA ASN A 87 -15.38 -34.18 -5.79
C ASN A 87 -14.64 -35.31 -5.07
N VAL A 88 -14.85 -35.47 -3.75
CA VAL A 88 -14.02 -36.33 -2.85
C VAL A 88 -15.00 -37.12 -1.96
N ALA A 89 -14.97 -38.45 -2.03
CA ALA A 89 -15.80 -39.32 -1.14
C ALA A 89 -14.96 -39.81 0.04
N ARG A 90 -15.26 -39.35 1.27
CA ARG A 90 -14.45 -39.70 2.47
C ARG A 90 -15.11 -40.85 3.24
N LEU A 91 -14.31 -41.86 3.56
CA LEU A 91 -14.72 -43.06 4.33
C LEU A 91 -14.12 -42.98 5.74
N ASN A 92 -14.99 -43.02 6.74
CA ASN A 92 -14.58 -42.88 8.16
C ASN A 92 -14.33 -44.27 8.76
N PHE A 93 -13.07 -44.54 9.11
CA PHE A 93 -12.62 -45.86 9.59
C PHE A 93 -12.71 -45.94 11.13
N SER A 94 -13.43 -44.99 11.73
CA SER A 94 -13.83 -45.07 13.14
C SER A 94 -14.76 -46.28 13.36
N HIS A 95 -15.66 -46.48 12.41
CA HIS A 95 -16.75 -47.44 12.55
C HIS A 95 -16.87 -48.25 11.26
N GLY A 96 -17.20 -49.53 11.41
CA GLY A 96 -17.37 -50.40 10.26
C GLY A 96 -16.21 -51.39 10.11
N THR A 97 -16.50 -52.53 9.50
CA THR A 97 -15.47 -53.53 9.18
C THR A 97 -14.83 -53.15 7.84
N HIS A 98 -13.76 -53.86 7.46
CA HIS A 98 -13.13 -53.71 6.15
C HIS A 98 -14.11 -54.08 5.03
N GLU A 99 -14.98 -55.05 5.29
CA GLU A 99 -15.92 -55.56 4.28
C GLU A 99 -16.99 -54.51 3.98
N TYR A 100 -17.46 -53.80 5.01
CA TYR A 100 -18.47 -52.73 4.85
C TYR A 100 -17.85 -51.60 4.00
N HIS A 101 -16.60 -51.23 4.31
CA HIS A 101 -15.89 -50.12 3.64
C HIS A 101 -15.60 -50.45 2.17
N ALA A 102 -15.21 -51.68 1.87
CA ALA A 102 -14.92 -52.14 0.49
C ALA A 102 -16.20 -52.20 -0.35
N GLU A 103 -17.33 -52.31 0.33
CA GLU A 103 -18.63 -52.24 -0.33
C GLU A 103 -18.98 -50.77 -0.61
N THR A 104 -18.45 -49.85 0.20
CA THR A 104 -18.64 -48.42 -0.06
C THR A 104 -17.78 -48.01 -1.28
N ILE A 105 -16.55 -48.54 -1.35
CA ILE A 105 -15.60 -48.13 -2.39
C ILE A 105 -16.08 -48.60 -3.76
N LYS A 106 -16.61 -49.82 -3.82
CA LYS A 106 -17.20 -50.35 -5.03
C LYS A 106 -18.33 -49.41 -5.52
N ASN A 107 -19.20 -48.99 -4.61
CA ASN A 107 -20.36 -48.16 -4.95
C ASN A 107 -19.91 -46.81 -5.52
N VAL A 108 -19.03 -46.11 -4.80
CA VAL A 108 -18.46 -44.82 -5.24
C VAL A 108 -17.90 -44.94 -6.67
N ARG A 109 -17.15 -46.02 -6.97
CA ARG A 109 -16.51 -46.20 -8.27
C ARG A 109 -17.54 -46.57 -9.35
N THR A 110 -18.60 -47.28 -8.98
CA THR A 110 -19.62 -47.70 -9.95
C THR A 110 -20.36 -46.44 -10.43
N ALA A 111 -20.85 -45.65 -9.47
CA ALA A 111 -21.50 -44.38 -9.72
C ALA A 111 -20.60 -43.49 -10.60
N THR A 112 -19.32 -43.35 -10.23
CA THR A 112 -18.33 -42.54 -10.98
C THR A 112 -18.24 -43.03 -12.43
N GLU A 113 -18.05 -44.32 -12.64
CA GLU A 113 -17.80 -44.88 -13.99
C GLU A 113 -19.08 -44.89 -14.86
N SER A 114 -20.24 -44.66 -14.25
CA SER A 114 -21.53 -44.56 -14.98
C SER A 114 -21.51 -43.38 -15.96
N PHE A 115 -20.85 -42.27 -15.59
CA PHE A 115 -20.75 -41.08 -16.47
C PHE A 115 -19.53 -41.16 -17.41
N ALA A 116 -18.81 -42.29 -17.44
CA ALA A 116 -17.52 -42.37 -18.14
C ALA A 116 -17.70 -42.47 -19.65
N SER A 117 -18.92 -42.74 -20.11
CA SER A 117 -19.25 -42.91 -21.55
C SER A 117 -19.00 -41.62 -22.32
N ASP A 118 -19.46 -40.48 -21.79
CA ASP A 118 -19.14 -39.16 -22.35
C ASP A 118 -17.86 -38.56 -21.75
N PRO A 119 -16.74 -38.60 -22.51
CA PRO A 119 -15.44 -38.12 -22.01
C PRO A 119 -15.47 -36.63 -21.69
N ILE A 120 -16.33 -35.87 -22.36
CA ILE A 120 -16.44 -34.43 -22.13
C ILE A 120 -17.10 -34.17 -20.76
N LEU A 121 -18.03 -35.01 -20.34
CA LEU A 121 -18.86 -34.72 -19.16
C LEU A 121 -18.35 -35.45 -17.90
N TYR A 122 -17.55 -36.50 -18.09
CA TYR A 122 -16.97 -37.27 -16.99
C TYR A 122 -16.32 -36.34 -15.94
N ARG A 123 -16.53 -36.63 -14.67
CA ARG A 123 -15.85 -35.96 -13.60
C ARG A 123 -15.14 -37.02 -12.76
N PRO A 124 -13.80 -36.87 -12.60
CA PRO A 124 -13.11 -37.75 -11.68
C PRO A 124 -13.47 -37.49 -10.20
N VAL A 125 -13.59 -38.56 -9.41
CA VAL A 125 -14.01 -38.48 -8.00
C VAL A 125 -12.93 -39.17 -7.16
N ALA A 126 -12.33 -38.46 -6.21
CA ALA A 126 -11.30 -39.07 -5.33
C ALA A 126 -11.95 -39.88 -4.19
N VAL A 127 -11.25 -40.92 -3.73
CA VAL A 127 -11.57 -41.56 -2.42
C VAL A 127 -10.55 -41.16 -1.34
N ALA A 128 -11.03 -40.93 -0.12
CA ALA A 128 -10.17 -40.56 1.01
C ALA A 128 -10.45 -41.50 2.21
N LEU A 129 -9.37 -41.95 2.83
CA LEU A 129 -9.47 -42.79 3.98
C LEU A 129 -9.21 -41.94 5.24
N ASP A 130 -10.13 -41.98 6.20
CA ASP A 130 -9.90 -41.22 7.44
C ASP A 130 -9.66 -42.20 8.59
N THR A 131 -8.39 -42.33 8.99
CA THR A 131 -7.98 -43.24 10.09
C THR A 131 -8.66 -42.86 11.41
N LYS A 132 -9.00 -43.87 12.21
CA LYS A 132 -9.48 -43.68 13.60
C LYS A 132 -8.45 -42.88 14.42
N GLY A 133 -7.19 -43.29 14.38
CA GLY A 133 -6.12 -42.66 15.17
C GLY A 133 -6.13 -43.13 16.62
N PRO A 134 -5.29 -42.53 17.49
CA PRO A 134 -5.23 -42.86 18.93
C PRO A 134 -6.46 -42.41 19.72
N LEU A 235 0.18 -41.64 23.69
CA LEU A 235 -0.16 -42.79 22.85
C LEU A 235 0.72 -42.76 21.59
N PRO A 236 0.81 -43.89 20.84
CA PRO A 236 1.64 -43.92 19.62
C PRO A 236 0.96 -43.17 18.47
N ALA A 237 1.75 -42.80 17.46
CA ALA A 237 1.27 -42.07 16.28
C ALA A 237 0.32 -42.94 15.44
N VAL A 238 0.65 -44.23 15.36
CA VAL A 238 -0.11 -45.19 14.58
C VAL A 238 -0.35 -46.43 15.48
N SER A 239 -1.61 -46.62 15.87
CA SER A 239 -2.02 -47.82 16.62
C SER A 239 -2.05 -49.04 15.69
N GLU A 240 -2.37 -50.21 16.25
CA GLU A 240 -2.38 -51.49 15.51
C GLU A 240 -3.49 -51.49 14.47
N LYS A 241 -4.64 -50.91 14.82
CA LYS A 241 -5.81 -50.81 13.93
C LYS A 241 -5.42 -50.00 12.68
N ASP A 242 -4.79 -48.85 12.89
CA ASP A 242 -4.35 -47.96 11.81
C ASP A 242 -3.41 -48.62 10.82
N ILE A 243 -2.49 -49.46 11.31
CA ILE A 243 -1.54 -50.20 10.45
C ILE A 243 -2.30 -51.11 9.45
N GLN A 244 -3.38 -51.75 9.89
CA GLN A 244 -4.17 -52.65 9.04
C GLN A 244 -5.01 -51.82 8.05
N ASP A 245 -5.58 -50.72 8.54
CA ASP A 245 -6.39 -49.79 7.75
C ASP A 245 -5.57 -49.13 6.62
N LEU A 246 -4.44 -48.53 6.99
CA LEU A 246 -3.51 -47.94 6.02
C LEU A 246 -3.11 -49.00 4.99
N LYS A 247 -2.91 -50.25 5.44
CA LYS A 247 -2.52 -51.36 4.53
C LYS A 247 -3.67 -51.70 3.55
N PHE A 248 -4.89 -51.65 4.06
CA PHE A 248 -6.11 -51.85 3.29
C PHE A 248 -6.30 -50.71 2.28
N GLY A 249 -5.87 -49.50 2.65
CA GLY A 249 -5.96 -48.30 1.79
C GLY A 249 -5.10 -48.40 0.54
N VAL A 250 -3.86 -48.84 0.72
CA VAL A 250 -2.92 -49.11 -0.37
C VAL A 250 -3.50 -50.20 -1.29
N GLU A 251 -4.12 -51.23 -0.71
CA GLU A 251 -4.68 -52.34 -1.50
C GLU A 251 -5.89 -51.87 -2.32
N GLN A 252 -6.73 -51.03 -1.71
CA GLN A 252 -7.96 -50.54 -2.34
C GLN A 252 -7.68 -49.33 -3.24
N ASP A 253 -6.44 -48.81 -3.21
CA ASP A 253 -5.97 -47.77 -4.16
C ASP A 253 -6.60 -46.37 -3.92
N VAL A 254 -6.59 -45.93 -2.66
CA VAL A 254 -7.18 -44.66 -2.30
C VAL A 254 -6.27 -43.53 -2.82
N ASP A 255 -6.81 -42.30 -2.89
CA ASP A 255 -6.06 -41.17 -3.45
C ASP A 255 -5.41 -40.33 -2.36
N MET A 256 -5.98 -40.38 -1.19
CA MET A 256 -5.40 -39.69 -0.09
C MET A 256 -5.78 -40.39 1.21
N VAL A 257 -5.10 -39.99 2.28
CA VAL A 257 -5.30 -40.46 3.65
C VAL A 257 -5.41 -39.21 4.53
N PHE A 258 -6.47 -39.11 5.32
CA PHE A 258 -6.50 -38.14 6.40
C PHE A 258 -5.98 -38.84 7.66
N ALA A 259 -4.84 -38.39 8.14
CA ALA A 259 -4.21 -38.97 9.31
C ALA A 259 -4.69 -38.22 10.56
N SER A 260 -5.30 -38.93 11.52
CA SER A 260 -5.84 -38.36 12.78
C SER A 260 -4.73 -38.16 13.84
N PHE A 261 -4.91 -37.12 14.66
CA PHE A 261 -4.13 -36.85 15.91
C PHE A 261 -2.63 -36.72 15.64
N ILE A 262 -2.30 -35.82 14.73
CA ILE A 262 -0.93 -35.53 14.39
C ILE A 262 -0.38 -34.50 15.39
N ARG A 263 0.71 -34.84 16.09
CA ARG A 263 1.18 -33.98 17.18
C ARG A 263 2.57 -33.42 16.86
N LYS A 264 3.24 -33.97 15.85
CA LYS A 264 4.66 -33.64 15.52
C LYS A 264 5.01 -34.23 14.15
N ALA A 265 6.03 -33.67 13.49
CA ALA A 265 6.51 -34.14 12.19
C ALA A 265 6.79 -35.65 12.16
N SER A 266 7.32 -36.23 13.25
CA SER A 266 7.71 -37.65 13.26
C SER A 266 6.49 -38.58 13.17
N ASP A 267 5.29 -38.07 13.47
CA ASP A 267 4.02 -38.82 13.26
C ASP A 267 3.69 -38.99 11.75
N VAL A 268 4.00 -37.95 10.98
CA VAL A 268 3.74 -37.94 9.57
C VAL A 268 4.75 -38.88 8.91
N HIS A 269 5.98 -38.94 9.47
CA HIS A 269 7.01 -39.85 8.94
C HIS A 269 6.64 -41.32 9.19
N GLU A 270 5.98 -41.58 10.31
CA GLU A 270 5.51 -42.93 10.67
C GLU A 270 4.44 -43.42 9.67
N VAL A 271 3.49 -42.55 9.32
CA VAL A 271 2.40 -42.85 8.37
C VAL A 271 3.02 -43.14 7.00
N ARG A 272 3.97 -42.29 6.60
CA ARG A 272 4.63 -42.37 5.28
C ARG A 272 5.37 -43.71 5.14
N LYS A 273 6.01 -44.18 6.23
CA LYS A 273 6.74 -45.46 6.25
C LYS A 273 5.78 -46.65 6.08
N VAL A 274 4.62 -46.60 6.77
CA VAL A 274 3.66 -47.70 6.75
C VAL A 274 3.07 -47.87 5.33
N LEU A 275 2.82 -46.75 4.64
CA LEU A 275 2.25 -46.77 3.29
C LEU A 275 3.27 -47.46 2.36
N GLY A 276 4.55 -47.23 2.60
CA GLY A 276 5.62 -47.97 1.92
C GLY A 276 6.03 -47.33 0.61
N GLU A 277 6.34 -48.17 -0.37
CA GLU A 277 6.67 -47.73 -1.72
C GLU A 277 5.47 -48.00 -2.64
N LYS A 278 4.63 -48.96 -2.26
CA LYS A 278 3.38 -49.24 -2.99
C LYS A 278 2.40 -48.05 -2.86
N GLY A 279 2.48 -47.28 -1.77
CA GLY A 279 1.57 -46.16 -1.58
C GLY A 279 2.29 -44.81 -1.55
N LYS A 280 3.42 -44.70 -2.25
CA LYS A 280 4.29 -43.53 -2.17
C LYS A 280 3.63 -42.29 -2.81
N ASN A 281 2.66 -42.52 -3.69
CA ASN A 281 1.96 -41.45 -4.42
C ASN A 281 0.60 -41.15 -3.77
N ILE A 282 0.41 -41.55 -2.51
CA ILE A 282 -0.82 -41.26 -1.77
C ILE A 282 -0.55 -39.98 -0.97
N LYS A 283 -1.51 -39.06 -0.96
CA LYS A 283 -1.28 -37.76 -0.30
C LYS A 283 -1.66 -37.88 1.19
N ILE A 284 -0.79 -37.38 2.07
CA ILE A 284 -1.08 -37.42 3.51
C ILE A 284 -1.50 -36.02 3.98
N ILE A 285 -2.75 -35.93 4.41
CA ILE A 285 -3.32 -34.72 4.97
C ILE A 285 -3.36 -34.90 6.50
N SER A 286 -2.61 -34.09 7.23
CA SER A 286 -2.54 -34.16 8.70
C SER A 286 -3.72 -33.42 9.34
N LYS A 287 -4.56 -34.14 10.10
CA LYS A 287 -5.59 -33.51 10.92
C LYS A 287 -4.95 -32.90 12.17
N ILE A 288 -5.09 -31.59 12.30
CA ILE A 288 -4.75 -30.89 13.52
C ILE A 288 -5.96 -30.99 14.44
N GLU A 289 -5.75 -31.36 15.70
CA GLU A 289 -6.84 -31.78 16.59
C GLU A 289 -6.52 -31.45 18.05
N ASN A 290 -5.34 -30.90 18.37
CA ASN A 290 -5.00 -30.57 19.79
C ASN A 290 -4.03 -29.39 19.85
N HIS A 291 -3.75 -28.94 21.09
CA HIS A 291 -2.90 -27.76 21.36
C HIS A 291 -1.44 -27.98 20.93
N GLU A 292 -0.94 -29.23 20.91
CA GLU A 292 0.49 -29.49 20.59
C GLU A 292 0.67 -29.55 19.05
N GLY A 293 -0.30 -30.19 18.40
CA GLY A 293 -0.48 -30.09 16.96
C GLY A 293 -0.52 -28.64 16.47
N VAL A 294 -1.20 -27.75 17.20
CA VAL A 294 -1.23 -26.31 16.82
C VAL A 294 0.15 -25.69 17.07
N ARG A 295 0.72 -25.94 18.25
CA ARG A 295 1.98 -25.28 18.71
C ARG A 295 3.15 -25.64 17.77
N ARG A 296 3.12 -26.83 17.20
CA ARG A 296 4.20 -27.30 16.33
C ARG A 296 3.73 -27.36 14.87
N PHE A 297 2.87 -26.41 14.46
CA PHE A 297 2.21 -26.47 13.14
C PHE A 297 3.24 -26.48 11.99
N ASP A 298 4.21 -25.56 12.06
CA ASP A 298 5.21 -25.35 11.00
C ASP A 298 6.00 -26.57 10.56
N GLU A 299 6.33 -27.47 11.50
CA GLU A 299 7.14 -28.63 11.18
C GLU A 299 6.25 -29.72 10.56
N ILE A 300 4.97 -29.74 10.94
CA ILE A 300 3.97 -30.68 10.42
C ILE A 300 3.64 -30.34 8.96
N LEU A 301 3.54 -29.05 8.66
CA LEU A 301 3.21 -28.55 7.34
C LEU A 301 4.37 -28.84 6.39
N GLU A 302 5.59 -28.81 6.91
CA GLU A 302 6.77 -29.09 6.12
C GLU A 302 6.83 -30.59 5.80
N ALA A 303 6.19 -31.40 6.65
CA ALA A 303 6.28 -32.86 6.54
C ALA A 303 5.09 -33.43 5.74
N SER A 304 4.07 -32.61 5.48
CA SER A 304 2.74 -33.10 5.01
C SER A 304 2.50 -32.83 3.51
N ASP A 305 1.39 -33.32 3.00
CA ASP A 305 1.00 -32.94 1.65
C ASP A 305 -0.07 -31.88 1.67
N GLY A 306 -0.72 -31.74 2.84
CA GLY A 306 -1.68 -30.68 3.14
C GLY A 306 -2.23 -30.85 4.56
N ILE A 307 -3.20 -30.00 4.93
CA ILE A 307 -3.62 -29.83 6.33
C ILE A 307 -5.14 -29.89 6.42
N MET A 308 -5.69 -30.43 7.52
CA MET A 308 -7.14 -30.38 7.78
C MET A 308 -7.34 -29.75 9.15
N VAL A 309 -8.00 -28.60 9.13
CA VAL A 309 -8.49 -27.96 10.32
C VAL A 309 -9.75 -28.74 10.72
N ALA A 310 -9.57 -29.61 11.70
CA ALA A 310 -10.65 -30.47 12.19
C ALA A 310 -11.29 -29.79 13.41
N ARG A 311 -12.33 -28.98 13.19
CA ARG A 311 -12.76 -28.00 14.22
C ARG A 311 -13.46 -28.67 15.41
N GLY A 312 -14.13 -29.80 15.19
CA GLY A 312 -14.84 -30.52 16.26
C GLY A 312 -13.94 -30.83 17.45
N ASP A 313 -12.88 -31.59 17.18
CA ASP A 313 -11.95 -32.05 18.20
C ASP A 313 -11.07 -30.91 18.69
N LEU A 314 -10.71 -30.02 17.77
CA LEU A 314 -9.93 -28.84 18.10
C LEU A 314 -10.70 -27.96 19.09
N GLY A 315 -12.04 -28.01 19.01
CA GLY A 315 -12.93 -27.21 19.86
C GLY A 315 -13.17 -27.82 21.25
N ILE A 316 -12.85 -29.11 21.37
CA ILE A 316 -12.98 -29.86 22.63
C ILE A 316 -11.70 -29.66 23.46
N GLU A 317 -10.56 -29.56 22.78
CA GLU A 317 -9.25 -29.61 23.42
C GLU A 317 -8.67 -28.20 23.62
N ILE A 318 -9.24 -27.18 22.97
CA ILE A 318 -8.92 -25.77 23.25
C ILE A 318 -10.24 -25.03 23.52
N PRO A 319 -10.21 -23.84 24.19
CA PRO A 319 -11.44 -23.03 24.44
C PRO A 319 -12.17 -22.69 23.12
N ALA A 320 -13.47 -22.99 23.03
CA ALA A 320 -14.23 -22.92 21.76
C ALA A 320 -14.13 -21.53 21.12
N GLU A 321 -13.96 -20.49 21.95
CA GLU A 321 -13.83 -19.09 21.52
C GLU A 321 -12.51 -18.83 20.78
N LYS A 322 -11.57 -19.77 20.79
CA LYS A 322 -10.22 -19.58 20.22
C LYS A 322 -10.10 -20.31 18.87
N VAL A 323 -11.04 -21.20 18.58
CA VAL A 323 -10.99 -22.08 17.41
C VAL A 323 -10.91 -21.23 16.13
N PHE A 324 -11.68 -20.16 16.08
CA PHE A 324 -11.72 -19.29 14.92
C PHE A 324 -10.31 -18.72 14.65
N LEU A 325 -9.54 -18.45 15.71
CA LEU A 325 -8.16 -17.93 15.59
C LEU A 325 -7.23 -18.99 15.01
N ALA A 326 -7.27 -20.19 15.58
CA ALA A 326 -6.45 -21.32 15.10
C ALA A 326 -6.76 -21.58 13.63
N GLN A 327 -8.04 -21.62 13.27
CA GLN A 327 -8.46 -21.82 11.88
C GLN A 327 -7.78 -20.81 10.94
N LYS A 328 -7.79 -19.52 11.29
CA LYS A 328 -7.28 -18.46 10.39
C LYS A 328 -5.75 -18.51 10.29
N MET A 329 -5.09 -18.76 11.41
CA MET A 329 -3.64 -18.90 11.46
C MET A 329 -3.22 -19.99 10.46
N MET A 330 -3.88 -21.14 10.55
CA MET A 330 -3.53 -22.29 9.74
C MET A 330 -3.84 -22.05 8.25
N ILE A 331 -4.92 -21.34 7.92
CA ILE A 331 -5.20 -21.14 6.49
C ILE A 331 -4.20 -20.12 5.93
N GLY A 332 -3.91 -19.08 6.71
CA GLY A 332 -2.85 -18.13 6.38
C GLY A 332 -1.57 -18.85 5.98
N ARG A 333 -1.07 -19.68 6.89
CA ARG A 333 0.22 -20.37 6.74
C ARG A 333 0.20 -21.39 5.60
N CYS A 334 -0.89 -22.14 5.41
CA CYS A 334 -0.96 -23.08 4.27
C CYS A 334 -1.00 -22.35 2.91
N ASN A 335 -1.62 -21.17 2.87
CA ASN A 335 -1.73 -20.35 1.68
C ASN A 335 -0.33 -19.87 1.24
N ARG A 336 0.48 -19.52 2.23
CA ARG A 336 1.80 -18.96 2.04
C ARG A 336 2.78 -20.05 1.58
N ALA A 337 2.57 -21.29 2.06
CA ALA A 337 3.43 -22.42 1.66
C ALA A 337 2.97 -22.97 0.31
N GLY A 338 1.75 -22.66 -0.12
CA GLY A 338 1.18 -23.28 -1.34
C GLY A 338 0.69 -24.71 -1.08
N LYS A 339 0.27 -25.00 0.16
CA LYS A 339 -0.22 -26.33 0.54
C LYS A 339 -1.73 -26.24 0.72
N PRO A 340 -2.48 -27.26 0.27
CA PRO A 340 -3.93 -27.32 0.42
C PRO A 340 -4.37 -27.45 1.89
N VAL A 341 -5.32 -26.61 2.27
CA VAL A 341 -5.96 -26.67 3.56
C VAL A 341 -7.46 -26.93 3.37
N ILE A 342 -7.97 -27.87 4.17
CA ILE A 342 -9.37 -28.27 4.20
C ILE A 342 -10.01 -27.76 5.49
N CYS A 343 -11.15 -27.12 5.36
CA CYS A 343 -11.90 -26.69 6.53
C CYS A 343 -13.06 -27.68 6.73
N ALA A 344 -13.20 -28.17 7.96
CA ALA A 344 -14.07 -29.33 8.25
C ALA A 344 -14.98 -29.06 9.46
N THR A 345 -16.07 -29.84 9.55
CA THR A 345 -16.85 -30.13 10.81
C THR A 345 -17.81 -28.99 11.20
N GLN A 346 -19.10 -29.36 11.33
CA GLN A 346 -20.24 -28.50 11.80
C GLN A 346 -20.37 -27.25 10.92
N MET A 347 -20.27 -27.46 9.62
CA MET A 347 -20.35 -26.37 8.67
C MET A 347 -21.83 -26.10 8.34
N LEU A 348 -22.61 -27.16 8.09
CA LEU A 348 -24.05 -27.06 7.79
C LEU A 348 -24.87 -27.93 8.74
N GLU A 349 -24.58 -27.82 10.05
CA GLU A 349 -25.05 -28.76 11.10
C GLU A 349 -26.59 -28.82 11.17
N SER A 350 -27.27 -27.68 10.98
CA SER A 350 -28.75 -27.64 11.09
C SER A 350 -29.44 -28.36 9.93
N MET A 351 -28.68 -28.66 8.87
CA MET A 351 -29.19 -29.31 7.64
C MET A 351 -29.19 -30.85 7.76
N ILE A 352 -28.93 -31.35 8.97
CA ILE A 352 -29.10 -32.78 9.28
C ILE A 352 -30.60 -33.08 9.40
N LYS A 353 -31.38 -32.08 9.86
CA LYS A 353 -32.79 -32.24 10.21
C LYS A 353 -33.69 -31.36 9.33
N LYS A 354 -33.20 -30.19 8.91
CA LYS A 354 -33.98 -29.19 8.15
C LYS A 354 -33.34 -28.95 6.78
N PRO A 355 -34.15 -28.80 5.70
CA PRO A 355 -33.61 -28.61 4.32
C PRO A 355 -32.92 -27.25 4.06
N ARG A 356 -32.85 -26.39 5.08
CA ARG A 356 -32.32 -25.02 4.98
C ARG A 356 -31.33 -24.78 6.13
N PRO A 357 -30.18 -24.13 5.84
CA PRO A 357 -29.23 -23.78 6.93
C PRO A 357 -29.68 -22.55 7.74
N THR A 358 -29.11 -22.39 8.93
CA THR A 358 -29.23 -21.16 9.70
C THR A 358 -28.36 -20.08 9.04
N ARG A 359 -28.57 -18.82 9.44
CA ARG A 359 -27.82 -17.66 8.90
C ARG A 359 -26.32 -17.79 9.23
N ALA A 360 -26.02 -18.36 10.41
CA ALA A 360 -24.65 -18.60 10.89
C ALA A 360 -23.90 -19.58 9.99
N GLU A 361 -24.61 -20.59 9.47
CA GLU A 361 -24.01 -21.67 8.69
C GLU A 361 -23.67 -21.16 7.28
N GLY A 362 -24.58 -20.37 6.71
CA GLY A 362 -24.34 -19.67 5.45
C GLY A 362 -23.11 -18.78 5.52
N SER A 363 -22.95 -18.08 6.65
CA SER A 363 -21.83 -17.17 6.88
C SER A 363 -20.52 -17.95 7.10
N ASP A 364 -20.59 -19.04 7.84
CA ASP A 364 -19.42 -19.88 8.15
C ASP A 364 -18.68 -20.49 6.93
N VAL A 365 -19.44 -21.17 6.06
CA VAL A 365 -18.97 -21.69 4.75
C VAL A 365 -18.38 -20.55 3.91
N ALA A 366 -19.10 -19.44 3.81
CA ALA A 366 -18.62 -18.27 3.04
C ALA A 366 -17.33 -17.68 3.63
N ASN A 367 -17.17 -17.77 4.95
CA ASN A 367 -16.03 -17.11 5.61
C ASN A 367 -14.77 -17.98 5.47
N ALA A 368 -14.93 -19.31 5.51
CA ALA A 368 -13.85 -20.26 5.20
C ALA A 368 -13.37 -20.04 3.74
N VAL A 369 -14.34 -19.96 2.80
CA VAL A 369 -14.02 -19.64 1.42
C VAL A 369 -13.25 -18.31 1.37
N LEU A 370 -13.72 -17.25 2.02
CA LEU A 370 -13.04 -15.93 1.94
C LEU A 370 -11.65 -15.95 2.58
N ASP A 371 -11.47 -16.69 3.68
CA ASP A 371 -10.15 -16.89 4.32
C ASP A 371 -9.10 -17.58 3.39
N GLY A 372 -9.55 -18.50 2.55
CA GLY A 372 -8.68 -19.14 1.61
C GLY A 372 -8.59 -20.63 1.81
N ALA A 373 -9.63 -21.27 2.35
CA ALA A 373 -9.73 -22.72 2.38
C ALA A 373 -9.78 -23.25 0.94
N ASP A 374 -9.05 -24.34 0.67
CA ASP A 374 -9.08 -25.05 -0.61
C ASP A 374 -10.32 -25.93 -0.83
N CYS A 375 -10.74 -26.64 0.21
CA CYS A 375 -11.96 -27.48 0.15
C CYS A 375 -12.76 -27.25 1.44
N ILE A 376 -14.02 -27.64 1.39
CA ILE A 376 -14.87 -27.63 2.57
C ILE A 376 -15.41 -29.04 2.74
N MET A 377 -15.75 -29.39 3.99
CA MET A 377 -16.20 -30.73 4.31
C MET A 377 -17.59 -30.75 4.96
N LEU A 378 -18.35 -31.76 4.54
CA LEU A 378 -19.65 -32.12 5.12
C LEU A 378 -19.49 -33.46 5.84
N SER A 379 -19.61 -33.44 7.17
CA SER A 379 -19.51 -34.64 7.99
C SER A 379 -20.86 -35.36 8.09
N GLY A 380 -21.61 -35.09 9.16
CA GLY A 380 -22.88 -35.78 9.48
C GLY A 380 -23.98 -35.53 8.46
N GLU A 381 -23.95 -34.36 7.81
CA GLU A 381 -25.00 -33.87 6.88
C GLU A 381 -25.18 -34.84 5.69
N THR A 382 -24.06 -35.42 5.22
CA THR A 382 -24.05 -36.31 4.06
C THR A 382 -24.11 -37.79 4.50
N ALA A 383 -23.66 -38.05 5.73
CA ALA A 383 -23.51 -39.39 6.28
C ALA A 383 -24.84 -39.93 6.83
N LYS A 384 -25.50 -39.15 7.69
CA LYS A 384 -26.59 -39.69 8.53
C LYS A 384 -27.89 -38.90 8.36
N GLY A 385 -27.81 -37.66 7.88
CA GLY A 385 -28.96 -36.74 7.84
C GLY A 385 -29.99 -37.10 6.76
N ASP A 386 -31.02 -36.27 6.67
CA ASP A 386 -32.19 -36.53 5.80
C ASP A 386 -32.08 -35.89 4.41
N TYR A 387 -31.16 -34.94 4.29
CA TYR A 387 -31.04 -34.10 3.10
C TYR A 387 -29.57 -34.08 2.63
N PRO A 388 -29.03 -35.24 2.17
CA PRO A 388 -27.65 -35.24 1.64
C PRO A 388 -27.49 -34.33 0.40
N LEU A 389 -28.37 -34.47 -0.60
CA LEU A 389 -28.27 -33.71 -1.85
C LEU A 389 -28.46 -32.22 -1.61
N GLU A 390 -29.41 -31.85 -0.73
CA GLU A 390 -29.68 -30.42 -0.44
C GLU A 390 -28.42 -29.79 0.17
N ALA A 391 -27.77 -30.51 1.10
CA ALA A 391 -26.54 -30.04 1.73
C ALA A 391 -25.43 -29.83 0.68
N VAL A 392 -25.26 -30.77 -0.25
CA VAL A 392 -24.24 -30.61 -1.31
C VAL A 392 -24.61 -29.44 -2.21
N ARG A 393 -25.90 -29.29 -2.51
CA ARG A 393 -26.34 -28.22 -3.40
C ARG A 393 -26.19 -26.85 -2.72
N MET A 394 -26.37 -26.80 -1.40
CA MET A 394 -26.20 -25.56 -0.63
C MET A 394 -24.71 -25.17 -0.56
N GLN A 395 -23.84 -26.18 -0.45
CA GLN A 395 -22.38 -25.96 -0.39
C GLN A 395 -21.87 -25.45 -1.74
N HIS A 396 -22.44 -25.96 -2.83
CA HIS A 396 -22.14 -25.45 -4.17
C HIS A 396 -22.53 -23.97 -4.26
N LEU A 397 -23.76 -23.59 -3.88
CA LEU A 397 -24.27 -22.22 -4.14
C LEU A 397 -23.48 -21.15 -3.38
N ILE A 398 -23.33 -21.34 -2.05
CA ILE A 398 -22.59 -20.45 -1.16
C ILE A 398 -21.18 -20.20 -1.74
N ALA A 399 -20.49 -21.29 -2.12
CA ALA A 399 -19.09 -21.22 -2.56
C ALA A 399 -18.95 -20.35 -3.83
N ARG A 400 -19.81 -20.50 -4.85
CA ARG A 400 -19.69 -19.59 -6.04
C ARG A 400 -19.84 -18.14 -5.60
N GLU A 401 -20.88 -17.87 -4.79
CA GLU A 401 -21.16 -16.52 -4.34
C GLU A 401 -19.96 -15.94 -3.58
N ALA A 402 -19.36 -16.68 -2.65
CA ALA A 402 -18.27 -16.11 -1.82
C ALA A 402 -16.99 -15.92 -2.65
N GLU A 403 -16.80 -16.73 -3.70
CA GLU A 403 -15.63 -16.58 -4.60
C GLU A 403 -15.73 -15.30 -5.43
N ALA A 404 -16.91 -14.67 -5.46
CA ALA A 404 -17.11 -13.40 -6.18
C ALA A 404 -16.94 -12.19 -5.25
N ALA A 405 -16.60 -12.43 -3.99
CA ALA A 405 -16.42 -11.35 -3.00
C ALA A 405 -14.94 -11.25 -2.58
N ILE A 406 -14.07 -12.11 -3.14
CA ILE A 406 -12.63 -12.09 -2.83
C ILE A 406 -12.02 -10.78 -3.35
N TYR A 407 -11.08 -10.22 -2.61
CA TYR A 407 -10.41 -8.99 -3.03
C TYR A 407 -9.06 -9.33 -3.65
N HIS A 408 -9.15 -9.81 -4.90
CA HIS A 408 -8.09 -10.52 -5.65
C HIS A 408 -6.84 -9.65 -5.86
N LEU A 409 -7.03 -8.34 -6.08
CA LEU A 409 -5.91 -7.46 -6.33
C LEU A 409 -4.96 -7.44 -5.13
N GLN A 410 -5.50 -7.27 -3.91
CA GLN A 410 -4.68 -7.31 -2.68
C GLN A 410 -4.07 -8.72 -2.49
N LEU A 411 -4.82 -9.77 -2.83
CA LEU A 411 -4.39 -11.15 -2.62
C LEU A 411 -3.19 -11.49 -3.53
N PHE A 412 -3.37 -11.28 -4.83
CA PHE A 412 -2.34 -11.59 -5.83
C PHE A 412 -1.07 -10.79 -5.55
N GLU A 413 -1.22 -9.52 -5.15
CA GLU A 413 -0.11 -8.63 -4.77
C GLU A 413 0.68 -9.24 -3.60
N GLU A 414 -0.02 -9.59 -2.53
CA GLU A 414 0.59 -10.01 -1.26
C GLU A 414 1.31 -11.35 -1.43
N LEU A 415 0.87 -12.15 -2.39
CA LEU A 415 1.43 -13.49 -2.60
C LEU A 415 2.76 -13.37 -3.37
N ARG A 416 2.85 -12.31 -4.18
CA ARG A 416 3.97 -12.05 -5.06
C ARG A 416 5.14 -11.47 -4.26
N ARG A 417 4.85 -10.52 -3.36
CA ARG A 417 5.87 -9.86 -2.53
C ARG A 417 6.47 -10.88 -1.54
N LEU A 418 5.89 -12.08 -1.50
CA LEU A 418 6.33 -13.16 -0.60
C LEU A 418 6.94 -14.30 -1.41
N ALA A 419 6.81 -14.24 -2.74
CA ALA A 419 7.30 -15.28 -3.65
C ALA A 419 8.82 -15.09 -3.87
N PRO A 420 9.62 -16.11 -3.50
CA PRO A 420 11.09 -16.08 -3.67
C PRO A 420 11.47 -16.03 -5.16
N ILE A 421 12.39 -15.14 -5.54
CA ILE A 421 12.91 -15.17 -6.91
C ILE A 421 13.87 -16.37 -7.05
N THR A 422 13.69 -17.10 -8.15
CA THR A 422 14.43 -18.34 -8.48
C THR A 422 14.63 -18.40 -10.01
N SER A 423 15.52 -19.26 -10.49
CA SER A 423 15.71 -19.45 -11.93
C SER A 423 14.84 -20.59 -12.48
N ASP A 424 13.92 -21.11 -11.65
CA ASP A 424 12.91 -22.13 -12.07
C ASP A 424 11.95 -21.63 -13.16
N PRO A 425 12.08 -22.16 -14.38
CA PRO A 425 11.18 -21.69 -15.43
C PRO A 425 9.70 -21.84 -15.08
N THR A 426 9.36 -22.91 -14.36
CA THR A 426 7.96 -23.31 -14.22
C THR A 426 7.21 -22.28 -13.36
N GLU A 427 7.89 -21.84 -12.30
CA GLU A 427 7.36 -20.88 -11.35
C GLU A 427 7.23 -19.49 -12.01
N ALA A 428 8.06 -19.20 -13.02
CA ALA A 428 8.01 -17.96 -13.80
C ALA A 428 6.85 -18.02 -14.82
N THR A 429 6.74 -19.12 -15.58
CA THR A 429 5.63 -19.30 -16.52
C THR A 429 4.28 -19.14 -15.80
N ALA A 430 4.20 -19.62 -14.55
CA ALA A 430 2.94 -19.68 -13.75
C ALA A 430 2.54 -18.30 -13.25
N VAL A 431 3.50 -17.54 -12.75
CA VAL A 431 3.16 -16.21 -12.25
C VAL A 431 2.85 -15.29 -13.45
N GLY A 432 3.63 -15.37 -14.54
CA GLY A 432 3.24 -14.80 -15.83
C GLY A 432 1.80 -15.09 -16.24
N ALA A 433 1.40 -16.36 -16.25
CA ALA A 433 0.03 -16.78 -16.63
C ALA A 433 -1.06 -16.15 -15.72
N VAL A 434 -0.80 -16.00 -14.42
CA VAL A 434 -1.83 -15.48 -13.54
C VAL A 434 -2.00 -13.96 -13.76
N GLU A 435 -0.87 -13.27 -13.95
CA GLU A 435 -0.88 -11.86 -14.27
C GLU A 435 -1.58 -11.65 -15.61
N ALA A 436 -1.21 -12.37 -16.65
CA ALA A 436 -1.90 -12.21 -17.92
C ALA A 436 -3.42 -12.35 -17.74
N SER A 437 -3.88 -13.25 -16.85
CA SER A 437 -5.30 -13.69 -16.87
C SER A 437 -6.17 -12.61 -16.24
N PHE A 438 -5.57 -11.83 -15.35
CA PHE A 438 -6.22 -10.73 -14.72
C PHE A 438 -6.45 -9.62 -15.75
N LYS A 439 -5.40 -9.32 -16.49
CA LYS A 439 -5.32 -8.22 -17.43
C LYS A 439 -6.27 -8.44 -18.62
N CYS A 440 -6.53 -9.66 -19.02
CA CYS A 440 -7.46 -9.86 -20.15
C CYS A 440 -8.78 -10.48 -19.67
N CYS A 441 -8.97 -10.57 -18.33
CA CYS A 441 -10.14 -11.24 -17.73
C CYS A 441 -10.42 -12.58 -18.46
N SER A 442 -9.45 -13.50 -18.47
CA SER A 442 -9.63 -14.72 -19.25
C SER A 442 -10.67 -15.62 -18.59
N GLY A 443 -11.33 -16.41 -19.40
CA GLY A 443 -12.32 -17.34 -18.91
C GLY A 443 -11.69 -18.55 -18.22
N ALA A 444 -10.47 -18.95 -18.62
CA ALA A 444 -9.78 -20.14 -18.08
C ALA A 444 -8.26 -20.09 -18.31
N ILE A 445 -7.54 -20.71 -17.38
CA ILE A 445 -6.15 -21.14 -17.59
C ILE A 445 -6.14 -22.65 -17.91
N ILE A 446 -5.73 -23.01 -19.08
CA ILE A 446 -5.60 -24.44 -19.41
C ILE A 446 -4.16 -24.86 -19.08
N VAL A 447 -3.94 -25.94 -18.33
CA VAL A 447 -2.55 -26.35 -18.02
C VAL A 447 -2.41 -27.84 -18.30
N LEU A 448 -1.46 -28.27 -19.14
CA LEU A 448 -1.24 -29.74 -19.40
C LEU A 448 -0.30 -30.26 -18.33
N THR A 449 -0.65 -31.36 -17.66
CA THR A 449 0.10 -31.71 -16.44
C THR A 449 0.20 -33.24 -16.30
N LYS A 450 1.38 -33.78 -15.99
CA LYS A 450 1.49 -35.24 -15.68
C LYS A 450 1.39 -35.47 -14.16
N SER A 451 2.29 -34.89 -13.35
CA SER A 451 2.23 -35.11 -11.89
C SER A 451 1.24 -34.15 -11.21
N GLY A 452 0.67 -33.22 -11.98
CA GLY A 452 -0.18 -32.19 -11.46
C GLY A 452 0.64 -31.01 -10.98
N ARG A 453 1.97 -31.11 -11.02
CA ARG A 453 2.79 -30.11 -10.35
C ARG A 453 2.57 -28.69 -10.96
N SER A 454 2.47 -28.60 -12.30
CA SER A 454 2.32 -27.33 -13.01
C SER A 454 0.99 -26.64 -12.66
N ALA A 455 -0.08 -27.42 -12.62
CA ALA A 455 -1.35 -26.93 -12.11
C ALA A 455 -1.23 -26.50 -10.64
N HIS A 456 -0.48 -27.21 -9.78
CA HIS A 456 -0.42 -26.78 -8.33
C HIS A 456 0.15 -25.36 -8.21
N GLN A 457 1.11 -25.02 -9.07
CA GLN A 457 1.85 -23.74 -9.02
C GLN A 457 0.99 -22.56 -9.45
N VAL A 458 0.15 -22.74 -10.46
CA VAL A 458 -0.80 -21.73 -10.87
C VAL A 458 -1.80 -21.52 -9.71
N ALA A 459 -2.32 -22.60 -9.15
CA ALA A 459 -3.28 -22.56 -8.04
C ALA A 459 -2.71 -21.74 -6.88
N ARG A 460 -1.43 -21.89 -6.62
CA ARG A 460 -0.76 -21.14 -5.56
C ARG A 460 -1.06 -19.62 -5.64
N TYR A 461 -1.21 -19.04 -6.85
CA TYR A 461 -1.31 -17.58 -7.03
C TYR A 461 -2.77 -17.09 -6.99
N ARG A 462 -3.70 -18.05 -6.85
CA ARG A 462 -5.13 -17.78 -6.61
C ARG A 462 -5.74 -16.94 -7.73
N PRO A 463 -5.61 -17.38 -9.02
CA PRO A 463 -6.28 -16.74 -10.18
C PRO A 463 -7.80 -16.62 -9.96
N ARG A 464 -8.47 -15.80 -10.74
CA ARG A 464 -9.93 -15.73 -10.67
C ARG A 464 -10.52 -16.71 -11.70
N ALA A 465 -9.79 -16.98 -12.76
CA ALA A 465 -10.29 -17.94 -13.76
C ALA A 465 -10.17 -19.37 -13.20
N PRO A 466 -11.06 -20.29 -13.60
CA PRO A 466 -10.84 -21.74 -13.31
C PRO A 466 -9.58 -22.27 -14.01
N ILE A 467 -8.89 -23.25 -13.41
CA ILE A 467 -7.64 -23.84 -13.94
C ILE A 467 -7.99 -25.22 -14.50
N ILE A 468 -8.19 -25.36 -15.80
CA ILE A 468 -8.50 -26.66 -16.38
C ILE A 468 -7.20 -27.46 -16.58
N ALA A 469 -6.94 -28.48 -15.75
CA ALA A 469 -5.71 -29.32 -15.83
C ALA A 469 -5.99 -30.55 -16.67
N VAL A 470 -5.26 -30.75 -17.75
CA VAL A 470 -5.51 -31.89 -18.62
C VAL A 470 -4.41 -32.90 -18.37
N THR A 471 -4.80 -34.14 -18.15
CA THR A 471 -3.86 -35.16 -17.74
C THR A 471 -4.42 -36.47 -18.24
N ARG A 472 -3.50 -37.38 -18.55
CA ARG A 472 -3.80 -38.76 -18.93
C ARG A 472 -3.71 -39.67 -17.71
N ASN A 473 -3.16 -39.18 -16.60
CA ASN A 473 -2.94 -39.96 -15.38
C ASN A 473 -4.17 -39.86 -14.46
N PRO A 474 -4.93 -40.97 -14.32
CA PRO A 474 -6.16 -40.98 -13.50
C PRO A 474 -5.92 -40.63 -12.02
N GLN A 475 -4.80 -41.04 -11.44
CA GLN A 475 -4.54 -40.68 -10.04
C GLN A 475 -4.30 -39.17 -9.87
N THR A 476 -3.64 -38.54 -10.85
CA THR A 476 -3.35 -37.10 -10.81
C THR A 476 -4.67 -36.32 -10.86
N ALA A 477 -5.56 -36.77 -11.74
CA ALA A 477 -6.85 -36.10 -11.91
C ALA A 477 -7.66 -36.17 -10.61
N ARG A 478 -7.59 -37.26 -9.84
CA ARG A 478 -8.39 -37.34 -8.57
C ARG A 478 -7.74 -36.50 -7.47
N GLN A 479 -6.41 -36.46 -7.41
CA GLN A 479 -5.73 -35.70 -6.33
C GLN A 479 -5.88 -34.18 -6.52
N ALA A 480 -6.24 -33.73 -7.72
CA ALA A 480 -6.24 -32.32 -8.10
C ALA A 480 -7.36 -31.57 -7.37
N HIS A 481 -8.39 -32.32 -6.97
CA HIS A 481 -9.53 -31.76 -6.24
C HIS A 481 -9.09 -31.09 -4.93
N LEU A 482 -7.90 -31.38 -4.42
CA LEU A 482 -7.50 -30.77 -3.13
C LEU A 482 -7.09 -29.30 -3.29
N TYR A 483 -6.77 -28.83 -4.49
CA TYR A 483 -6.17 -27.51 -4.68
C TYR A 483 -7.24 -26.54 -5.18
N ARG A 484 -7.25 -25.31 -4.66
CA ARG A 484 -8.34 -24.37 -4.97
C ARG A 484 -8.27 -23.97 -6.45
N GLY A 485 -9.33 -24.18 -7.19
CA GLY A 485 -9.39 -23.61 -8.52
C GLY A 485 -9.28 -24.64 -9.61
N ILE A 486 -8.57 -25.74 -9.35
CA ILE A 486 -8.28 -26.73 -10.38
C ILE A 486 -9.53 -27.56 -10.66
N PHE A 487 -10.00 -27.46 -11.88
CA PHE A 487 -11.00 -28.34 -12.45
C PHE A 487 -10.31 -29.41 -13.30
N PRO A 488 -10.07 -30.63 -12.77
CA PRO A 488 -9.27 -31.60 -13.56
C PRO A 488 -10.12 -32.22 -14.68
N VAL A 489 -9.50 -32.50 -15.81
CA VAL A 489 -10.17 -33.22 -16.87
C VAL A 489 -9.24 -34.34 -17.35
N LEU A 490 -9.77 -35.55 -17.42
CA LEU A 490 -9.00 -36.72 -17.75
C LEU A 490 -9.18 -37.05 -19.23
N CYS A 491 -8.07 -37.02 -19.96
CA CYS A 491 -8.05 -37.25 -21.40
C CYS A 491 -7.83 -38.75 -21.62
N LYS A 492 -8.67 -39.34 -22.48
CA LYS A 492 -8.67 -40.79 -22.70
C LYS A 492 -8.07 -41.14 -24.07
N ASP A 493 -8.15 -40.19 -25.02
CA ASP A 493 -7.60 -40.32 -26.38
C ASP A 493 -6.15 -40.84 -26.39
N PRO A 494 -5.80 -41.74 -27.33
CA PRO A 494 -4.45 -42.33 -27.39
C PRO A 494 -3.38 -41.30 -27.83
N VAL A 495 -2.12 -41.58 -27.50
CA VAL A 495 -1.00 -40.66 -27.75
C VAL A 495 -0.64 -40.71 -29.24
N GLN A 496 -0.97 -39.62 -29.95
CA GLN A 496 -0.61 -39.38 -31.36
C GLN A 496 0.91 -39.46 -31.53
N GLU A 497 1.37 -39.81 -32.74
CA GLU A 497 2.80 -40.01 -33.02
C GLU A 497 3.58 -38.69 -32.89
N ALA A 498 3.07 -37.62 -33.51
CA ALA A 498 3.70 -36.30 -33.46
C ALA A 498 3.38 -35.62 -32.13
N TRP A 499 4.42 -35.22 -31.41
CA TRP A 499 4.26 -34.71 -30.07
C TRP A 499 3.48 -33.39 -30.07
N ALA A 500 3.71 -32.53 -31.06
CA ALA A 500 2.95 -31.27 -31.13
C ALA A 500 1.47 -31.52 -31.45
N GLU A 501 1.17 -32.60 -32.19
CA GLU A 501 -0.23 -32.95 -32.52
C GLU A 501 -0.94 -33.43 -31.26
N ASP A 502 -0.24 -34.25 -30.49
CA ASP A 502 -0.66 -34.67 -29.16
C ASP A 502 -0.94 -33.54 -28.18
N VAL A 503 -0.12 -32.49 -28.18
CA VAL A 503 -0.36 -31.29 -27.30
C VAL A 503 -1.59 -30.52 -27.80
N ASP A 504 -1.78 -30.45 -29.12
CA ASP A 504 -2.96 -29.76 -29.69
C ASP A 504 -4.29 -30.45 -29.43
N LEU A 505 -4.31 -31.78 -29.57
CA LEU A 505 -5.43 -32.63 -29.19
C LEU A 505 -5.91 -32.30 -27.76
N ARG A 506 -4.99 -32.29 -26.77
CA ARG A 506 -5.34 -32.08 -25.34
C ARG A 506 -5.79 -30.64 -25.09
N VAL A 507 -5.24 -29.68 -25.83
CA VAL A 507 -5.69 -28.32 -25.66
C VAL A 507 -7.12 -28.19 -26.17
N ASN A 508 -7.42 -28.69 -27.38
CA ASN A 508 -8.80 -28.68 -27.92
C ASN A 508 -9.75 -29.45 -27.00
N PHE A 509 -9.32 -30.62 -26.52
CA PHE A 509 -10.15 -31.36 -25.58
C PHE A 509 -10.61 -30.44 -24.44
N ALA A 510 -9.68 -29.64 -23.89
CA ALA A 510 -9.96 -28.75 -22.75
C ALA A 510 -10.79 -27.52 -23.16
N MET A 511 -10.79 -27.17 -24.45
CA MET A 511 -11.68 -26.12 -24.99
C MET A 511 -13.11 -26.65 -25.07
N ASN A 512 -13.25 -27.94 -25.37
CA ASN A 512 -14.58 -28.54 -25.53
C ASN A 512 -15.30 -28.61 -24.19
N VAL A 513 -14.57 -29.07 -23.16
CA VAL A 513 -15.08 -29.19 -21.81
C VAL A 513 -15.50 -27.82 -21.28
N GLY A 514 -14.74 -26.78 -21.60
CA GLY A 514 -15.03 -25.46 -21.04
C GLY A 514 -16.29 -24.83 -21.63
N LYS A 515 -16.48 -24.99 -22.95
CA LYS A 515 -17.72 -24.60 -23.66
C LYS A 515 -18.91 -25.42 -23.13
N ALA A 516 -18.78 -26.75 -23.15
CA ALA A 516 -19.83 -27.67 -22.65
C ALA A 516 -20.31 -27.27 -21.24
N ARG A 517 -19.38 -26.98 -20.33
CA ARG A 517 -19.70 -26.64 -18.95
C ARG A 517 -20.03 -25.14 -18.81
N GLY A 518 -19.82 -24.36 -19.86
CA GLY A 518 -20.26 -22.96 -19.86
C GLY A 518 -19.31 -21.99 -19.17
N PHE A 519 -18.00 -22.29 -19.11
CA PHE A 519 -16.99 -21.39 -18.48
C PHE A 519 -16.60 -20.26 -19.44
N PHE A 520 -16.82 -20.48 -20.72
CA PHE A 520 -16.44 -19.52 -21.78
C PHE A 520 -17.22 -19.87 -23.06
N LYS A 521 -17.27 -18.94 -24.02
CA LYS A 521 -17.96 -19.19 -25.30
C LYS A 521 -17.05 -18.72 -26.44
N LYS A 522 -17.23 -19.29 -27.64
CA LYS A 522 -16.37 -19.02 -28.82
C LYS A 522 -16.19 -17.50 -28.99
N GLY A 523 -14.94 -17.06 -29.08
CA GLY A 523 -14.64 -15.62 -29.14
C GLY A 523 -13.96 -15.10 -27.88
N ASP A 524 -14.14 -15.82 -26.77
CA ASP A 524 -13.47 -15.49 -25.51
C ASP A 524 -11.95 -15.74 -25.54
N VAL A 525 -11.24 -15.18 -24.57
CA VAL A 525 -9.78 -15.32 -24.53
C VAL A 525 -9.38 -16.31 -23.42
N VAL A 526 -8.56 -17.34 -23.76
CA VAL A 526 -8.00 -18.25 -22.73
C VAL A 526 -6.47 -18.24 -22.73
N ILE A 527 -5.87 -18.53 -21.55
CA ILE A 527 -4.42 -18.70 -21.32
C ILE A 527 -4.12 -20.21 -21.30
N VAL A 528 -3.32 -20.70 -22.25
CA VAL A 528 -2.86 -22.11 -22.37
C VAL A 528 -1.42 -22.18 -21.91
N LEU A 529 -1.07 -23.21 -21.15
CA LEU A 529 0.24 -23.36 -20.53
C LEU A 529 0.82 -24.72 -20.91
N THR A 530 2.01 -24.77 -21.50
CA THR A 530 2.58 -26.04 -21.95
C THR A 530 4.10 -25.99 -21.79
N GLY A 531 4.76 -27.11 -22.09
CA GLY A 531 6.23 -27.24 -21.97
C GLY A 531 6.88 -27.34 -23.32
N TRP A 532 8.21 -27.41 -23.35
CA TRP A 532 8.95 -27.37 -24.64
C TRP A 532 9.33 -28.77 -25.10
N ARG A 533 9.24 -29.77 -24.22
CA ARG A 533 9.57 -31.19 -24.54
C ARG A 533 8.68 -32.10 -23.67
N PRO A 534 8.59 -33.41 -23.98
CA PRO A 534 7.76 -34.35 -23.15
C PRO A 534 8.32 -34.63 -21.74
N GLY A 535 7.48 -35.12 -20.83
CA GLY A 535 7.95 -35.46 -19.48
C GLY A 535 7.65 -34.37 -18.46
N SER A 536 7.81 -34.65 -17.17
CA SER A 536 7.54 -33.68 -16.12
C SER A 536 8.66 -32.64 -16.02
N GLY A 537 8.28 -31.42 -15.62
CA GLY A 537 9.20 -30.43 -15.09
C GLY A 537 9.67 -29.45 -16.14
N PHE A 538 9.09 -29.50 -17.34
CA PHE A 538 9.56 -28.67 -18.44
C PHE A 538 8.56 -27.59 -18.87
N THR A 539 7.57 -27.22 -18.06
CA THR A 539 6.54 -26.25 -18.44
C THR A 539 7.17 -24.87 -18.57
N ASN A 540 7.15 -24.31 -19.79
CA ASN A 540 7.89 -23.05 -20.06
C ASN A 540 7.07 -22.04 -20.88
N THR A 541 6.22 -22.49 -21.82
CA THR A 541 5.40 -21.65 -22.75
C THR A 541 4.09 -21.17 -22.08
N MET A 542 3.61 -19.97 -22.45
CA MET A 542 2.28 -19.38 -22.06
C MET A 542 1.67 -18.65 -23.27
N ARG A 543 0.61 -19.16 -23.92
CA ARG A 543 -0.08 -18.51 -25.09
C ARG A 543 -1.45 -17.95 -24.70
N VAL A 544 -1.76 -16.71 -25.10
CA VAL A 544 -3.11 -16.10 -24.97
C VAL A 544 -3.90 -16.42 -26.25
N VAL A 545 -4.90 -17.29 -26.20
CA VAL A 545 -5.58 -17.75 -27.45
C VAL A 545 -7.07 -17.39 -27.44
N PRO A 546 -7.65 -17.12 -28.64
CA PRO A 546 -9.13 -17.04 -28.86
C PRO A 546 -9.76 -18.44 -28.80
N VAL A 547 -10.93 -18.56 -28.17
CA VAL A 547 -11.61 -19.86 -28.08
C VAL A 547 -12.09 -20.27 -29.48
N PRO A 548 -11.64 -21.45 -29.98
CA PRO A 548 -11.99 -21.96 -31.32
C PRO A 548 -13.48 -22.30 -31.43
N MET B 39 1.06 -5.52 13.56
CA MET B 39 2.46 -5.01 13.33
C MET B 39 2.99 -5.55 11.99
N ALA B 40 2.33 -6.56 11.43
CA ALA B 40 2.71 -7.16 10.14
C ALA B 40 2.39 -6.19 8.98
N ASP B 41 3.14 -6.32 7.89
CA ASP B 41 3.02 -5.41 6.73
C ASP B 41 1.97 -5.83 5.70
N THR B 42 1.71 -7.13 5.59
CA THR B 42 0.61 -7.67 4.79
C THR B 42 -0.52 -8.15 5.71
N PHE B 43 -1.69 -8.39 5.14
CA PHE B 43 -2.80 -9.05 5.83
C PHE B 43 -2.49 -10.55 5.98
N LEU B 44 -1.79 -11.10 4.99
CA LEU B 44 -1.42 -12.51 5.05
C LEU B 44 -0.44 -12.78 6.20
N GLU B 45 0.61 -11.96 6.34
CA GLU B 45 1.52 -12.07 7.49
C GLU B 45 0.75 -11.89 8.82
N HIS B 46 -0.20 -10.95 8.86
CA HIS B 46 -0.99 -10.69 10.07
C HIS B 46 -1.75 -11.94 10.54
N MET B 47 -2.46 -12.62 9.62
CA MET B 47 -3.15 -13.91 9.88
C MET B 47 -2.13 -14.91 10.45
N CYS B 48 -1.01 -15.12 9.73
CA CYS B 48 0.00 -16.16 10.03
C CYS B 48 0.58 -15.97 11.45
N ARG B 49 0.47 -14.76 11.99
CA ARG B 49 1.11 -14.43 13.26
C ARG B 49 0.13 -14.62 14.42
N LEU B 50 -1.15 -14.90 14.12
CA LEU B 50 -2.20 -15.04 15.14
C LEU B 50 -1.85 -16.24 16.04
N ASP B 51 -2.02 -16.04 17.34
CA ASP B 51 -1.60 -17.02 18.33
C ASP B 51 -2.68 -17.28 19.39
N ILE B 52 -2.96 -18.57 19.63
CA ILE B 52 -4.05 -18.98 20.53
C ILE B 52 -3.55 -19.01 21.99
N ASP B 53 -2.28 -18.68 22.20
CA ASP B 53 -1.68 -18.65 23.53
C ASP B 53 -1.54 -17.23 24.06
N SER B 54 -1.49 -16.26 23.15
CA SER B 54 -1.50 -14.83 23.49
C SER B 54 -2.87 -14.43 24.06
N PRO B 55 -2.91 -13.97 25.33
CA PRO B 55 -4.17 -13.62 26.02
C PRO B 55 -4.82 -12.34 25.46
N PRO B 56 -6.17 -12.24 25.48
CA PRO B 56 -6.86 -11.02 25.05
C PRO B 56 -6.82 -9.92 26.14
N ILE B 57 -7.24 -8.71 25.79
CA ILE B 57 -7.39 -7.60 26.73
C ILE B 57 -8.72 -7.76 27.49
N THR B 58 -8.84 -7.08 28.65
CA THR B 58 -10.00 -7.20 29.58
C THR B 58 -11.25 -6.50 29.00
N ALA B 59 -11.04 -5.46 28.20
CA ALA B 59 -12.15 -4.68 27.61
C ALA B 59 -12.77 -5.48 26.46
N ARG B 60 -14.10 -5.50 26.42
CA ARG B 60 -14.86 -5.87 25.23
C ARG B 60 -15.23 -4.59 24.49
N ASN B 61 -15.17 -4.62 23.17
CA ASN B 61 -15.44 -3.46 22.34
C ASN B 61 -16.83 -3.57 21.67
N THR B 62 -17.28 -4.78 21.35
CA THR B 62 -18.57 -5.00 20.68
C THR B 62 -19.70 -5.06 21.72
N GLY B 63 -20.74 -4.24 21.56
CA GLY B 63 -21.90 -4.27 22.51
C GLY B 63 -22.78 -5.51 22.35
N ILE B 64 -23.60 -5.81 23.36
CA ILE B 64 -24.51 -6.96 23.36
C ILE B 64 -25.96 -6.52 23.68
N ILE B 65 -26.83 -6.74 22.69
CA ILE B 65 -28.30 -6.60 22.75
C ILE B 65 -28.90 -8.01 22.95
N CYS B 66 -29.73 -8.15 23.98
CA CYS B 66 -30.46 -9.40 24.25
C CYS B 66 -31.95 -9.11 24.18
N THR B 67 -32.70 -9.99 23.53
CA THR B 67 -34.17 -9.94 23.55
C THR B 67 -34.67 -10.47 24.89
N ILE B 68 -35.55 -9.70 25.55
CA ILE B 68 -36.17 -10.18 26.79
C ILE B 68 -37.49 -10.88 26.44
N GLY B 69 -37.55 -12.17 26.77
CA GLY B 69 -38.75 -12.98 26.64
C GLY B 69 -39.14 -13.60 27.96
N PRO B 70 -39.93 -14.71 27.94
CA PRO B 70 -40.37 -15.46 29.15
C PRO B 70 -39.22 -15.95 30.03
N ALA B 71 -38.14 -16.44 29.42
CA ALA B 71 -37.04 -17.14 30.10
C ALA B 71 -35.97 -16.16 30.64
N SER B 72 -36.28 -14.85 30.70
CA SER B 72 -35.29 -13.83 31.09
C SER B 72 -35.97 -12.58 31.65
N ARG B 73 -37.30 -12.60 31.77
CA ARG B 73 -38.12 -11.45 32.22
C ARG B 73 -37.94 -11.18 33.72
N SER B 74 -37.41 -12.14 34.49
CA SER B 74 -37.37 -12.04 35.97
C SER B 74 -36.24 -11.12 36.46
N VAL B 75 -36.51 -10.36 37.53
CA VAL B 75 -35.56 -9.40 38.15
C VAL B 75 -34.28 -10.13 38.60
N GLU B 76 -34.39 -11.41 38.93
CA GLU B 76 -33.23 -12.19 39.33
C GLU B 76 -32.38 -12.60 38.11
N THR B 77 -33.03 -13.01 37.01
CA THR B 77 -32.32 -13.47 35.80
C THR B 77 -31.65 -12.28 35.09
N LEU B 78 -32.32 -11.13 35.15
CA LEU B 78 -31.85 -9.87 34.58
C LEU B 78 -30.56 -9.40 35.27
N LYS B 79 -30.54 -9.42 36.61
CA LYS B 79 -29.33 -9.08 37.38
C LYS B 79 -28.12 -9.90 36.88
N GLU B 80 -28.36 -11.18 36.62
CA GLU B 80 -27.29 -12.10 36.20
C GLU B 80 -26.80 -11.76 34.78
N MET B 81 -27.71 -11.28 33.92
CA MET B 81 -27.34 -10.92 32.54
C MET B 81 -26.64 -9.55 32.51
N ILE B 82 -27.04 -8.63 33.39
CA ILE B 82 -26.30 -7.37 33.49
C ILE B 82 -24.86 -7.64 33.96
N LYS B 83 -24.68 -8.58 34.89
CA LYS B 83 -23.32 -8.95 35.34
C LYS B 83 -22.54 -9.69 34.24
N SER B 84 -23.24 -10.37 33.34
CA SER B 84 -22.62 -11.15 32.28
C SER B 84 -22.26 -10.25 31.08
N GLY B 85 -22.74 -9.01 31.10
CA GLY B 85 -22.38 -8.00 30.11
C GLY B 85 -23.46 -7.79 29.05
N MET B 86 -24.71 -7.67 29.51
CA MET B 86 -25.80 -7.17 28.65
C MET B 86 -25.82 -5.65 28.74
N ASN B 87 -25.90 -4.99 27.58
CA ASN B 87 -25.87 -3.53 27.50
C ASN B 87 -27.25 -2.98 27.11
N VAL B 88 -28.04 -3.72 26.32
CA VAL B 88 -29.28 -3.23 25.63
C VAL B 88 -30.36 -4.32 25.81
N ALA B 89 -31.47 -3.98 26.47
CA ALA B 89 -32.62 -4.93 26.62
C ALA B 89 -33.68 -4.63 25.55
N ARG B 90 -33.87 -5.55 24.59
CA ARG B 90 -34.83 -5.33 23.46
C ARG B 90 -36.18 -6.01 23.74
N LEU B 91 -37.25 -5.26 23.57
CA LEU B 91 -38.64 -5.71 23.74
C LEU B 91 -39.31 -5.84 22.37
N ASN B 92 -39.81 -7.05 22.08
CA ASN B 92 -40.41 -7.36 20.77
C ASN B 92 -41.92 -7.13 20.83
N PHE B 93 -42.40 -6.14 20.07
CA PHE B 93 -43.81 -5.71 20.10
C PHE B 93 -44.63 -6.45 19.04
N SER B 94 -44.08 -7.56 18.53
CA SER B 94 -44.81 -8.53 17.71
C SER B 94 -45.93 -9.17 18.57
N HIS B 95 -45.58 -9.49 19.82
CA HIS B 95 -46.42 -10.30 20.70
C HIS B 95 -46.47 -9.64 22.08
N GLY B 96 -47.64 -9.71 22.71
CA GLY B 96 -47.82 -9.16 24.03
C GLY B 96 -48.65 -7.88 24.01
N THR B 97 -49.33 -7.62 25.13
CA THR B 97 -50.07 -6.37 25.32
C THR B 97 -49.11 -5.29 25.81
N HIS B 98 -49.60 -4.05 25.88
CA HIS B 98 -48.84 -2.93 26.46
C HIS B 98 -48.56 -3.19 27.95
N GLU B 99 -49.48 -3.86 28.63
CA GLU B 99 -49.37 -4.10 30.07
C GLU B 99 -48.26 -5.11 30.35
N TYR B 100 -48.13 -6.14 29.50
CA TYR B 100 -47.07 -7.16 29.63
C TYR B 100 -45.71 -6.48 29.43
N HIS B 101 -45.60 -5.61 28.42
CA HIS B 101 -44.35 -4.92 28.06
C HIS B 101 -43.91 -3.93 29.14
N ALA B 102 -44.86 -3.20 29.72
CA ALA B 102 -44.59 -2.22 30.81
C ALA B 102 -44.14 -2.94 32.09
N GLU B 103 -44.52 -4.21 32.22
CA GLU B 103 -44.06 -5.05 33.31
C GLU B 103 -42.63 -5.52 33.02
N THR B 104 -42.26 -5.64 31.75
CA THR B 104 -40.88 -5.97 31.39
C THR B 104 -39.97 -4.76 31.67
N ILE B 105 -40.45 -3.56 31.35
CA ILE B 105 -39.64 -2.34 31.45
C ILE B 105 -39.34 -2.03 32.91
N LYS B 106 -40.33 -2.21 33.78
CA LYS B 106 -40.16 -2.06 35.20
C LYS B 106 -39.05 -3.01 35.71
N ASN B 107 -39.09 -4.26 35.28
CA ASN B 107 -38.13 -5.29 35.73
C ASN B 107 -36.71 -4.93 35.31
N VAL B 108 -36.51 -4.64 34.02
CA VAL B 108 -35.21 -4.21 33.47
C VAL B 108 -34.62 -3.06 34.31
N ARG B 109 -35.44 -2.05 34.63
CA ARG B 109 -34.99 -0.86 35.37
C ARG B 109 -34.72 -1.18 36.84
N THR B 110 -35.47 -2.12 37.43
CA THR B 110 -35.28 -2.47 38.83
C THR B 110 -33.92 -3.16 38.99
N ALA B 111 -33.69 -4.18 38.16
CA ALA B 111 -32.42 -4.90 38.09
C ALA B 111 -31.26 -3.90 37.89
N THR B 112 -31.40 -2.99 36.91
CA THR B 112 -30.37 -1.97 36.61
C THR B 112 -30.07 -1.13 37.86
N GLU B 113 -31.11 -0.59 38.50
CA GLU B 113 -30.92 0.35 39.63
C GLU B 113 -30.44 -0.35 40.91
N SER B 114 -30.47 -1.69 40.94
CA SER B 114 -29.95 -2.49 42.07
C SER B 114 -28.44 -2.27 42.26
N PHE B 115 -27.71 -2.09 41.15
CA PHE B 115 -26.25 -1.87 41.21
C PHE B 115 -25.92 -0.36 41.31
N ALA B 116 -26.92 0.50 41.49
CA ALA B 116 -26.71 1.96 41.40
C ALA B 116 -26.03 2.52 42.66
N SER B 117 -25.96 1.72 43.73
CA SER B 117 -25.39 2.13 45.03
C SER B 117 -23.89 2.44 44.89
N ASP B 118 -23.15 1.56 44.21
CA ASP B 118 -21.73 1.80 43.86
C ASP B 118 -21.59 2.52 42.51
N PRO B 119 -21.30 3.84 42.53
CA PRO B 119 -21.21 4.64 41.29
C PRO B 119 -20.07 4.16 40.39
N ILE B 120 -19.04 3.55 40.97
CA ILE B 120 -17.90 3.05 40.20
C ILE B 120 -18.32 1.81 39.39
N LEU B 121 -19.21 0.97 39.94
CA LEU B 121 -19.50 -0.33 39.34
C LEU B 121 -20.79 -0.31 38.50
N TYR B 122 -21.64 0.68 38.72
CA TYR B 122 -22.90 0.85 37.96
C TYR B 122 -22.65 0.74 36.43
N ARG B 123 -23.52 0.03 35.75
CA ARG B 123 -23.51 0.00 34.31
C ARG B 123 -24.87 0.46 33.82
N PRO B 124 -24.90 1.50 32.97
CA PRO B 124 -26.17 1.87 32.34
C PRO B 124 -26.64 0.83 31.31
N VAL B 125 -27.96 0.59 31.27
CA VAL B 125 -28.57 -0.43 30.41
C VAL B 125 -29.65 0.26 29.56
N ALA B 126 -29.54 0.20 28.24
CA ALA B 126 -30.56 0.82 27.36
C ALA B 126 -31.79 -0.09 27.20
N VAL B 127 -32.96 0.52 26.99
CA VAL B 127 -34.15 -0.22 26.48
C VAL B 127 -34.39 0.09 24.99
N ALA B 128 -34.77 -0.93 24.22
CA ALA B 128 -35.07 -0.77 22.79
C ALA B 128 -36.45 -1.37 22.47
N LEU B 129 -37.22 -0.62 21.68
CA LEU B 129 -38.52 -1.06 21.26
C LEU B 129 -38.42 -1.58 19.83
N ASP B 130 -38.89 -2.80 19.58
CA ASP B 130 -38.86 -3.34 18.22
C ASP B 130 -40.29 -3.45 17.70
N THR B 131 -40.67 -2.50 16.83
CA THR B 131 -42.02 -2.45 16.22
C THR B 131 -42.31 -3.73 15.42
N LYS B 132 -43.57 -4.17 15.45
CA LYS B 132 -44.07 -5.26 14.58
C LYS B 132 -43.84 -4.91 13.10
N GLY B 133 -44.24 -3.71 12.69
CA GLY B 133 -44.16 -3.28 11.28
C GLY B 133 -45.28 -3.85 10.44
N PRO B 134 -45.23 -3.64 9.10
CA PRO B 134 -46.24 -4.18 8.16
C PRO B 134 -46.18 -5.70 7.98
N LEU B 235 -47.85 -1.93 1.39
CA LEU B 235 -48.40 -1.60 2.71
C LEU B 235 -47.80 -0.27 3.18
N PRO B 236 -48.41 0.38 4.20
CA PRO B 236 -47.87 1.66 4.70
C PRO B 236 -46.61 1.45 5.55
N ALA B 237 -45.83 2.52 5.74
CA ALA B 237 -44.58 2.49 6.51
C ALA B 237 -44.87 2.23 8.00
N VAL B 238 -45.97 2.81 8.48
CA VAL B 238 -46.38 2.73 9.87
C VAL B 238 -47.87 2.36 9.90
N SER B 239 -48.17 1.13 10.32
CA SER B 239 -49.56 0.68 10.52
C SER B 239 -50.16 1.33 11.78
N GLU B 240 -51.43 1.05 12.06
CA GLU B 240 -52.16 1.65 13.19
C GLU B 240 -51.58 1.16 14.52
N LYS B 241 -51.19 -0.12 14.56
CA LYS B 241 -50.60 -0.74 15.75
C LYS B 241 -49.30 0.00 16.12
N ASP B 242 -48.45 0.20 15.11
CA ASP B 242 -47.16 0.89 15.29
C ASP B 242 -47.29 2.29 15.86
N ILE B 243 -48.30 3.04 15.42
CA ILE B 243 -48.57 4.40 15.92
C ILE B 243 -48.82 4.39 17.43
N GLN B 244 -49.53 3.38 17.94
CA GLN B 244 -49.84 3.28 19.38
C GLN B 244 -48.59 2.84 20.16
N ASP B 245 -47.85 1.90 19.57
CA ASP B 245 -46.61 1.35 20.13
C ASP B 245 -45.51 2.43 20.26
N LEU B 246 -45.25 3.13 19.15
CA LEU B 246 -44.30 4.25 19.14
C LEU B 246 -44.74 5.29 20.17
N LYS B 247 -46.04 5.52 20.32
CA LYS B 247 -46.57 6.50 21.30
C LYS B 247 -46.32 6.02 22.75
N PHE B 248 -46.46 4.72 22.96
CA PHE B 248 -46.19 4.06 24.22
C PHE B 248 -44.69 4.12 24.54
N GLY B 249 -43.85 4.07 23.50
CA GLY B 249 -42.39 4.12 23.63
C GLY B 249 -41.88 5.46 24.18
N VAL B 250 -42.43 6.55 23.63
CA VAL B 250 -42.16 7.91 24.10
C VAL B 250 -42.62 8.06 25.56
N GLU B 251 -43.77 7.48 25.90
CA GLU B 251 -44.30 7.58 27.27
C GLU B 251 -43.42 6.81 28.26
N GLN B 252 -42.95 5.63 27.85
CA GLN B 252 -42.15 4.75 28.71
C GLN B 252 -40.67 5.15 28.68
N ASP B 253 -40.29 6.10 27.81
CA ASP B 253 -38.96 6.72 27.79
C ASP B 253 -37.83 5.77 27.29
N VAL B 254 -38.07 5.12 26.16
CA VAL B 254 -37.12 4.18 25.61
C VAL B 254 -35.93 4.96 25.03
N ASP B 255 -34.81 4.27 24.79
CA ASP B 255 -33.60 4.94 24.31
C ASP B 255 -33.45 4.82 22.81
N MET B 256 -34.04 3.80 22.24
CA MET B 256 -34.01 3.67 20.83
C MET B 256 -35.25 2.89 20.38
N VAL B 257 -35.48 2.91 19.05
CA VAL B 257 -36.55 2.21 18.37
C VAL B 257 -35.91 1.46 17.21
N PHE B 258 -36.16 0.15 17.11
CA PHE B 258 -35.86 -0.56 15.89
C PHE B 258 -37.11 -0.54 15.02
N ALA B 259 -37.02 0.13 13.88
CA ALA B 259 -38.14 0.27 12.97
C ALA B 259 -38.09 -0.87 11.94
N SER B 260 -39.15 -1.69 11.87
CA SER B 260 -39.25 -2.85 10.95
C SER B 260 -39.66 -2.41 9.53
N PHE B 261 -39.17 -3.16 8.53
CA PHE B 261 -39.60 -3.11 7.10
C PHE B 261 -39.43 -1.71 6.50
N ILE B 262 -38.22 -1.21 6.59
CA ILE B 262 -37.87 0.07 6.02
C ILE B 262 -37.51 -0.12 4.54
N ARG B 263 -38.21 0.57 3.64
CA ARG B 263 -38.02 0.31 2.21
C ARG B 263 -37.46 1.54 1.49
N LYS B 264 -37.47 2.69 2.16
CA LYS B 264 -37.09 3.99 1.54
C LYS B 264 -36.94 5.05 2.66
N ALA B 265 -36.19 6.11 2.38
CA ALA B 265 -35.96 7.22 3.31
C ALA B 265 -37.27 7.79 3.88
N SER B 266 -38.34 7.88 3.08
CA SER B 266 -39.60 8.51 3.52
C SER B 266 -40.29 7.69 4.62
N ASP B 267 -39.94 6.40 4.77
CA ASP B 267 -40.41 5.56 5.89
C ASP B 267 -39.79 5.99 7.24
N VAL B 268 -38.53 6.40 7.19
CA VAL B 268 -37.81 6.81 8.36
C VAL B 268 -38.35 8.18 8.75
N HIS B 269 -38.73 9.01 7.77
CA HIS B 269 -39.31 10.33 8.06
C HIS B 269 -40.69 10.20 8.72
N GLU B 270 -41.44 9.17 8.34
CA GLU B 270 -42.76 8.88 8.93
C GLU B 270 -42.63 8.51 10.41
N VAL B 271 -41.65 7.67 10.75
CA VAL B 271 -41.38 7.23 12.13
C VAL B 271 -40.98 8.45 12.97
N ARG B 272 -40.11 9.28 12.41
CA ARG B 272 -39.54 10.45 13.08
C ARG B 272 -40.67 11.44 13.42
N LYS B 273 -41.66 11.61 12.53
CA LYS B 273 -42.81 12.50 12.73
C LYS B 273 -43.70 11.98 13.87
N VAL B 274 -43.94 10.66 13.92
CA VAL B 274 -44.83 10.07 14.92
C VAL B 274 -44.25 10.24 16.33
N LEU B 275 -42.92 10.10 16.46
CA LEU B 275 -42.23 10.23 17.75
C LEU B 275 -42.43 11.67 18.25
N GLY B 276 -42.41 12.63 17.32
CA GLY B 276 -42.78 14.02 17.63
C GLY B 276 -41.58 14.84 18.09
N GLU B 277 -41.84 15.73 19.05
CA GLU B 277 -40.81 16.54 19.67
C GLU B 277 -40.51 15.97 21.07
N LYS B 278 -41.49 15.28 21.65
CA LYS B 278 -41.30 14.59 22.94
C LYS B 278 -40.29 13.43 22.80
N GLY B 279 -40.16 12.84 21.60
CA GLY B 279 -39.24 11.73 21.40
C GLY B 279 -38.13 12.06 20.41
N LYS B 280 -37.75 13.33 20.32
CA LYS B 280 -36.82 13.81 19.28
C LYS B 280 -35.40 13.27 19.52
N ASN B 281 -35.11 12.87 20.77
CA ASN B 281 -33.78 12.38 21.16
C ASN B 281 -33.76 10.85 21.22
N ILE B 282 -34.72 10.19 20.57
CA ILE B 282 -34.78 8.73 20.50
C ILE B 282 -34.08 8.32 19.19
N LYS B 283 -33.25 7.30 19.24
CA LYS B 283 -32.46 6.92 18.06
C LYS B 283 -33.29 5.95 17.20
N ILE B 284 -33.34 6.19 15.89
CA ILE B 284 -34.07 5.29 14.98
C ILE B 284 -33.07 4.43 14.21
N ILE B 285 -33.14 3.12 14.47
CA ILE B 285 -32.35 2.12 13.80
C ILE B 285 -33.26 1.43 12.77
N SER B 286 -32.96 1.57 11.49
CA SER B 286 -33.77 0.98 10.40
C SER B 286 -33.38 -0.49 10.18
N LYS B 287 -34.34 -1.40 10.37
CA LYS B 287 -34.15 -2.80 9.99
C LYS B 287 -34.27 -2.94 8.47
N ILE B 288 -33.19 -3.40 7.85
CA ILE B 288 -33.22 -3.81 6.46
C ILE B 288 -33.70 -5.26 6.42
N GLU B 289 -34.66 -5.57 5.56
CA GLU B 289 -35.41 -6.83 5.64
C GLU B 289 -35.86 -7.29 4.25
N ASN B 290 -35.61 -6.52 3.19
CA ASN B 290 -36.05 -6.95 1.82
C ASN B 290 -35.10 -6.39 0.74
N HIS B 291 -35.35 -6.79 -0.51
CA HIS B 291 -34.51 -6.43 -1.67
C HIS B 291 -34.56 -4.93 -1.98
N GLU B 292 -35.66 -4.22 -1.65
CA GLU B 292 -35.81 -2.78 -2.00
C GLU B 292 -35.10 -1.93 -0.94
N GLY B 293 -35.28 -2.32 0.32
CA GLY B 293 -34.46 -1.84 1.43
C GLY B 293 -32.97 -1.96 1.15
N VAL B 294 -32.53 -3.07 0.54
CA VAL B 294 -31.09 -3.23 0.19
C VAL B 294 -30.74 -2.28 -0.98
N ARG B 295 -31.58 -2.27 -2.02
CA ARG B 295 -31.31 -1.53 -3.27
C ARG B 295 -31.21 -0.01 -3.02
N ARG B 296 -31.96 0.48 -2.03
CA ARG B 296 -31.99 1.90 -1.71
C ARG B 296 -31.28 2.18 -0.37
N PHE B 297 -30.22 1.42 -0.07
CA PHE B 297 -29.57 1.46 1.26
C PHE B 297 -29.06 2.88 1.58
N ASP B 298 -28.35 3.50 0.64
CA ASP B 298 -27.69 4.80 0.83
C ASP B 298 -28.57 5.94 1.31
N GLU B 299 -29.83 5.98 0.86
CA GLU B 299 -30.72 7.07 1.24
C GLU B 299 -31.32 6.81 2.63
N ILE B 300 -31.45 5.54 2.99
CA ILE B 300 -31.96 5.10 4.30
C ILE B 300 -30.92 5.42 5.39
N LEU B 301 -29.65 5.19 5.08
CA LEU B 301 -28.54 5.40 5.98
C LEU B 301 -28.37 6.90 6.24
N GLU B 302 -28.67 7.71 5.23
CA GLU B 302 -28.58 9.16 5.36
C GLU B 302 -29.73 9.66 6.25
N ALA B 303 -30.81 8.90 6.30
CA ALA B 303 -32.02 9.32 7.01
C ALA B 303 -32.07 8.78 8.45
N SER B 304 -31.16 7.84 8.78
CA SER B 304 -31.28 7.01 10.01
C SER B 304 -30.29 7.43 11.11
N ASP B 305 -30.40 6.81 12.27
CA ASP B 305 -29.38 7.01 13.29
C ASP B 305 -28.42 5.84 13.31
N GLY B 306 -28.84 4.72 12.71
CA GLY B 306 -28.03 3.52 12.48
C GLY B 306 -28.84 2.44 11.79
N ILE B 307 -28.25 1.26 11.61
CA ILE B 307 -28.78 0.21 10.72
C ILE B 307 -28.79 -1.14 11.45
N MET B 308 -29.78 -1.98 11.15
CA MET B 308 -29.79 -3.37 11.65
C MET B 308 -29.92 -4.30 10.46
N VAL B 309 -28.88 -5.09 10.27
CA VAL B 309 -28.89 -6.20 9.34
C VAL B 309 -29.69 -7.31 10.04
N ALA B 310 -30.95 -7.42 9.62
CA ALA B 310 -31.88 -8.39 10.19
C ALA B 310 -31.87 -9.65 9.30
N ARG B 311 -30.99 -10.62 9.61
CA ARG B 311 -30.63 -11.66 8.62
C ARG B 311 -31.78 -12.67 8.39
N GLY B 312 -32.62 -12.91 9.41
CA GLY B 312 -33.73 -13.87 9.29
C GLY B 312 -34.64 -13.56 8.11
N ASP B 313 -35.21 -12.37 8.13
CA ASP B 313 -36.17 -11.93 7.12
C ASP B 313 -35.48 -11.63 5.80
N LEU B 314 -34.26 -11.09 5.90
CA LEU B 314 -33.45 -10.80 4.72
C LEU B 314 -33.15 -12.11 3.99
N GLY B 315 -33.07 -13.22 4.73
CA GLY B 315 -32.76 -14.55 4.19
C GLY B 315 -33.97 -15.25 3.56
N ILE B 316 -35.15 -14.76 3.89
CA ILE B 316 -36.43 -15.29 3.37
C ILE B 316 -36.74 -14.61 2.02
N GLU B 317 -36.38 -13.34 1.92
CA GLU B 317 -36.80 -12.47 0.81
C GLU B 317 -35.72 -12.38 -0.27
N ILE B 318 -34.49 -12.78 0.04
CA ILE B 318 -33.41 -12.92 -0.97
C ILE B 318 -32.84 -14.35 -0.85
N PRO B 319 -32.13 -14.87 -1.90
CA PRO B 319 -31.50 -16.21 -1.84
C PRO B 319 -30.51 -16.32 -0.66
N ALA B 320 -30.66 -17.35 0.18
CA ALA B 320 -29.93 -17.43 1.47
C ALA B 320 -28.40 -17.35 1.26
N GLU B 321 -27.92 -17.80 0.10
CA GLU B 321 -26.50 -17.78 -0.29
C GLU B 321 -25.98 -16.35 -0.52
N LYS B 322 -26.86 -15.35 -0.57
CA LYS B 322 -26.47 -13.97 -0.90
C LYS B 322 -26.45 -13.09 0.36
N VAL B 323 -27.02 -13.59 1.45
CA VAL B 323 -27.21 -12.83 2.69
C VAL B 323 -25.84 -12.34 3.20
N PHE B 324 -24.84 -13.23 3.15
CA PHE B 324 -23.50 -12.90 3.61
C PHE B 324 -22.95 -11.68 2.85
N LEU B 325 -23.28 -11.56 1.55
CA LEU B 325 -22.85 -10.42 0.71
C LEU B 325 -23.54 -9.12 1.18
N ALA B 326 -24.85 -9.16 1.32
CA ALA B 326 -25.63 -8.00 1.78
C ALA B 326 -25.10 -7.54 3.14
N GLN B 327 -24.89 -8.48 4.06
CA GLN B 327 -24.35 -8.16 5.39
C GLN B 327 -23.04 -7.36 5.29
N LYS B 328 -22.10 -7.80 4.44
CA LYS B 328 -20.77 -7.17 4.36
C LYS B 328 -20.84 -5.79 3.70
N MET B 329 -21.65 -5.68 2.66
CA MET B 329 -21.87 -4.42 1.97
C MET B 329 -22.34 -3.37 2.99
N MET B 330 -23.35 -3.75 3.78
CA MET B 330 -23.96 -2.83 4.72
C MET B 330 -22.99 -2.47 5.87
N ILE B 331 -22.15 -3.40 6.32
CA ILE B 331 -21.26 -3.04 7.44
C ILE B 331 -20.15 -2.13 6.88
N GLY B 332 -19.65 -2.45 5.69
CA GLY B 332 -18.72 -1.58 4.96
C GLY B 332 -19.21 -0.15 4.95
N ARG B 333 -20.41 0.05 4.41
CA ARG B 333 -21.00 1.37 4.18
C ARG B 333 -21.31 2.10 5.50
N CYS B 334 -21.80 1.39 6.53
CA CYS B 334 -22.05 2.05 7.84
C CYS B 334 -20.74 2.48 8.53
N ASN B 335 -19.67 1.71 8.33
CA ASN B 335 -18.35 2.00 8.89
C ASN B 335 -17.81 3.30 8.30
N ARG B 336 -18.03 3.48 7.00
CA ARG B 336 -17.52 4.59 6.23
C ARG B 336 -18.29 5.88 6.58
N ALA B 337 -19.58 5.74 6.89
CA ALA B 337 -20.41 6.89 7.28
C ALA B 337 -20.20 7.23 8.76
N GLY B 338 -19.63 6.31 9.54
CA GLY B 338 -19.54 6.50 11.00
C GLY B 338 -20.88 6.26 11.70
N LYS B 339 -21.73 5.39 11.13
CA LYS B 339 -23.05 5.07 11.70
C LYS B 339 -22.98 3.66 12.29
N PRO B 340 -23.60 3.43 13.45
CA PRO B 340 -23.64 2.12 14.09
C PRO B 340 -24.46 1.10 13.28
N VAL B 341 -23.89 -0.08 13.10
CA VAL B 341 -24.54 -1.20 12.48
C VAL B 341 -24.60 -2.36 13.50
N ILE B 342 -25.78 -2.97 13.59
CA ILE B 342 -26.07 -4.12 14.45
C ILE B 342 -26.23 -5.36 13.58
N CYS B 343 -25.55 -6.42 13.95
CA CYS B 343 -25.73 -7.70 13.27
C CYS B 343 -26.62 -8.59 14.15
N ALA B 344 -27.65 -9.17 13.53
CA ALA B 344 -28.74 -9.80 14.28
C ALA B 344 -29.07 -11.20 13.72
N THR B 345 -29.73 -12.02 14.55
CA THR B 345 -30.57 -13.21 14.14
C THR B 345 -29.73 -14.46 13.82
N GLN B 346 -30.04 -15.55 14.53
CA GLN B 346 -29.47 -16.92 14.36
C GLN B 346 -27.95 -16.90 14.50
N MET B 347 -27.48 -16.18 15.51
CA MET B 347 -26.07 -16.05 15.75
C MET B 347 -25.58 -17.23 16.61
N LEU B 348 -26.34 -17.57 17.66
CA LEU B 348 -26.02 -18.70 18.56
C LEU B 348 -27.21 -19.67 18.66
N GLU B 349 -27.78 -20.03 17.51
CA GLU B 349 -29.10 -20.72 17.40
C GLU B 349 -29.09 -22.07 18.13
N SER B 350 -27.98 -22.81 18.10
CA SER B 350 -27.92 -24.16 18.73
C SER B 350 -27.95 -24.07 20.27
N MET B 351 -27.72 -22.86 20.81
CA MET B 351 -27.62 -22.60 22.26
C MET B 351 -29.02 -22.35 22.87
N ILE B 352 -30.07 -22.56 22.08
CA ILE B 352 -31.45 -22.55 22.58
C ILE B 352 -31.68 -23.85 23.38
N LYS B 353 -31.01 -24.93 22.98
CA LYS B 353 -31.25 -26.29 23.49
C LYS B 353 -30.00 -26.85 24.19
N LYS B 354 -28.80 -26.47 23.71
CA LYS B 354 -27.53 -27.02 24.22
C LYS B 354 -26.66 -25.89 24.80
N PRO B 355 -25.96 -26.13 25.93
CA PRO B 355 -25.14 -25.07 26.59
C PRO B 355 -23.87 -24.64 25.83
N ARG B 356 -23.64 -25.23 24.64
CA ARG B 356 -22.42 -25.00 23.83
C ARG B 356 -22.83 -24.72 22.37
N PRO B 357 -22.19 -23.73 21.71
CA PRO B 357 -22.48 -23.47 20.29
C PRO B 357 -21.79 -24.48 19.36
N THR B 358 -22.28 -24.57 18.11
CA THR B 358 -21.60 -25.29 17.04
C THR B 358 -20.38 -24.47 16.61
N ARG B 359 -19.48 -25.08 15.84
CA ARG B 359 -18.25 -24.44 15.35
C ARG B 359 -18.61 -23.27 14.41
N ALA B 360 -19.70 -23.43 13.65
CA ALA B 360 -20.22 -22.41 12.72
C ALA B 360 -20.66 -21.14 13.46
N GLU B 361 -21.24 -21.31 14.66
CA GLU B 361 -21.81 -20.20 15.41
C GLU B 361 -20.69 -19.38 16.06
N GLY B 362 -19.67 -20.07 16.57
CA GLY B 362 -18.46 -19.43 17.07
C GLY B 362 -17.78 -18.59 15.99
N SER B 363 -17.75 -19.11 14.77
CA SER B 363 -17.13 -18.44 13.62
C SER B 363 -17.98 -17.24 13.16
N ASP B 364 -19.30 -17.41 13.15
CA ASP B 364 -20.24 -16.36 12.72
C ASP B 364 -20.19 -15.03 13.52
N VAL B 365 -20.32 -15.16 14.86
CA VAL B 365 -20.14 -14.05 15.82
C VAL B 365 -18.76 -13.39 15.63
N ALA B 366 -17.70 -14.20 15.56
CA ALA B 366 -16.34 -13.69 15.36
C ALA B 366 -16.20 -12.96 14.01
N ASN B 367 -16.93 -13.40 12.99
CA ASN B 367 -16.75 -12.85 11.64
C ASN B 367 -17.50 -11.52 11.51
N ALA B 368 -18.66 -11.39 12.17
CA ALA B 368 -19.39 -10.11 12.29
C ALA B 368 -18.51 -9.09 13.04
N VAL B 369 -17.91 -9.51 14.17
CA VAL B 369 -16.97 -8.68 14.89
C VAL B 369 -15.83 -8.26 13.94
N LEU B 370 -15.21 -9.19 13.21
CA LEU B 370 -14.05 -8.84 12.33
C LEU B 370 -14.47 -7.92 11.17
N ASP B 371 -15.67 -8.11 10.61
CA ASP B 371 -16.24 -7.22 9.57
C ASP B 371 -16.42 -5.74 10.04
N GLY B 372 -16.78 -5.57 11.31
CA GLY B 372 -16.90 -4.25 11.87
C GLY B 372 -18.30 -3.94 12.34
N ALA B 373 -19.06 -4.95 12.75
CA ALA B 373 -20.33 -4.75 13.44
C ALA B 373 -20.07 -4.02 14.78
N ASP B 374 -20.93 -3.05 15.10
CA ASP B 374 -20.89 -2.34 16.39
C ASP B 374 -21.48 -3.13 17.56
N CYS B 375 -22.60 -3.82 17.34
CA CYS B 375 -23.22 -4.67 18.36
C CYS B 375 -23.62 -5.99 17.70
N ILE B 376 -23.87 -6.98 18.55
CA ILE B 376 -24.40 -8.26 18.09
C ILE B 376 -25.69 -8.52 18.89
N MET B 377 -26.58 -9.30 18.28
CA MET B 377 -27.88 -9.55 18.89
C MET B 377 -28.14 -11.05 19.11
N LEU B 378 -28.78 -11.30 20.25
CA LEU B 378 -29.30 -12.62 20.64
C LEU B 378 -30.84 -12.53 20.64
N SER B 379 -31.48 -13.25 19.72
CA SER B 379 -32.94 -13.27 19.59
C SER B 379 -33.54 -14.33 20.52
N GLY B 380 -33.79 -15.54 19.99
CA GLY B 380 -34.47 -16.63 20.70
C GLY B 380 -33.69 -17.17 21.89
N GLU B 381 -32.36 -17.08 21.82
CA GLU B 381 -31.42 -17.68 22.82
C GLU B 381 -31.66 -17.08 24.21
N THR B 382 -31.97 -15.79 24.27
CA THR B 382 -32.18 -15.07 25.53
C THR B 382 -33.66 -15.01 25.90
N ALA B 383 -34.53 -15.12 24.89
CA ALA B 383 -35.98 -14.95 25.02
C ALA B 383 -36.65 -16.25 25.52
N LYS B 384 -36.37 -17.39 24.86
CA LYS B 384 -37.20 -18.59 25.03
C LYS B 384 -36.36 -19.82 25.45
N GLY B 385 -35.04 -19.78 25.19
CA GLY B 385 -34.17 -20.95 25.38
C GLY B 385 -33.89 -21.27 26.84
N ASP B 386 -33.07 -22.30 27.05
CA ASP B 386 -32.80 -22.86 28.39
C ASP B 386 -31.56 -22.26 29.08
N TYR B 387 -30.71 -21.61 28.27
CA TYR B 387 -29.40 -21.14 28.70
C TYR B 387 -29.24 -19.67 28.32
N PRO B 388 -30.03 -18.74 28.91
CA PRO B 388 -29.85 -17.31 28.62
C PRO B 388 -28.47 -16.79 29.04
N LEU B 389 -28.04 -17.08 30.28
CA LEU B 389 -26.75 -16.56 30.81
C LEU B 389 -25.57 -17.17 30.04
N GLU B 390 -25.65 -18.45 29.69
CA GLU B 390 -24.54 -19.13 28.97
C GLU B 390 -24.35 -18.45 27.60
N ALA B 391 -25.47 -18.15 26.92
CA ALA B 391 -25.45 -17.47 25.63
C ALA B 391 -24.80 -16.08 25.75
N VAL B 392 -25.16 -15.32 26.78
CA VAL B 392 -24.56 -13.99 26.99
C VAL B 392 -23.07 -14.13 27.30
N ARG B 393 -22.72 -15.14 28.10
CA ARG B 393 -21.34 -15.35 28.49
C ARG B 393 -20.50 -15.82 27.29
N MET B 394 -21.10 -16.58 26.38
CA MET B 394 -20.41 -17.04 25.16
C MET B 394 -20.20 -15.88 24.19
N GLN B 395 -21.16 -14.95 24.14
CA GLN B 395 -21.09 -13.77 23.27
C GLN B 395 -19.99 -12.81 23.77
N HIS B 396 -19.87 -12.69 25.09
CA HIS B 396 -18.78 -11.95 25.70
C HIS B 396 -17.42 -12.54 25.29
N LEU B 397 -17.22 -13.86 25.44
CA LEU B 397 -15.87 -14.47 25.27
C LEU B 397 -15.38 -14.37 23.83
N ILE B 398 -16.21 -14.79 22.86
CA ILE B 398 -15.92 -14.74 21.42
C ILE B 398 -15.50 -13.32 21.04
N ALA B 399 -16.28 -12.32 21.47
CA ALA B 399 -16.08 -10.92 21.07
C ALA B 399 -14.70 -10.40 21.54
N ARG B 400 -14.28 -10.65 22.79
CA ARG B 400 -12.91 -10.20 23.20
C ARG B 400 -11.85 -10.83 22.28
N GLU B 401 -11.98 -12.15 22.07
CA GLU B 401 -11.02 -12.89 21.28
C GLU B 401 -10.95 -12.32 19.85
N ALA B 402 -12.09 -12.07 19.20
CA ALA B 402 -12.07 -11.62 17.79
C ALA B 402 -11.56 -10.18 17.68
N GLU B 403 -11.74 -9.36 18.72
CA GLU B 403 -11.23 -7.97 18.74
C GLU B 403 -9.70 -7.95 18.81
N ALA B 404 -9.08 -9.07 19.14
CA ALA B 404 -7.61 -9.18 19.20
C ALA B 404 -7.03 -9.72 17.87
N ALA B 405 -7.89 -9.96 16.88
CA ALA B 405 -7.47 -10.47 15.57
C ALA B 405 -7.67 -9.40 14.48
N ILE B 406 -8.17 -8.22 14.84
CA ILE B 406 -8.39 -7.12 13.89
C ILE B 406 -7.02 -6.62 13.38
N TYR B 407 -6.95 -6.26 12.10
CA TYR B 407 -5.72 -5.76 11.52
C TYR B 407 -5.78 -4.23 11.46
N HIS B 408 -5.57 -3.65 12.64
CA HIS B 408 -5.86 -2.23 12.99
C HIS B 408 -5.07 -1.24 12.13
N LEU B 409 -3.82 -1.58 11.79
CA LEU B 409 -2.98 -0.67 11.01
C LEU B 409 -3.62 -0.40 9.64
N GLN B 410 -4.05 -1.46 8.94
CA GLN B 410 -4.75 -1.30 7.64
C GLN B 410 -6.09 -0.57 7.83
N LEU B 411 -6.79 -0.84 8.93
CA LEU B 411 -8.12 -0.28 9.20
C LEU B 411 -8.02 1.24 9.43
N PHE B 412 -7.18 1.65 10.38
CA PHE B 412 -7.00 3.05 10.75
C PHE B 412 -6.52 3.86 9.54
N GLU B 413 -5.61 3.28 8.74
CA GLU B 413 -5.09 3.88 7.51
C GLU B 413 -6.24 4.16 6.53
N GLU B 414 -7.05 3.13 6.25
CA GLU B 414 -8.07 3.17 5.20
C GLU B 414 -9.18 4.14 5.57
N LEU B 415 -9.37 4.39 6.86
CA LEU B 415 -10.46 5.24 7.35
C LEU B 415 -10.04 6.70 7.21
N ARG B 416 -8.73 6.93 7.27
CA ARG B 416 -8.12 8.25 7.24
C ARG B 416 -8.07 8.79 5.80
N ARG B 417 -7.68 7.93 4.86
CA ARG B 417 -7.58 8.30 3.43
C ARG B 417 -8.99 8.57 2.86
N LEU B 418 -10.01 8.30 3.68
CA LEU B 418 -11.41 8.49 3.28
C LEU B 418 -12.04 9.63 4.09
N ALA B 419 -11.32 10.10 5.11
CA ALA B 419 -11.79 11.17 6.01
C ALA B 419 -11.59 12.54 5.33
N PRO B 420 -12.71 13.29 5.13
CA PRO B 420 -12.68 14.63 4.50
C PRO B 420 -11.91 15.62 5.39
N ILE B 421 -11.00 16.41 4.81
CA ILE B 421 -10.37 17.49 5.56
C ILE B 421 -11.38 18.63 5.75
N THR B 422 -11.46 19.14 6.98
CA THR B 422 -12.41 20.19 7.42
C THR B 422 -11.71 21.06 8.47
N SER B 423 -12.27 22.23 8.77
CA SER B 423 -11.72 23.09 9.82
C SER B 423 -12.39 22.82 11.18
N ASP B 424 -13.21 21.77 11.27
CA ASP B 424 -13.82 21.30 12.54
C ASP B 424 -12.79 20.86 13.60
N PRO B 425 -12.65 21.64 14.68
CA PRO B 425 -11.68 21.24 15.69
C PRO B 425 -11.90 19.82 16.23
N THR B 426 -13.17 19.43 16.36
CA THR B 426 -13.51 18.23 17.13
C THR B 426 -13.01 16.98 16.41
N GLU B 427 -13.19 16.99 15.08
CA GLU B 427 -12.80 15.91 14.21
C GLU B 427 -11.27 15.81 14.13
N ALA B 428 -10.56 16.92 14.33
CA ALA B 428 -9.09 16.96 14.36
C ALA B 428 -8.58 16.45 15.72
N THR B 429 -9.14 16.93 16.84
CA THR B 429 -8.77 16.43 18.17
C THR B 429 -8.92 14.90 18.24
N ALA B 430 -9.96 14.35 17.58
CA ALA B 430 -10.34 12.92 17.65
C ALA B 430 -9.37 12.06 16.84
N VAL B 431 -9.01 12.51 15.65
CA VAL B 431 -8.09 11.70 14.85
C VAL B 431 -6.68 11.79 15.46
N GLY B 432 -6.25 12.98 15.91
CA GLY B 432 -5.09 13.11 16.80
C GLY B 432 -5.07 12.11 17.95
N ALA B 433 -6.14 12.03 18.75
CA ALA B 433 -6.23 11.10 19.90
C ALA B 433 -6.09 9.62 19.47
N VAL B 434 -6.62 9.22 18.33
CA VAL B 434 -6.55 7.82 17.95
C VAL B 434 -5.12 7.46 17.51
N GLU B 435 -4.49 8.37 16.76
CA GLU B 435 -3.11 8.21 16.37
C GLU B 435 -2.22 8.17 17.61
N ALA B 436 -2.34 9.12 18.52
CA ALA B 436 -1.53 9.07 19.73
C ALA B 436 -1.66 7.70 20.41
N SER B 437 -2.87 7.10 20.41
CA SER B 437 -3.15 5.96 21.32
C SER B 437 -2.49 4.69 20.80
N PHE B 438 -2.30 4.64 19.49
CA PHE B 438 -1.62 3.56 18.85
C PHE B 438 -0.14 3.60 19.22
N LYS B 439 0.44 4.79 19.10
CA LYS B 439 1.86 5.05 19.26
C LYS B 439 2.30 4.81 20.71
N CYS B 440 1.46 5.03 21.70
CA CYS B 440 1.90 4.77 23.09
C CYS B 440 1.19 3.54 23.66
N CYS B 441 0.46 2.81 22.81
CA CYS B 441 -0.36 1.64 23.26
C CYS B 441 -1.14 2.01 24.54
N SER B 442 -1.98 3.06 24.48
CA SER B 442 -2.64 3.52 25.71
C SER B 442 -3.69 2.49 26.15
N GLY B 443 -3.94 2.46 27.45
CA GLY B 443 -4.94 1.59 27.98
C GLY B 443 -6.35 2.06 27.72
N ALA B 444 -6.56 3.38 27.58
CA ALA B 444 -7.91 3.98 27.38
C ALA B 444 -7.83 5.39 26.77
N ILE B 445 -8.86 5.72 26.02
CA ILE B 445 -9.21 7.10 25.67
C ILE B 445 -10.36 7.57 26.59
N ILE B 446 -10.11 8.54 27.41
CA ILE B 446 -11.18 9.11 28.24
C ILE B 446 -11.79 10.29 27.47
N VAL B 447 -13.10 10.37 27.30
CA VAL B 447 -13.69 11.51 26.56
C VAL B 447 -14.85 12.07 27.39
N LEU B 448 -14.86 13.37 27.72
CA LEU B 448 -16.01 13.98 28.47
C LEU B 448 -17.04 14.41 27.45
N THR B 449 -18.30 14.04 27.63
CA THR B 449 -19.26 14.20 26.54
C THR B 449 -20.66 14.55 27.07
N LYS B 450 -21.35 15.55 26.49
CA LYS B 450 -22.77 15.80 26.87
C LYS B 450 -23.71 15.07 25.91
N SER B 451 -23.67 15.36 24.59
CA SER B 451 -24.58 14.68 23.64
C SER B 451 -24.03 13.32 23.20
N GLY B 452 -22.81 12.99 23.64
CA GLY B 452 -22.13 11.80 23.20
C GLY B 452 -21.40 12.04 21.90
N ARG B 453 -21.54 13.23 21.32
CA ARG B 453 -21.04 13.43 19.96
C ARG B 453 -19.50 13.21 19.87
N SER B 454 -18.76 13.72 20.87
CA SER B 454 -17.30 13.64 20.89
C SER B 454 -16.79 12.20 20.97
N ALA B 455 -17.44 11.41 21.83
CA ALA B 455 -17.21 9.97 21.87
C ALA B 455 -17.57 9.33 20.53
N HIS B 456 -18.65 9.73 19.84
CA HIS B 456 -19.01 9.03 18.55
C HIS B 456 -17.87 9.17 17.53
N GLN B 457 -17.19 10.32 17.53
CA GLN B 457 -16.16 10.67 16.54
C GLN B 457 -14.87 9.88 16.75
N VAL B 458 -14.48 9.65 18.00
CA VAL B 458 -13.34 8.79 18.31
C VAL B 458 -13.69 7.37 17.85
N ALA B 459 -14.88 6.88 18.20
CA ALA B 459 -15.35 5.54 17.83
C ALA B 459 -15.24 5.34 16.33
N ARG B 460 -15.58 6.35 15.57
CA ARG B 460 -15.48 6.30 14.11
C ARG B 460 -14.11 5.76 13.62
N TYR B 461 -13.01 6.06 14.32
CA TYR B 461 -11.64 5.74 13.84
C TYR B 461 -11.17 4.36 14.32
N ARG B 462 -12.01 3.70 15.12
CA ARG B 462 -11.83 2.29 15.53
C ARG B 462 -10.50 2.10 16.28
N PRO B 463 -10.25 2.89 17.37
CA PRO B 463 -9.09 2.70 18.27
C PRO B 463 -9.01 1.25 18.80
N ARG B 464 -7.87 0.86 19.35
CA ARG B 464 -7.78 -0.44 19.99
C ARG B 464 -8.07 -0.28 21.48
N ALA B 465 -7.81 0.89 22.03
CA ALA B 465 -8.13 1.11 23.45
C ALA B 465 -9.65 1.26 23.63
N PRO B 466 -10.20 0.88 24.78
CA PRO B 466 -11.61 1.22 25.13
C PRO B 466 -11.78 2.75 25.25
N ILE B 467 -12.96 3.27 24.91
CA ILE B 467 -13.28 4.71 24.96
C ILE B 467 -14.18 4.96 26.16
N ILE B 468 -13.64 5.41 27.28
CA ILE B 468 -14.47 5.69 28.47
C ILE B 468 -15.13 7.07 28.32
N ALA B 469 -16.43 7.12 28.05
CA ALA B 469 -17.18 8.40 27.88
C ALA B 469 -17.82 8.79 29.20
N VAL B 470 -17.50 9.97 29.72
CA VAL B 470 -18.02 10.38 31.00
C VAL B 470 -19.09 11.44 30.73
N THR B 471 -20.25 11.24 31.32
CA THR B 471 -21.38 12.09 31.02
C THR B 471 -22.23 12.11 32.27
N ARG B 472 -22.92 13.23 32.46
CA ARG B 472 -23.91 13.44 33.51
C ARG B 472 -25.32 13.15 32.97
N ASN B 473 -25.48 13.03 31.66
CA ASN B 473 -26.76 12.82 31.01
C ASN B 473 -27.07 11.31 30.90
N PRO B 474 -28.06 10.83 31.68
CA PRO B 474 -28.41 9.39 31.69
C PRO B 474 -28.86 8.85 30.32
N GLN B 475 -29.57 9.64 29.52
CA GLN B 475 -29.96 9.15 28.19
C GLN B 475 -28.76 8.96 27.26
N THR B 476 -27.75 9.85 27.37
CA THR B 476 -26.54 9.78 26.54
C THR B 476 -25.77 8.50 26.88
N ALA B 477 -25.68 8.22 28.18
CA ALA B 477 -24.94 7.05 28.65
C ALA B 477 -25.61 5.77 28.12
N ARG B 478 -26.94 5.70 28.01
CA ARG B 478 -27.61 4.46 27.50
C ARG B 478 -27.45 4.34 25.99
N GLN B 479 -27.52 5.45 25.26
CA GLN B 479 -27.44 5.39 23.78
C GLN B 479 -26.02 5.03 23.30
N ALA B 480 -25.02 5.16 24.17
CA ALA B 480 -23.60 5.05 23.80
C ALA B 480 -23.27 3.58 23.48
N HIS B 481 -24.05 2.68 24.04
CA HIS B 481 -23.88 1.25 23.82
C HIS B 481 -23.97 0.88 22.33
N LEU B 482 -24.54 1.73 21.48
CA LEU B 482 -24.67 1.38 20.06
C LEU B 482 -23.34 1.49 19.30
N TYR B 483 -22.36 2.22 19.82
CA TYR B 483 -21.15 2.54 19.05
C TYR B 483 -20.00 1.65 19.51
N ARG B 484 -19.20 1.14 18.58
CA ARG B 484 -18.17 0.15 18.92
C ARG B 484 -17.09 0.81 19.80
N GLY B 485 -16.84 0.26 20.98
CA GLY B 485 -15.68 0.69 21.72
C GLY B 485 -16.04 1.49 22.93
N ILE B 486 -17.16 2.22 22.89
CA ILE B 486 -17.52 3.15 23.96
C ILE B 486 -18.03 2.37 25.16
N PHE B 487 -17.32 2.50 26.25
CA PHE B 487 -17.74 2.08 27.57
C PHE B 487 -18.29 3.29 28.34
N PRO B 488 -19.61 3.50 28.39
CA PRO B 488 -20.10 4.76 29.02
C PRO B 488 -20.04 4.67 30.54
N VAL B 489 -19.75 5.78 31.19
CA VAL B 489 -19.82 5.84 32.63
C VAL B 489 -20.59 7.09 33.04
N LEU B 490 -21.57 6.91 33.91
CA LEU B 490 -22.47 7.97 34.30
C LEU B 490 -21.99 8.56 35.63
N CYS B 491 -21.66 9.85 35.61
CA CYS B 491 -21.14 10.57 36.76
C CYS B 491 -22.34 11.18 37.50
N LYS B 492 -22.39 10.97 38.82
CA LYS B 492 -23.54 11.37 39.64
C LYS B 492 -23.18 12.58 40.51
N ASP B 493 -21.89 12.74 40.82
CA ASP B 493 -21.35 13.87 41.61
C ASP B 493 -21.87 15.24 41.13
N PRO B 494 -22.19 16.15 42.07
CA PRO B 494 -22.75 17.48 41.70
C PRO B 494 -21.69 18.38 41.03
N VAL B 495 -22.17 19.38 40.28
CA VAL B 495 -21.31 20.27 39.48
C VAL B 495 -20.63 21.28 40.43
N GLN B 496 -19.32 21.09 40.62
CA GLN B 496 -18.42 21.99 41.38
C GLN B 496 -18.49 23.40 40.78
N GLU B 497 -18.22 24.42 41.60
CA GLU B 497 -18.33 25.83 41.18
C GLU B 497 -17.28 26.16 40.10
N ALA B 498 -16.03 25.78 40.33
CA ALA B 498 -14.93 26.03 39.37
C ALA B 498 -15.01 25.00 38.24
N TRP B 499 -15.07 25.50 37.00
CA TRP B 499 -15.29 24.64 35.87
C TRP B 499 -14.11 23.69 35.65
N ALA B 500 -12.88 24.15 35.88
CA ALA B 500 -11.71 23.27 35.72
C ALA B 500 -11.69 22.19 36.82
N GLU B 501 -12.23 22.49 38.01
CA GLU B 501 -12.30 21.50 39.11
C GLU B 501 -13.30 20.41 38.75
N ASP B 502 -14.44 20.85 38.21
CA ASP B 502 -15.44 19.96 37.63
C ASP B 502 -14.95 19.03 36.53
N VAL B 503 -14.07 19.52 35.65
CA VAL B 503 -13.46 18.66 34.57
C VAL B 503 -12.47 17.66 35.20
N ASP B 504 -11.75 18.09 36.24
CA ASP B 504 -10.81 17.18 36.94
C ASP B 504 -11.46 16.05 37.72
N LEU B 505 -12.54 16.38 38.43
CA LEU B 505 -13.42 15.42 39.09
C LEU B 505 -13.82 14.29 38.14
N ARG B 506 -14.34 14.62 36.94
CA ARG B 506 -14.85 13.63 35.97
C ARG B 506 -13.71 12.82 35.34
N VAL B 507 -12.54 13.42 35.19
CA VAL B 507 -11.42 12.69 34.65
C VAL B 507 -10.97 11.64 35.69
N ASN B 508 -10.79 12.05 36.96
CA ASN B 508 -10.45 11.09 38.05
C ASN B 508 -11.51 10.02 38.19
N PHE B 509 -12.79 10.42 38.15
CA PHE B 509 -13.85 9.42 38.21
C PHE B 509 -13.60 8.32 37.18
N ALA B 510 -13.24 8.70 35.94
CA ALA B 510 -13.02 7.75 34.84
C ALA B 510 -11.71 6.96 35.00
N MET B 511 -10.77 7.47 35.80
CA MET B 511 -9.53 6.73 36.15
C MET B 511 -9.87 5.64 37.16
N ASN B 512 -10.84 5.92 38.04
CA ASN B 512 -11.20 4.98 39.10
C ASN B 512 -11.91 3.77 38.49
N VAL B 513 -12.85 4.01 37.60
CA VAL B 513 -13.60 2.99 36.89
C VAL B 513 -12.64 2.10 36.09
N GLY B 514 -11.63 2.68 35.48
CA GLY B 514 -10.75 1.90 34.60
C GLY B 514 -9.85 0.94 35.38
N LYS B 515 -9.32 1.42 36.54
CA LYS B 515 -8.56 0.58 37.49
C LYS B 515 -9.48 -0.51 38.06
N ALA B 516 -10.63 -0.12 38.62
CA ALA B 516 -11.62 -1.06 39.19
C ALA B 516 -11.94 -2.20 38.21
N ARG B 517 -12.20 -1.87 36.93
CA ARG B 517 -12.57 -2.85 35.93
C ARG B 517 -11.32 -3.51 35.31
N GLY B 518 -10.14 -3.01 35.62
CA GLY B 518 -8.91 -3.68 35.20
C GLY B 518 -8.46 -3.39 33.78
N PHE B 519 -8.82 -2.22 33.21
CA PHE B 519 -8.41 -1.82 31.84
C PHE B 519 -6.97 -1.28 31.84
N PHE B 520 -6.50 -0.84 33.00
CA PHE B 520 -5.16 -0.23 33.15
C PHE B 520 -4.79 -0.24 34.64
N LYS B 521 -3.52 -0.05 34.95
CA LYS B 521 -3.05 -0.01 36.36
C LYS B 521 -2.14 1.20 36.53
N LYS B 522 -2.02 1.71 37.76
CA LYS B 522 -1.24 2.93 38.08
C LYS B 522 0.15 2.84 37.43
N GLY B 523 0.52 3.88 36.67
CA GLY B 523 1.77 3.86 35.91
C GLY B 523 1.56 3.77 34.41
N ASP B 524 0.40 3.27 33.99
CA ASP B 524 0.01 3.20 32.58
C ASP B 524 -0.26 4.58 31.97
N VAL B 525 -0.30 4.64 30.64
CA VAL B 525 -0.51 5.91 29.95
C VAL B 525 -1.96 5.95 29.38
N VAL B 526 -2.72 7.03 29.69
CA VAL B 526 -4.04 7.24 29.07
C VAL B 526 -4.11 8.57 28.30
N ILE B 527 -4.99 8.60 27.26
CA ILE B 527 -5.33 9.79 26.45
C ILE B 527 -6.66 10.36 26.97
N VAL B 528 -6.65 11.60 27.51
CA VAL B 528 -7.83 12.33 27.99
C VAL B 528 -8.20 13.38 26.97
N LEU B 529 -9.49 13.56 26.71
CA LEU B 529 -10.00 14.44 25.66
C LEU B 529 -11.02 15.39 26.28
N THR B 530 -10.83 16.71 26.14
CA THR B 530 -11.73 17.67 26.76
C THR B 530 -11.85 18.90 25.87
N GLY B 531 -12.70 19.85 26.27
CA GLY B 531 -12.96 21.09 25.51
C GLY B 531 -12.40 22.29 26.22
N TRP B 532 -12.51 23.46 25.61
CA TRP B 532 -11.89 24.69 26.18
C TRP B 532 -12.89 25.53 26.97
N ARG B 533 -14.18 25.25 26.82
CA ARG B 533 -15.27 25.98 27.54
C ARG B 533 -16.44 25.00 27.75
N PRO B 534 -17.43 25.34 28.63
CA PRO B 534 -18.60 24.44 28.86
C PRO B 534 -19.58 24.34 27.67
N GLY B 535 -20.41 23.30 27.62
CA GLY B 535 -21.41 23.17 26.55
C GLY B 535 -20.95 22.22 25.45
N SER B 536 -21.85 21.82 24.56
CA SER B 536 -21.51 20.91 23.47
C SER B 536 -20.72 21.62 22.37
N GLY B 537 -19.84 20.85 21.72
CA GLY B 537 -19.30 21.20 20.40
C GLY B 537 -17.96 21.88 20.50
N PHE B 538 -17.37 21.93 21.70
CA PHE B 538 -16.13 22.67 21.90
C PHE B 538 -14.93 21.77 22.22
N THR B 539 -14.97 20.46 21.95
CA THR B 539 -13.87 19.54 22.30
C THR B 539 -12.64 19.86 21.46
N ASN B 540 -11.55 20.28 22.11
CA ASN B 540 -10.38 20.79 21.36
C ASN B 540 -9.04 20.24 21.91
N THR B 541 -8.92 20.02 23.24
CA THR B 541 -7.69 19.57 23.95
C THR B 541 -7.54 18.02 23.89
N MET B 542 -6.29 17.52 23.86
CA MET B 542 -5.90 16.08 23.97
C MET B 542 -4.63 15.95 24.84
N ARG B 543 -4.70 15.42 26.07
CA ARG B 543 -3.51 15.23 26.99
C ARG B 543 -3.14 13.74 27.12
N VAL B 544 -1.86 13.40 27.00
CA VAL B 544 -1.32 12.05 27.31
C VAL B 544 -0.92 12.02 28.79
N VAL B 545 -1.65 11.30 29.64
CA VAL B 545 -1.39 11.39 31.11
C VAL B 545 -1.00 10.02 31.69
N PRO B 546 -0.14 9.99 32.75
CA PRO B 546 0.12 8.80 33.60
C PRO B 546 -1.10 8.53 34.51
N VAL B 547 -1.44 7.25 34.68
CA VAL B 547 -2.58 6.90 35.55
C VAL B 547 -2.21 7.20 37.01
N PRO B 548 -3.01 8.06 37.69
CA PRO B 548 -2.76 8.47 39.08
C PRO B 548 -2.93 7.30 40.07
N MET C 39 13.57 -4.57 -3.26
CA MET C 39 13.07 -5.68 -2.39
C MET C 39 12.49 -5.12 -1.08
N ALA C 40 12.78 -3.85 -0.78
CA ALA C 40 12.29 -3.17 0.43
C ALA C 40 10.79 -2.88 0.30
N ASP C 41 10.10 -2.80 1.44
CA ASP C 41 8.64 -2.62 1.48
C ASP C 41 8.17 -1.16 1.45
N THR C 42 9.01 -0.25 1.95
CA THR C 42 8.80 1.20 1.84
C THR C 42 9.78 1.78 0.81
N PHE C 43 9.51 3.01 0.38
CA PHE C 43 10.45 3.78 -0.44
C PHE C 43 11.61 4.27 0.44
N LEU C 44 11.31 4.54 1.72
CA LEU C 44 12.33 5.00 2.64
C LEU C 44 13.36 3.88 2.91
N GLU C 45 12.90 2.66 3.18
CA GLU C 45 13.81 1.52 3.31
C GLU C 45 14.62 1.30 2.02
N HIS C 46 13.98 1.46 0.85
CA HIS C 46 14.66 1.28 -0.44
C HIS C 46 15.86 2.24 -0.61
N MET C 47 15.67 3.53 -0.32
CA MET C 47 16.74 4.55 -0.30
C MET C 47 17.86 4.08 0.63
N CYS C 48 17.50 3.77 1.89
CA CYS C 48 18.46 3.44 2.98
C CYS C 48 19.35 2.25 2.60
N ARG C 49 18.89 1.42 1.65
CA ARG C 49 19.58 0.18 1.32
C ARG C 49 20.53 0.40 0.13
N LEU C 50 20.48 1.59 -0.49
CA LEU C 50 21.30 1.88 -1.68
C LEU C 50 22.79 1.81 -1.29
N ASP C 51 23.59 1.21 -2.15
CA ASP C 51 24.98 0.92 -1.86
C ASP C 51 25.90 1.29 -3.02
N ILE C 52 26.97 2.03 -2.72
CA ILE C 52 27.88 2.57 -3.73
C ILE C 52 28.95 1.52 -4.08
N ASP C 53 28.89 0.35 -3.44
CA ASP C 53 29.83 -0.74 -3.69
C ASP C 53 29.23 -1.83 -4.56
N SER C 54 27.89 -1.92 -4.55
CA SER C 54 27.13 -2.82 -5.43
C SER C 54 27.25 -2.36 -6.89
N PRO C 55 27.84 -3.18 -7.78
CA PRO C 55 28.07 -2.83 -9.19
C PRO C 55 26.76 -2.77 -10.00
N PRO C 56 26.69 -1.88 -11.03
CA PRO C 56 25.51 -1.83 -11.91
C PRO C 56 25.53 -2.96 -12.96
N ILE C 57 24.42 -3.11 -13.68
CA ILE C 57 24.31 -4.06 -14.80
C ILE C 57 24.95 -3.42 -16.06
N THR C 58 25.30 -4.25 -17.05
CA THR C 58 26.03 -3.84 -18.28
C THR C 58 25.11 -3.05 -19.23
N ALA C 59 23.81 -3.33 -19.20
CA ALA C 59 22.84 -2.68 -20.07
C ALA C 59 22.56 -1.26 -19.56
N ARG C 60 22.53 -0.30 -20.49
CA ARG C 60 21.92 1.00 -20.25
C ARG C 60 20.49 0.96 -20.79
N ASN C 61 19.57 1.59 -20.06
CA ASN C 61 18.16 1.59 -20.42
C ASN C 61 17.74 2.94 -21.03
N THR C 62 18.34 4.04 -20.59
CA THR C 62 18.01 5.39 -21.07
C THR C 62 18.77 5.69 -22.38
N GLY C 63 18.06 6.07 -23.45
CA GLY C 63 18.75 6.43 -24.73
C GLY C 63 19.49 7.77 -24.67
N ILE C 64 20.42 8.01 -25.61
CA ILE C 64 21.20 9.23 -25.70
C ILE C 64 21.10 9.85 -27.11
N ILE C 65 20.53 11.07 -27.12
CA ILE C 65 20.46 12.00 -28.27
C ILE C 65 21.57 13.05 -28.11
N CYS C 66 22.39 13.20 -29.14
CA CYS C 66 23.46 14.21 -29.19
C CYS C 66 23.17 15.15 -30.37
N THR C 67 23.31 16.46 -30.13
CA THR C 67 23.27 17.44 -31.22
C THR C 67 24.59 17.40 -31.98
N ILE C 68 24.52 17.29 -33.32
CA ILE C 68 25.73 17.37 -34.15
C ILE C 68 25.95 18.82 -34.57
N GLY C 69 27.09 19.37 -34.14
CA GLY C 69 27.54 20.70 -34.54
C GLY C 69 28.91 20.64 -35.18
N PRO C 70 29.66 21.78 -35.17
CA PRO C 70 31.04 21.89 -35.72
C PRO C 70 32.04 20.89 -35.10
N ALA C 71 31.95 20.70 -33.77
CA ALA C 71 32.95 19.95 -32.98
C ALA C 71 32.67 18.44 -32.97
N SER C 72 31.79 17.94 -33.86
CA SER C 72 31.37 16.53 -33.85
C SER C 72 30.88 16.08 -35.24
N ARG C 73 30.96 16.96 -36.23
CA ARG C 73 30.48 16.73 -37.61
C ARG C 73 31.35 15.71 -38.36
N SER C 74 32.58 15.46 -37.89
CA SER C 74 33.58 14.65 -38.64
C SER C 74 33.30 13.14 -38.53
N VAL C 75 33.53 12.41 -39.63
CA VAL C 75 33.32 10.94 -39.72
C VAL C 75 34.16 10.20 -38.68
N GLU C 76 35.30 10.78 -38.29
CA GLU C 76 36.15 10.18 -37.26
C GLU C 76 35.57 10.40 -35.86
N THR C 77 35.07 11.61 -35.58
CA THR C 77 34.53 11.95 -34.24
C THR C 77 33.20 11.21 -34.00
N LEU C 78 32.43 11.05 -35.07
CA LEU C 78 31.15 10.35 -35.07
C LEU C 78 31.33 8.87 -34.73
N LYS C 79 32.30 8.20 -35.37
CA LYS C 79 32.63 6.80 -35.05
C LYS C 79 32.88 6.64 -33.54
N GLU C 80 33.57 7.59 -32.93
CA GLU C 80 33.93 7.52 -31.53
C GLU C 80 32.69 7.70 -30.64
N MET C 81 31.72 8.51 -31.09
CA MET C 81 30.49 8.75 -30.32
C MET C 81 29.52 7.56 -30.48
N ILE C 82 29.50 6.93 -31.65
CA ILE C 82 28.71 5.71 -31.80
C ILE C 82 29.25 4.62 -30.87
N LYS C 83 30.58 4.52 -30.73
CA LYS C 83 31.17 3.54 -29.81
C LYS C 83 30.92 3.91 -28.34
N SER C 84 30.73 5.20 -28.06
CA SER C 84 30.54 5.69 -26.70
C SER C 84 29.06 5.57 -26.29
N GLY C 85 28.19 5.24 -27.26
CA GLY C 85 26.78 4.97 -27.00
C GLY C 85 25.87 6.13 -27.36
N MET C 86 26.09 6.72 -28.53
CA MET C 86 25.12 7.64 -29.14
C MET C 86 24.11 6.82 -29.94
N ASN C 87 22.82 7.10 -29.75
CA ASN C 87 21.74 6.37 -30.41
C ASN C 87 21.06 7.24 -31.47
N VAL C 88 21.00 8.56 -31.28
CA VAL C 88 20.15 9.52 -32.06
C VAL C 88 21.02 10.74 -32.39
N ALA C 89 21.24 11.03 -33.67
CA ALA C 89 21.99 12.24 -34.11
C ALA C 89 21.00 13.36 -34.48
N ARG C 90 20.95 14.45 -33.69
CA ARG C 90 19.98 15.55 -33.92
C ARG C 90 20.63 16.72 -34.69
N LEU C 91 19.97 17.16 -35.74
CA LEU C 91 20.39 18.27 -36.60
C LEU C 91 19.49 19.49 -36.33
N ASN C 92 20.12 20.60 -35.96
CA ASN C 92 19.39 21.83 -35.57
C ASN C 92 19.25 22.74 -36.80
N PHE C 93 18.01 22.93 -37.25
CA PHE C 93 17.71 23.68 -38.49
C PHE C 93 17.46 25.16 -38.18
N SER C 94 17.87 25.59 -36.99
CA SER C 94 17.95 27.02 -36.63
C SER C 94 19.00 27.71 -37.54
N HIS C 95 20.12 27.02 -37.75
CA HIS C 95 21.30 27.59 -38.39
C HIS C 95 21.82 26.61 -39.44
N GLY C 96 22.31 27.15 -40.55
CA GLY C 96 22.87 26.34 -41.61
C GLY C 96 21.96 26.26 -42.82
N THR C 97 22.56 26.05 -43.98
CA THR C 97 21.81 25.84 -45.23
C THR C 97 21.41 24.36 -45.32
N HIS C 98 20.59 24.02 -46.31
CA HIS C 98 20.24 22.62 -46.62
C HIS C 98 21.49 21.83 -47.02
N GLU C 99 22.43 22.49 -47.69
CA GLU C 99 23.63 21.83 -48.21
C GLU C 99 24.55 21.44 -47.05
N TYR C 100 24.66 22.30 -46.03
CA TYR C 100 25.49 22.02 -44.84
C TYR C 100 24.89 20.80 -44.11
N HIS C 101 23.56 20.79 -43.95
CA HIS C 101 22.85 19.73 -43.21
C HIS C 101 22.93 18.38 -43.91
N ALA C 102 22.82 18.37 -45.25
CA ALA C 102 22.91 17.14 -46.07
C ALA C 102 24.34 16.57 -46.04
N GLU C 103 25.31 17.43 -45.75
CA GLU C 103 26.69 17.01 -45.55
C GLU C 103 26.84 16.39 -44.15
N THR C 104 26.01 16.83 -43.20
CA THR C 104 26.01 16.22 -41.86
C THR C 104 25.37 14.82 -41.96
N ILE C 105 24.29 14.69 -42.72
CA ILE C 105 23.52 13.44 -42.79
C ILE C 105 24.36 12.34 -43.46
N LYS C 106 25.09 12.71 -44.50
CA LYS C 106 26.01 11.80 -45.17
C LYS C 106 27.05 11.27 -44.16
N ASN C 107 27.62 12.16 -43.35
CA ASN C 107 28.67 11.80 -42.40
C ASN C 107 28.14 10.82 -41.34
N VAL C 108 27.02 11.17 -40.70
CA VAL C 108 26.35 10.31 -39.71
C VAL C 108 26.16 8.89 -40.27
N ARG C 109 25.67 8.78 -41.52
CA ARG C 109 25.36 7.49 -42.14
C ARG C 109 26.65 6.73 -42.53
N THR C 110 27.71 7.46 -42.88
CA THR C 110 28.97 6.82 -43.28
C THR C 110 29.57 6.15 -42.05
N ALA C 111 29.70 6.92 -40.96
CA ALA C 111 30.18 6.44 -39.67
C ALA C 111 29.35 5.21 -39.23
N THR C 112 28.02 5.32 -39.28
CA THR C 112 27.09 4.23 -38.91
C THR C 112 27.41 2.97 -39.73
N GLU C 113 27.47 3.09 -41.06
CA GLU C 113 27.63 1.91 -41.95
C GLU C 113 29.04 1.31 -41.89
N SER C 114 30.00 2.01 -41.27
CA SER C 114 31.38 1.51 -41.07
C SER C 114 31.38 0.25 -40.19
N PHE C 115 30.47 0.19 -39.20
CA PHE C 115 30.37 -0.97 -38.30
C PHE C 115 29.41 -2.04 -38.85
N ALA C 116 28.91 -1.88 -40.09
CA ALA C 116 27.84 -2.73 -40.61
C ALA C 116 28.36 -4.12 -41.01
N SER C 117 29.68 -4.29 -41.11
CA SER C 117 30.33 -5.54 -41.55
C SER C 117 30.04 -6.68 -40.56
N ASP C 118 30.18 -6.41 -39.25
CA ASP C 118 29.78 -7.35 -38.19
C ASP C 118 28.32 -7.15 -37.77
N PRO C 119 27.41 -8.05 -38.23
CA PRO C 119 25.97 -7.92 -37.95
C PRO C 119 25.68 -8.01 -36.44
N ILE C 120 26.53 -8.71 -35.69
CA ILE C 120 26.35 -8.87 -34.25
C ILE C 120 26.63 -7.53 -33.54
N LEU C 121 27.59 -6.74 -34.04
CA LEU C 121 28.07 -5.57 -33.30
C LEU C 121 27.43 -4.26 -33.82
N TYR C 122 26.89 -4.29 -35.03
CA TYR C 122 26.20 -3.13 -35.63
C TYR C 122 25.20 -2.50 -34.64
N ARG C 123 25.19 -1.18 -34.57
CA ARG C 123 24.18 -0.46 -33.83
C ARG C 123 23.49 0.49 -34.79
N PRO C 124 22.15 0.40 -34.90
CA PRO C 124 21.42 1.40 -35.68
C PRO C 124 21.41 2.77 -34.99
N VAL C 125 21.53 3.84 -35.79
CA VAL C 125 21.61 5.22 -35.31
C VAL C 125 20.51 6.03 -36.00
N ALA C 126 19.61 6.63 -35.23
CA ALA C 126 18.53 7.46 -35.83
C ALA C 126 19.04 8.87 -36.19
N VAL C 127 18.44 9.47 -37.21
CA VAL C 127 18.57 10.94 -37.45
C VAL C 127 17.29 11.69 -37.03
N ALA C 128 17.45 12.86 -36.42
CA ALA C 128 16.31 13.69 -36.00
C ALA C 128 16.48 15.12 -36.55
N LEU C 129 15.38 15.66 -37.07
CA LEU C 129 15.37 17.00 -37.57
C LEU C 129 14.71 17.91 -36.53
N ASP C 130 15.38 18.99 -36.15
CA ASP C 130 14.78 19.91 -35.18
C ASP C 130 14.46 21.23 -35.89
N THR C 131 13.17 21.44 -36.20
CA THR C 131 12.68 22.66 -36.89
C THR C 131 12.99 23.91 -36.07
N LYS C 132 13.31 25.01 -36.77
CA LYS C 132 13.44 26.35 -36.16
C LYS C 132 12.14 26.74 -35.44
N GLY C 133 11.00 26.60 -36.10
CA GLY C 133 9.70 27.00 -35.56
C GLY C 133 9.48 28.51 -35.65
N PRO C 134 8.37 29.02 -35.06
CA PRO C 134 8.07 30.47 -35.06
C PRO C 134 8.99 31.31 -34.17
N LEU C 235 1.62 33.76 -33.96
CA LEU C 235 2.33 33.32 -35.17
C LEU C 235 1.75 31.98 -35.62
N PRO C 236 2.01 31.57 -36.89
CA PRO C 236 1.48 30.28 -37.38
C PRO C 236 2.26 29.09 -36.79
N ALA C 237 1.66 27.90 -36.86
CA ALA C 237 2.25 26.66 -36.34
C ALA C 237 3.49 26.26 -37.15
N VAL C 238 3.41 26.49 -38.46
CA VAL C 238 4.47 26.14 -39.41
C VAL C 238 4.71 27.36 -40.30
N SER C 239 5.87 27.99 -40.12
CA SER C 239 6.30 29.10 -41.00
C SER C 239 6.74 28.56 -42.37
N GLU C 240 7.12 29.46 -43.27
CA GLU C 240 7.50 29.11 -44.65
C GLU C 240 8.80 28.30 -44.66
N LYS C 241 9.73 28.67 -43.77
CA LYS C 241 11.02 27.99 -43.64
C LYS C 241 10.80 26.53 -43.25
N ASP C 242 9.94 26.31 -42.24
CA ASP C 242 9.61 24.97 -41.75
C ASP C 242 9.03 24.05 -42.81
N ILE C 243 8.18 24.59 -43.69
CA ILE C 243 7.57 23.82 -44.79
C ILE C 243 8.67 23.25 -45.72
N GLN C 244 9.72 24.03 -45.99
CA GLN C 244 10.82 23.59 -46.87
C GLN C 244 11.70 22.56 -46.14
N ASP C 245 11.95 22.83 -44.86
CA ASP C 245 12.75 21.96 -43.98
C ASP C 245 12.10 20.57 -43.79
N LEU C 246 10.83 20.57 -43.40
CA LEU C 246 10.05 19.33 -43.27
C LEU C 246 10.06 18.59 -44.60
N LYS C 247 9.98 19.31 -45.72
CA LYS C 247 9.99 18.68 -47.07
C LYS C 247 11.37 18.05 -47.37
N PHE C 248 12.42 18.72 -46.93
CA PHE C 248 13.79 18.25 -47.05
C PHE C 248 14.00 17.01 -46.16
N GLY C 249 13.30 16.96 -45.02
CA GLY C 249 13.38 15.85 -44.07
C GLY C 249 12.85 14.54 -44.63
N VAL C 250 11.68 14.62 -45.29
CA VAL C 250 11.07 13.49 -46.00
C VAL C 250 12.00 13.02 -47.13
N GLU C 251 12.64 13.95 -47.83
CA GLU C 251 13.54 13.60 -48.94
C GLU C 251 14.80 12.90 -48.43
N GLN C 252 15.34 13.38 -47.30
CA GLN C 252 16.58 12.86 -46.72
C GLN C 252 16.30 11.63 -45.85
N ASP C 253 15.02 11.31 -45.61
CA ASP C 253 14.59 10.05 -44.95
C ASP C 253 14.92 10.00 -43.43
N VAL C 254 14.55 11.07 -42.73
CA VAL C 254 14.84 11.17 -41.31
C VAL C 254 13.89 10.22 -40.56
N ASP C 255 14.22 9.90 -39.29
CA ASP C 255 13.42 8.95 -38.52
C ASP C 255 12.43 9.65 -37.61
N MET C 256 12.74 10.86 -37.26
CA MET C 256 11.83 11.61 -36.46
C MET C 256 12.03 13.10 -36.75
N VAL C 257 11.06 13.90 -36.27
CA VAL C 257 11.04 15.35 -36.34
C VAL C 257 10.75 15.87 -34.93
N PHE C 258 11.58 16.77 -34.42
CA PHE C 258 11.22 17.53 -33.25
C PHE C 258 10.57 18.82 -33.72
N ALA C 259 9.28 18.97 -33.42
CA ALA C 259 8.52 20.14 -33.84
C ALA C 259 8.58 21.19 -32.73
N SER C 260 9.09 22.39 -33.05
CA SER C 260 9.23 23.51 -32.10
C SER C 260 7.91 24.28 -31.90
N PHE C 261 7.72 24.81 -30.69
CA PHE C 261 6.66 25.80 -30.31
C PHE C 261 5.25 25.25 -30.57
N ILE C 262 4.98 24.09 -30.00
CA ILE C 262 3.69 23.46 -30.10
C ILE C 262 2.77 24.04 -29.01
N ARG C 263 1.63 24.61 -29.41
CA ARG C 263 0.80 25.33 -28.44
C ARG C 263 -0.57 24.65 -28.28
N LYS C 264 -0.90 23.73 -29.19
CA LYS C 264 -2.24 23.09 -29.26
C LYS C 264 -2.18 21.89 -30.22
N ALA C 265 -3.11 20.95 -30.07
CA ALA C 265 -3.22 19.75 -30.91
C ALA C 265 -3.23 20.10 -32.41
N SER C 266 -3.88 21.19 -32.82
CA SER C 266 -4.03 21.53 -34.25
C SER C 266 -2.68 21.89 -34.89
N ASP C 267 -1.66 22.24 -34.08
CA ASP C 267 -0.28 22.45 -34.56
C ASP C 267 0.39 21.13 -35.00
N VAL C 268 0.09 20.07 -34.27
CA VAL C 268 0.65 18.78 -34.54
C VAL C 268 -0.03 18.24 -35.80
N HIS C 269 -1.31 18.58 -35.99
CA HIS C 269 -2.05 18.14 -37.20
C HIS C 269 -1.49 18.85 -38.45
N GLU C 270 -1.06 20.09 -38.29
CA GLU C 270 -0.46 20.88 -39.39
C GLU C 270 0.86 20.25 -39.84
N VAL C 271 1.70 19.84 -38.90
CA VAL C 271 3.00 19.20 -39.17
C VAL C 271 2.75 17.87 -39.90
N ARG C 272 1.78 17.10 -39.41
CA ARG C 272 1.46 15.77 -39.91
C ARG C 272 0.99 15.88 -41.38
N LYS C 273 0.22 16.92 -41.72
CA LYS C 273 -0.27 17.17 -43.09
C LYS C 273 0.89 17.50 -44.03
N VAL C 274 1.84 18.33 -43.58
CA VAL C 274 2.96 18.76 -44.42
C VAL C 274 3.86 17.57 -44.79
N LEU C 275 4.07 16.65 -43.84
CA LEU C 275 4.90 15.47 -44.04
C LEU C 275 4.26 14.61 -45.14
N GLY C 276 2.92 14.56 -45.14
CA GLY C 276 2.16 13.94 -46.24
C GLY C 276 1.94 12.45 -46.03
N GLU C 277 2.00 11.69 -47.12
CA GLU C 277 1.90 10.25 -47.08
C GLU C 277 3.30 9.65 -47.29
N LYS C 278 4.18 10.41 -47.92
CA LYS C 278 5.59 10.00 -48.09
C LYS C 278 6.31 9.96 -46.74
N GLY C 279 5.87 10.77 -45.76
CA GLY C 279 6.51 10.80 -44.45
C GLY C 279 5.59 10.34 -43.33
N LYS C 280 4.65 9.46 -43.64
CA LYS C 280 3.58 9.07 -42.70
C LYS C 280 4.15 8.25 -41.53
N ASN C 281 5.33 7.63 -41.74
CA ASN C 281 5.97 6.77 -40.75
C ASN C 281 7.09 7.52 -40.01
N ILE C 282 7.07 8.85 -40.06
CA ILE C 282 8.04 9.69 -39.34
C ILE C 282 7.40 10.05 -38.00
N LYS C 283 8.16 9.97 -36.92
CA LYS C 283 7.58 10.21 -35.59
C LYS C 283 7.64 11.71 -35.26
N ILE C 284 6.54 12.27 -34.77
CA ILE C 284 6.50 13.68 -34.41
C ILE C 284 6.57 13.82 -32.88
N ILE C 285 7.67 14.42 -32.41
CA ILE C 285 7.90 14.71 -31.02
C ILE C 285 7.63 16.22 -30.82
N SER C 286 6.62 16.56 -30.04
CA SER C 286 6.24 17.97 -29.79
C SER C 286 7.12 18.57 -28.68
N LYS C 287 7.88 19.62 -29.01
CA LYS C 287 8.59 20.40 -28.00
C LYS C 287 7.60 21.31 -27.26
N ILE C 288 7.49 21.10 -25.95
CA ILE C 288 6.78 22.01 -25.09
C ILE C 288 7.77 23.12 -24.69
N GLU C 289 7.35 24.38 -24.80
CA GLU C 289 8.28 25.51 -24.76
C GLU C 289 7.60 26.75 -24.16
N ASN C 290 6.30 26.70 -23.83
CA ASN C 290 5.61 27.90 -23.26
C ASN C 290 4.47 27.48 -22.32
N HIS C 291 3.85 28.48 -21.68
CA HIS C 291 2.79 28.28 -20.68
C HIS C 291 1.51 27.68 -21.30
N GLU C 292 1.24 27.93 -22.60
CA GLU C 292 -0.02 27.46 -23.24
C GLU C 292 0.15 25.99 -23.68
N GLY C 293 1.32 25.70 -24.24
CA GLY C 293 1.79 24.34 -24.45
C GLY C 293 1.70 23.50 -23.18
N VAL C 294 2.05 24.06 -22.01
CA VAL C 294 1.92 23.31 -20.73
C VAL C 294 0.43 23.15 -20.38
N ARG C 295 -0.34 24.23 -20.47
CA ARG C 295 -1.74 24.29 -20.01
C ARG C 295 -2.62 23.30 -20.81
N ARG C 296 -2.26 23.09 -22.09
CA ARG C 296 -3.04 22.21 -22.96
C ARG C 296 -2.26 20.91 -23.26
N PHE C 297 -1.50 20.41 -22.27
CA PHE C 297 -0.57 19.29 -22.49
C PHE C 297 -1.31 18.04 -22.98
N ASP C 298 -2.40 17.69 -22.31
CA ASP C 298 -3.17 16.45 -22.58
C ASP C 298 -3.64 16.24 -24.01
N GLU C 299 -4.01 17.32 -24.71
CA GLU C 299 -4.52 17.19 -26.06
C GLU C 299 -3.35 17.06 -27.06
N ILE C 300 -2.20 17.63 -26.70
CA ILE C 300 -0.97 17.57 -27.50
C ILE C 300 -0.40 16.14 -27.45
N LEU C 301 -0.44 15.53 -26.28
CA LEU C 301 0.08 14.20 -26.03
C LEU C 301 -0.79 13.18 -26.78
N GLU C 302 -2.07 13.46 -26.90
CA GLU C 302 -2.99 12.58 -27.61
C GLU C 302 -2.73 12.69 -29.11
N ALA C 303 -2.17 13.81 -29.54
CA ALA C 303 -1.98 14.09 -30.97
C ALA C 303 -0.58 13.69 -31.45
N SER C 304 0.33 13.39 -30.50
CA SER C 304 1.79 13.30 -30.79
C SER C 304 2.29 11.84 -30.83
N ASP C 305 3.56 11.67 -31.18
CA ASP C 305 4.16 10.35 -31.05
C ASP C 305 5.01 10.28 -29.80
N GLY C 306 5.36 11.45 -29.25
CA GLY C 306 6.05 11.61 -27.98
C GLY C 306 6.29 13.09 -27.67
N ILE C 307 7.00 13.37 -26.58
CA ILE C 307 7.08 14.73 -26.00
C ILE C 307 8.54 15.08 -25.71
N MET C 308 8.91 16.35 -25.85
CA MET C 308 10.24 16.83 -25.42
C MET C 308 10.03 17.99 -24.47
N VAL C 309 10.47 17.77 -23.22
CA VAL C 309 10.58 18.81 -22.24
C VAL C 309 11.84 19.60 -22.61
N ALA C 310 11.60 20.75 -23.25
CA ALA C 310 12.67 21.61 -23.72
C ALA C 310 12.92 22.70 -22.65
N ARG C 311 13.82 22.44 -21.70
CA ARG C 311 13.86 23.22 -20.44
C ARG C 311 14.38 24.65 -20.64
N GLY C 312 15.26 24.86 -21.63
CA GLY C 312 15.83 26.19 -21.90
C GLY C 312 14.76 27.25 -22.11
N ASP C 313 13.93 27.02 -23.12
CA ASP C 313 12.89 27.96 -23.52
C ASP C 313 11.75 27.97 -22.53
N LEU C 314 11.45 26.79 -21.96
CA LEU C 314 10.43 26.65 -20.94
C LEU C 314 10.82 27.49 -19.72
N GLY C 315 12.13 27.64 -19.48
CA GLY C 315 12.67 28.38 -18.34
C GLY C 315 12.69 29.90 -18.54
N ILE C 316 12.58 30.32 -19.80
CA ILE C 316 12.55 31.73 -20.19
C ILE C 316 11.11 32.26 -20.08
N GLU C 317 10.15 31.40 -20.40
CA GLU C 317 8.75 31.79 -20.57
C GLU C 317 7.92 31.51 -19.32
N ILE C 318 8.44 30.71 -18.39
CA ILE C 318 7.83 30.53 -17.04
C ILE C 318 8.92 30.81 -16.00
N PRO C 319 8.55 31.10 -14.71
CA PRO C 319 9.54 31.33 -13.63
C PRO C 319 10.48 30.11 -13.46
N ALA C 320 11.80 30.33 -13.48
CA ALA C 320 12.78 29.23 -13.54
C ALA C 320 12.60 28.22 -12.40
N GLU C 321 12.08 28.70 -11.25
CA GLU C 321 11.83 27.89 -10.05
C GLU C 321 10.66 26.90 -10.27
N LYS C 322 9.92 27.01 -11.37
CA LYS C 322 8.72 26.19 -11.61
C LYS C 322 9.01 25.09 -12.65
N VAL C 323 10.13 25.23 -13.35
CA VAL C 323 10.48 24.34 -14.47
C VAL C 323 10.52 22.89 -13.99
N PHE C 324 11.11 22.68 -12.82
CA PHE C 324 11.25 21.34 -12.25
C PHE C 324 9.86 20.70 -12.07
N LEU C 325 8.84 21.50 -11.74
CA LEU C 325 7.45 21.02 -11.56
C LEU C 325 6.87 20.60 -12.92
N ALA C 326 6.98 21.48 -13.92
CA ALA C 326 6.48 21.18 -15.27
C ALA C 326 7.14 19.91 -15.79
N GLN C 327 8.46 19.79 -15.64
CA GLN C 327 9.19 18.60 -16.07
C GLN C 327 8.58 17.32 -15.47
N LYS C 328 8.29 17.31 -14.16
CA LYS C 328 7.82 16.09 -13.49
C LYS C 328 6.38 15.75 -13.89
N MET C 329 5.55 16.76 -14.00
CA MET C 329 4.16 16.61 -14.44
C MET C 329 4.16 15.89 -15.80
N MET C 330 4.97 16.40 -16.73
CA MET C 330 4.99 15.88 -18.08
C MET C 330 5.58 14.46 -18.13
N ILE C 331 6.57 14.13 -17.30
CA ILE C 331 7.12 12.77 -17.39
C ILE C 331 6.11 11.79 -16.77
N GLY C 332 5.49 12.20 -15.66
CA GLY C 332 4.37 11.46 -15.07
C GLY C 332 3.35 11.06 -16.12
N ARG C 333 2.81 12.07 -16.81
CA ARG C 333 1.72 11.90 -17.76
C ARG C 333 2.15 11.10 -19.00
N CYS C 334 3.37 11.30 -19.51
CA CYS C 334 3.84 10.48 -20.67
C CYS C 334 4.06 9.01 -20.28
N ASN C 335 4.46 8.75 -19.04
CA ASN C 335 4.69 7.41 -18.52
C ASN C 335 3.36 6.64 -18.48
N ARG C 336 2.30 7.35 -18.08
CA ARG C 336 0.98 6.79 -17.88
C ARG C 336 0.33 6.50 -19.24
N ALA C 337 0.62 7.31 -20.25
CA ALA C 337 0.08 7.11 -21.60
C ALA C 337 0.91 6.05 -22.35
N GLY C 338 2.12 5.75 -21.88
CA GLY C 338 3.03 4.87 -22.63
C GLY C 338 3.68 5.58 -23.82
N LYS C 339 3.86 6.91 -23.71
CA LYS C 339 4.48 7.72 -24.78
C LYS C 339 5.88 8.12 -24.32
N PRO C 340 6.87 8.09 -25.23
CA PRO C 340 8.24 8.49 -24.94
C PRO C 340 8.36 9.99 -24.62
N VAL C 341 9.07 10.28 -23.54
CA VAL C 341 9.40 11.64 -23.15
C VAL C 341 10.94 11.77 -23.12
N ILE C 342 11.40 12.86 -23.71
CA ILE C 342 12.81 13.23 -23.79
C ILE C 342 13.06 14.42 -22.85
N CYS C 343 14.08 14.32 -22.03
CA CYS C 343 14.49 15.44 -21.19
C CYS C 343 15.71 16.08 -21.83
N ALA C 344 15.67 17.41 -21.98
CA ALA C 344 16.63 18.14 -22.81
C ALA C 344 17.20 19.37 -22.08
N THR C 345 18.36 19.85 -22.56
CA THR C 345 18.88 21.25 -22.36
C THR C 345 19.54 21.47 -20.99
N GLN C 346 20.81 21.90 -21.04
CA GLN C 346 21.65 22.30 -19.87
C GLN C 346 21.76 21.16 -18.86
N MET C 347 21.99 19.96 -19.39
CA MET C 347 22.09 18.78 -18.55
C MET C 347 23.53 18.64 -18.05
N LEU C 348 24.52 18.83 -18.95
CA LEU C 348 25.95 18.74 -18.61
C LEU C 348 26.68 20.03 -19.03
N GLU C 349 26.10 21.18 -18.70
CA GLU C 349 26.49 22.52 -19.23
C GLU C 349 27.95 22.85 -18.93
N SER C 350 28.47 22.47 -17.76
CA SER C 350 29.86 22.83 -17.36
C SER C 350 30.90 22.03 -18.19
N MET C 351 30.44 20.98 -18.89
CA MET C 351 31.30 20.07 -19.67
C MET C 351 31.54 20.61 -21.10
N ILE C 352 31.11 21.84 -21.34
CA ILE C 352 31.44 22.56 -22.59
C ILE C 352 32.91 23.01 -22.52
N LYS C 353 33.39 23.29 -21.30
CA LYS C 353 34.70 23.91 -21.06
C LYS C 353 35.61 22.98 -20.23
N LYS C 354 35.03 22.18 -19.33
CA LYS C 354 35.79 21.33 -18.39
C LYS C 354 35.42 19.85 -18.62
N PRO C 355 36.41 18.92 -18.56
CA PRO C 355 36.16 17.48 -18.82
C PRO C 355 35.34 16.74 -17.75
N ARG C 356 34.90 17.47 -16.71
CA ARG C 356 34.18 16.91 -15.55
C ARG C 356 32.94 17.77 -15.26
N PRO C 357 31.78 17.13 -14.95
CA PRO C 357 30.57 17.89 -14.59
C PRO C 357 30.63 18.40 -13.13
N THR C 358 29.79 19.40 -12.82
CA THR C 358 29.54 19.83 -11.45
C THR C 358 28.67 18.75 -10.77
N ARG C 359 28.57 18.82 -9.44
CA ARG C 359 27.78 17.87 -8.63
C ARG C 359 26.29 17.98 -9.00
N ALA C 360 25.84 19.20 -9.33
CA ALA C 360 24.45 19.49 -9.73
C ALA C 360 24.09 18.77 -11.04
N GLU C 361 25.06 18.68 -11.97
CA GLU C 361 24.81 18.13 -13.30
C GLU C 361 24.72 16.60 -13.22
N GLY C 362 25.58 16.00 -12.40
CA GLY C 362 25.51 14.58 -12.10
C GLY C 362 24.16 14.19 -11.49
N SER C 363 23.65 15.05 -10.61
CA SER C 363 22.37 14.83 -9.93
C SER C 363 21.19 15.03 -10.90
N ASP C 364 21.28 16.04 -11.75
CA ASP C 364 20.23 16.37 -12.73
C ASP C 364 19.88 15.25 -13.75
N VAL C 365 20.91 14.74 -14.44
CA VAL C 365 20.83 13.57 -15.33
C VAL C 365 20.26 12.36 -14.58
N ALA C 366 20.78 12.07 -13.39
CA ALA C 366 20.30 10.96 -12.56
C ALA C 366 18.83 11.15 -12.15
N ASN C 367 18.40 12.39 -11.96
CA ASN C 367 17.05 12.64 -11.43
C ASN C 367 16.02 12.53 -12.55
N ALA C 368 16.38 12.96 -13.77
CA ALA C 368 15.57 12.74 -14.98
C ALA C 368 15.40 11.23 -15.22
N VAL C 369 16.51 10.47 -15.15
CA VAL C 369 16.45 9.03 -15.25
C VAL C 369 15.50 8.48 -14.17
N LEU C 370 15.64 8.90 -12.91
CA LEU C 370 14.78 8.34 -11.81
C LEU C 370 13.30 8.72 -11.99
N ASP C 371 13.02 9.93 -12.47
CA ASP C 371 11.64 10.38 -12.80
C ASP C 371 10.94 9.51 -13.89
N GLY C 372 11.72 9.05 -14.86
CA GLY C 372 11.20 8.18 -15.87
C GLY C 372 11.31 8.76 -17.27
N ALA C 373 12.30 9.61 -17.52
CA ALA C 373 12.62 10.05 -18.87
C ALA C 373 13.07 8.84 -19.70
N ASP C 374 12.62 8.77 -20.96
CA ASP C 374 13.05 7.75 -21.92
C ASP C 374 14.43 7.99 -22.53
N CYS C 375 14.73 9.23 -22.89
CA CYS C 375 16.04 9.61 -23.42
C CYS C 375 16.49 10.90 -22.72
N ILE C 376 17.78 11.17 -22.83
CA ILE C 376 18.34 12.42 -22.36
C ILE C 376 19.07 13.07 -23.54
N MET C 377 19.18 14.40 -23.50
CA MET C 377 19.76 15.14 -24.61
C MET C 377 20.96 15.99 -24.17
N LEU C 378 21.96 16.01 -25.06
CA LEU C 378 23.14 16.87 -24.98
C LEU C 378 23.05 17.89 -26.13
N SER C 379 22.89 19.16 -25.77
CA SER C 379 22.79 20.25 -26.74
C SER C 379 24.20 20.76 -27.11
N GLY C 380 24.65 21.83 -26.44
CA GLY C 380 25.91 22.52 -26.74
C GLY C 380 27.15 21.67 -26.50
N GLU C 381 27.06 20.73 -25.56
CA GLU C 381 28.20 19.90 -25.07
C GLU C 381 28.78 19.06 -26.24
N THR C 382 27.91 18.59 -27.13
CA THR C 382 28.30 17.74 -28.26
C THR C 382 28.51 18.56 -29.53
N ALA C 383 27.85 19.72 -29.59
CA ALA C 383 27.80 20.58 -30.78
C ALA C 383 29.07 21.47 -30.87
N LYS C 384 29.39 22.19 -29.78
CA LYS C 384 30.33 23.32 -29.87
C LYS C 384 31.50 23.16 -28.87
N GLY C 385 31.31 22.35 -27.82
CA GLY C 385 32.28 22.26 -26.71
C GLY C 385 33.56 21.50 -27.09
N ASP C 386 34.44 21.36 -26.09
CA ASP C 386 35.79 20.80 -26.29
C ASP C 386 35.87 19.29 -26.03
N TYR C 387 34.87 18.76 -25.35
CA TYR C 387 34.86 17.38 -24.87
C TYR C 387 33.56 16.70 -25.27
N PRO C 388 33.32 16.47 -26.59
CA PRO C 388 32.12 15.75 -27.03
C PRO C 388 32.07 14.31 -26.50
N LEU C 389 33.16 13.54 -26.66
CA LEU C 389 33.21 12.12 -26.26
C LEU C 389 33.09 11.99 -24.75
N GLU C 390 33.74 12.88 -23.99
CA GLU C 390 33.71 12.81 -22.50
C GLU C 390 32.26 13.00 -22.03
N ALA C 391 31.56 13.96 -22.63
CA ALA C 391 30.15 14.23 -22.31
C ALA C 391 29.28 13.00 -22.60
N VAL C 392 29.48 12.34 -23.74
CA VAL C 392 28.71 11.13 -24.07
C VAL C 392 29.05 10.01 -23.08
N ARG C 393 30.33 9.90 -22.73
CA ARG C 393 30.77 8.84 -21.83
C ARG C 393 30.25 9.09 -20.41
N MET C 394 30.14 10.35 -20.02
CA MET C 394 29.59 10.71 -18.70
C MET C 394 28.09 10.44 -18.63
N GLN C 395 27.39 10.66 -19.75
CA GLN C 395 25.94 10.41 -19.84
C GLN C 395 25.65 8.92 -19.78
N HIS C 396 26.51 8.12 -20.41
CA HIS C 396 26.44 6.67 -20.30
C HIS C 396 26.58 6.23 -18.83
N LEU C 397 27.62 6.69 -18.12
CA LEU C 397 27.94 6.16 -16.77
C LEU C 397 26.85 6.47 -15.74
N ILE C 398 26.44 7.74 -15.66
CA ILE C 398 25.38 8.22 -14.76
C ILE C 398 24.12 7.38 -14.97
N ALA C 399 23.72 7.19 -16.23
CA ALA C 399 22.46 6.53 -16.57
C ALA C 399 22.45 5.06 -16.07
N ARG C 400 23.52 4.28 -16.28
CA ARG C 400 23.52 2.89 -15.72
C ARG C 400 23.32 2.93 -14.20
N GLU C 401 24.10 3.80 -13.53
CA GLU C 401 24.06 3.91 -12.09
C GLU C 401 22.64 4.27 -11.62
N ALA C 402 21.98 5.26 -12.23
CA ALA C 402 20.66 5.70 -11.74
C ALA C 402 19.58 4.65 -12.02
N GLU C 403 19.75 3.84 -13.08
CA GLU C 403 18.80 2.76 -13.40
C GLU C 403 18.86 1.64 -12.36
N ALA C 404 19.90 1.63 -11.52
CA ALA C 404 20.04 0.63 -10.45
C ALA C 404 19.47 1.16 -9.10
N ALA C 405 18.91 2.36 -9.11
CA ALA C 405 18.34 2.98 -7.91
C ALA C 405 16.81 3.10 -8.04
N ILE C 406 16.23 2.66 -9.16
CA ILE C 406 14.78 2.72 -9.38
C ILE C 406 14.09 1.75 -8.40
N TYR C 407 12.93 2.15 -7.90
CA TYR C 407 12.18 1.32 -6.97
C TYR C 407 11.06 0.58 -7.74
N HIS C 408 11.51 -0.45 -8.46
CA HIS C 408 10.76 -1.15 -9.54
C HIS C 408 9.47 -1.79 -9.03
N LEU C 409 9.48 -2.33 -7.82
CA LEU C 409 8.30 -2.99 -7.27
C LEU C 409 7.12 -2.01 -7.17
N GLN C 410 7.35 -0.81 -6.62
CA GLN C 410 6.30 0.23 -6.54
C GLN C 410 5.90 0.69 -7.96
N LEU C 411 6.87 0.78 -8.87
CA LEU C 411 6.65 1.29 -10.23
C LEU C 411 5.75 0.32 -11.02
N PHE C 412 6.17 -0.95 -11.10
CA PHE C 412 5.45 -1.98 -11.84
C PHE C 412 4.02 -2.14 -11.29
N GLU C 413 3.87 -2.09 -9.96
CA GLU C 413 2.58 -2.15 -9.27
C GLU C 413 1.67 -1.01 -9.75
N GLU C 414 2.17 0.22 -9.68
CA GLU C 414 1.38 1.43 -9.91
C GLU C 414 0.95 1.53 -11.37
N LEU C 415 1.70 0.89 -12.26
CA LEU C 415 1.44 0.97 -13.71
C LEU C 415 0.32 -0.01 -14.05
N ARG C 416 0.22 -1.08 -13.26
CA ARG C 416 -0.71 -2.17 -13.47
C ARG C 416 -2.11 -1.77 -12.98
N ARG C 417 -2.18 -1.14 -11.81
CA ARG C 417 -3.45 -0.69 -11.21
C ARG C 417 -4.08 0.42 -12.07
N LEU C 418 -3.32 0.88 -13.07
CA LEU C 418 -3.76 1.95 -13.97
C LEU C 418 -3.99 1.40 -15.39
N ALA C 419 -3.57 0.15 -15.60
CA ALA C 419 -3.69 -0.52 -16.91
C ALA C 419 -5.12 -1.03 -17.12
N PRO C 420 -5.82 -0.54 -18.17
CA PRO C 420 -7.20 -0.94 -18.49
C PRO C 420 -7.24 -2.43 -18.87
N ILE C 421 -8.20 -3.19 -18.32
CA ILE C 421 -8.40 -4.57 -18.78
C ILE C 421 -9.08 -4.54 -20.16
N THR C 422 -8.56 -5.35 -21.08
CA THR C 422 -8.99 -5.45 -22.50
C THR C 422 -8.83 -6.91 -22.94
N SER C 423 -9.45 -7.28 -24.07
CA SER C 423 -9.29 -8.62 -24.62
C SER C 423 -8.14 -8.69 -25.64
N ASP C 424 -7.35 -7.61 -25.76
CA ASP C 424 -6.12 -7.57 -26.60
C ASP C 424 -5.05 -8.58 -26.17
N PRO C 425 -4.82 -9.61 -26.98
CA PRO C 425 -3.80 -10.59 -26.59
C PRO C 425 -2.43 -9.96 -26.33
N THR C 426 -2.08 -8.93 -27.10
CA THR C 426 -0.70 -8.45 -27.14
C THR C 426 -0.33 -7.80 -25.80
N GLU C 427 -1.29 -7.03 -25.28
CA GLU C 427 -1.15 -6.31 -24.04
C GLU C 427 -1.11 -7.29 -22.85
N ALA C 428 -1.74 -8.46 -22.99
CA ALA C 428 -1.71 -9.52 -21.98
C ALA C 428 -0.38 -10.29 -22.03
N THR C 429 0.08 -10.68 -23.23
CA THR C 429 1.38 -11.34 -23.38
C THR C 429 2.49 -10.48 -22.77
N ALA C 430 2.39 -9.14 -22.91
CA ALA C 430 3.43 -8.16 -22.51
C ALA C 430 3.47 -8.00 -21.00
N VAL C 431 2.31 -7.90 -20.36
CA VAL C 431 2.32 -7.73 -18.92
C VAL C 431 2.72 -9.06 -18.25
N GLY C 432 2.21 -10.20 -18.76
CA GLY C 432 2.78 -11.52 -18.43
C GLY C 432 4.30 -11.58 -18.50
N ALA C 433 4.90 -11.17 -19.61
CA ALA C 433 6.37 -11.20 -19.79
C ALA C 433 7.11 -10.33 -18.75
N VAL C 434 6.56 -9.18 -18.36
CA VAL C 434 7.27 -8.32 -17.44
C VAL C 434 7.23 -8.91 -16.02
N GLU C 435 6.07 -9.47 -15.65
CA GLU C 435 5.92 -10.15 -14.39
C GLU C 435 6.85 -11.36 -14.35
N ALA C 436 6.83 -12.22 -15.36
CA ALA C 436 7.74 -13.35 -15.35
C ALA C 436 9.19 -12.89 -15.11
N SER C 437 9.59 -11.72 -15.66
CA SER C 437 11.03 -11.39 -15.77
C SER C 437 11.55 -10.94 -14.41
N PHE C 438 10.66 -10.40 -13.59
CA PHE C 438 10.97 -9.99 -12.27
C PHE C 438 11.22 -11.24 -11.41
N LYS C 439 10.32 -12.20 -11.52
CA LYS C 439 10.27 -13.40 -10.72
C LYS C 439 11.48 -14.29 -10.99
N CYS C 440 12.02 -14.31 -12.20
CA CYS C 440 13.19 -15.17 -12.45
C CYS C 440 14.46 -14.32 -12.64
N CYS C 441 14.36 -13.00 -12.37
CA CYS C 441 15.48 -12.05 -12.61
C CYS C 441 16.12 -12.34 -13.99
N SER C 442 15.34 -12.26 -15.07
CA SER C 442 15.89 -12.64 -16.37
C SER C 442 16.90 -11.59 -16.84
N GLY C 443 17.84 -12.03 -17.64
CA GLY C 443 18.83 -11.15 -18.20
C GLY C 443 18.29 -10.28 -19.31
N ALA C 444 17.26 -10.75 -20.04
CA ALA C 444 16.68 -10.01 -21.21
C ALA C 444 15.26 -10.51 -21.53
N ILE C 445 14.47 -9.59 -22.06
CA ILE C 445 13.25 -9.89 -22.82
C ILE C 445 13.56 -9.78 -24.33
N ILE C 446 13.48 -10.86 -25.04
CA ILE C 446 13.66 -10.82 -26.49
C ILE C 446 12.28 -10.62 -27.13
N VAL C 447 12.08 -9.67 -28.02
CA VAL C 447 10.74 -9.48 -28.64
C VAL C 447 10.93 -9.38 -30.15
N LEU C 448 10.25 -10.20 -30.96
CA LEU C 448 10.35 -10.09 -32.46
C LEU C 448 9.31 -9.08 -32.91
N THR C 449 9.67 -8.10 -33.71
CA THR C 449 8.76 -6.97 -33.93
C THR C 449 8.87 -6.44 -35.37
N LYS C 450 7.76 -6.19 -36.06
CA LYS C 450 7.83 -5.52 -37.39
C LYS C 450 7.64 -4.00 -37.23
N SER C 451 6.50 -3.53 -36.69
CA SER C 451 6.28 -2.08 -36.53
C SER C 451 6.92 -1.54 -35.26
N GLY C 452 7.49 -2.43 -34.44
CA GLY C 452 8.01 -2.08 -33.15
C GLY C 452 6.92 -2.08 -32.10
N ARG C 453 5.68 -2.31 -32.49
CA ARG C 453 4.57 -2.09 -31.56
C ARG C 453 4.69 -3.01 -30.31
N SER C 454 5.05 -4.29 -30.52
CA SER C 454 5.15 -5.28 -29.46
C SER C 454 6.22 -4.92 -28.42
N ALA C 455 7.38 -4.48 -28.92
CA ALA C 455 8.42 -3.92 -28.07
C ALA C 455 7.91 -2.67 -27.34
N HIS C 456 7.11 -1.78 -27.97
CA HIS C 456 6.66 -0.54 -27.24
C HIS C 456 5.85 -0.91 -25.99
N GLN C 457 5.06 -1.98 -26.07
CA GLN C 457 4.13 -2.39 -25.01
C GLN C 457 4.85 -2.99 -23.81
N VAL C 458 5.91 -3.75 -24.03
CA VAL C 458 6.75 -4.25 -22.96
C VAL C 458 7.42 -3.05 -22.27
N ALA C 459 7.98 -2.13 -23.06
CA ALA C 459 8.66 -0.94 -22.55
C ALA C 459 7.72 -0.15 -21.63
N ARG C 460 6.46 -0.07 -21.99
CA ARG C 460 5.45 0.60 -21.17
C ARG C 460 5.50 0.17 -19.68
N TYR C 461 5.82 -1.11 -19.39
CA TYR C 461 5.72 -1.67 -18.02
C TYR C 461 7.03 -1.51 -17.24
N ARG C 462 8.05 -0.96 -17.91
CA ARG C 462 9.33 -0.57 -17.29
C ARG C 462 10.02 -1.76 -16.62
N PRO C 463 10.24 -2.89 -17.37
CA PRO C 463 11.04 -4.04 -16.89
C PRO C 463 12.43 -3.62 -16.40
N ARG C 464 13.11 -4.48 -15.65
CA ARG C 464 14.49 -4.18 -15.26
C ARG C 464 15.44 -4.79 -16.29
N ALA C 465 15.02 -5.84 -16.96
CA ALA C 465 15.87 -6.44 -18.00
C ALA C 465 15.88 -5.54 -19.24
N PRO C 466 16.95 -5.53 -20.02
CA PRO C 466 16.94 -4.89 -21.38
C PRO C 466 15.96 -5.63 -22.31
N ILE C 467 15.33 -4.90 -23.24
CA ILE C 467 14.35 -5.45 -24.20
C ILE C 467 15.03 -5.55 -25.56
N ILE C 468 15.52 -6.71 -25.96
CA ILE C 468 16.17 -6.85 -27.27
C ILE C 468 15.09 -7.04 -28.35
N ALA C 469 14.83 -6.03 -29.17
CA ALA C 469 13.80 -6.08 -30.26
C ALA C 469 14.47 -6.48 -31.56
N VAL C 470 14.02 -7.58 -32.16
CA VAL C 470 14.65 -8.05 -33.38
C VAL C 470 13.69 -7.73 -34.54
N THR C 471 14.23 -7.11 -35.56
CA THR C 471 13.41 -6.61 -36.63
C THR C 471 14.28 -6.63 -37.87
N ARG C 472 13.62 -6.82 -39.01
CA ARG C 472 14.22 -6.76 -40.34
C ARG C 472 14.01 -5.36 -40.94
N ASN C 473 13.16 -4.55 -40.33
CA ASN C 473 12.81 -3.21 -40.82
C ASN C 473 13.78 -2.16 -40.25
N PRO C 474 14.67 -1.61 -41.12
CA PRO C 474 15.67 -0.62 -40.67
C PRO C 474 15.07 0.65 -40.04
N GLN C 475 13.92 1.13 -40.54
CA GLN C 475 13.32 2.31 -39.92
C GLN C 475 12.80 2.02 -38.50
N THR C 476 12.27 0.81 -38.27
CA THR C 476 11.74 0.41 -36.97
C THR C 476 12.89 0.37 -35.95
N ALA C 477 14.02 -0.20 -36.39
CA ALA C 477 15.18 -0.33 -35.52
C ALA C 477 15.69 1.06 -35.10
N ARG C 478 15.64 2.07 -35.97
CA ARG C 478 16.14 3.45 -35.58
C ARG C 478 15.14 4.13 -34.67
N GLN C 479 13.85 3.97 -34.90
CA GLN C 479 12.83 4.68 -34.08
C GLN C 479 12.76 4.11 -32.65
N ALA C 480 13.30 2.91 -32.43
CA ALA C 480 13.14 2.15 -31.17
C ALA C 480 13.94 2.83 -30.05
N HIS C 481 14.96 3.58 -30.45
CA HIS C 481 15.80 4.32 -29.50
C HIS C 481 14.99 5.30 -28.65
N LEU C 482 13.78 5.67 -29.06
CA LEU C 482 13.01 6.65 -28.27
C LEU C 482 12.41 6.03 -27.00
N TYR C 483 12.28 4.71 -26.91
CA TYR C 483 11.53 4.08 -25.83
C TYR C 483 12.50 3.51 -24.79
N ARG C 484 12.21 3.68 -23.51
CA ARG C 484 13.15 3.30 -22.45
C ARG C 484 13.35 1.78 -22.44
N GLY C 485 14.56 1.31 -22.57
CA GLY C 485 14.81 -0.09 -22.33
C GLY C 485 15.11 -0.87 -23.59
N ILE C 486 14.56 -0.43 -24.73
CA ILE C 486 14.67 -1.19 -25.97
C ILE C 486 16.07 -1.01 -26.54
N PHE C 487 16.77 -2.12 -26.64
CA PHE C 487 17.99 -2.25 -27.38
C PHE C 487 17.69 -2.88 -28.76
N PRO C 488 17.56 -2.09 -29.83
CA PRO C 488 17.12 -2.71 -31.11
C PRO C 488 18.27 -3.45 -31.78
N VAL C 489 17.97 -4.55 -32.44
CA VAL C 489 18.96 -5.25 -33.24
C VAL C 489 18.36 -5.55 -34.61
N LEU C 490 19.09 -5.21 -35.65
CA LEU C 490 18.62 -5.32 -37.01
C LEU C 490 19.17 -6.62 -37.62
N CYS C 491 18.25 -7.51 -38.00
CA CYS C 491 18.58 -8.81 -38.56
C CYS C 491 18.67 -8.65 -40.09
N LYS C 492 19.75 -9.16 -40.67
CA LYS C 492 20.05 -8.97 -42.10
C LYS C 492 19.83 -10.27 -42.87
N ASP C 493 19.95 -11.41 -42.18
CA ASP C 493 19.74 -12.77 -42.74
C ASP C 493 18.44 -12.87 -43.55
N PRO C 494 18.46 -13.59 -44.69
CA PRO C 494 17.26 -13.70 -45.56
C PRO C 494 16.16 -14.58 -44.92
N VAL C 495 14.92 -14.39 -45.38
CA VAL C 495 13.74 -15.06 -44.81
C VAL C 495 13.73 -16.53 -45.29
N GLN C 496 14.03 -17.44 -44.36
CA GLN C 496 13.95 -18.91 -44.53
C GLN C 496 12.53 -19.30 -44.97
N GLU C 497 12.40 -20.42 -45.69
CA GLU C 497 11.13 -20.87 -46.25
C GLU C 497 10.13 -21.24 -45.14
N ALA C 498 10.58 -22.03 -44.16
CA ALA C 498 9.74 -22.45 -43.04
C ALA C 498 9.64 -21.32 -42.01
N TRP C 499 8.41 -20.92 -41.69
CA TRP C 499 8.20 -19.75 -40.87
C TRP C 499 8.72 -19.98 -39.44
N ALA C 500 8.59 -21.19 -38.90
CA ALA C 500 9.11 -21.48 -37.56
C ALA C 500 10.65 -21.47 -37.55
N GLU C 501 11.28 -21.83 -38.68
CA GLU C 501 12.75 -21.82 -38.79
C GLU C 501 13.25 -20.37 -38.79
N ASP C 502 12.53 -19.53 -39.55
CA ASP C 502 12.73 -18.09 -39.54
C ASP C 502 12.59 -17.42 -38.19
N VAL C 503 11.63 -17.85 -37.36
CA VAL C 503 11.48 -17.30 -35.96
C VAL C 503 12.64 -17.78 -35.08
N ASP C 504 13.10 -19.02 -35.29
CA ASP C 504 14.24 -19.54 -34.52
C ASP C 504 15.58 -18.89 -34.81
N LEU C 505 15.84 -18.66 -36.10
CA LEU C 505 16.98 -17.87 -36.58
C LEU C 505 17.08 -16.53 -35.84
N ARG C 506 15.98 -15.75 -35.79
CA ARG C 506 15.98 -14.40 -35.18
C ARG C 506 16.11 -14.47 -33.66
N VAL C 507 15.59 -15.52 -33.04
CA VAL C 507 15.75 -15.67 -31.61
C VAL C 507 17.22 -15.95 -31.30
N ASN C 508 17.85 -16.90 -31.99
CA ASN C 508 19.30 -17.19 -31.81
C ASN C 508 20.13 -15.95 -32.12
N PHE C 509 19.81 -15.26 -33.20
CA PHE C 509 20.52 -14.02 -33.51
C PHE C 509 20.57 -13.12 -32.27
N ALA C 510 19.42 -12.96 -31.59
CA ALA C 510 19.30 -12.07 -30.41
C ALA C 510 19.99 -12.66 -29.17
N MET C 511 20.21 -13.97 -29.14
CA MET C 511 21.01 -14.63 -28.08
C MET C 511 22.49 -14.32 -28.28
N ASN C 512 22.91 -14.23 -29.54
CA ASN C 512 24.31 -14.00 -29.86
C ASN C 512 24.71 -12.59 -29.47
N VAL C 513 23.89 -11.61 -29.81
CA VAL C 513 24.09 -10.21 -29.51
C VAL C 513 24.15 -10.02 -27.98
N GLY C 514 23.32 -10.74 -27.24
CA GLY C 514 23.26 -10.51 -25.79
C GLY C 514 24.49 -11.03 -25.06
N LYS C 515 24.99 -12.21 -25.48
CA LYS C 515 26.27 -12.78 -25.01
C LYS C 515 27.43 -11.86 -25.41
N ALA C 516 27.54 -11.53 -26.70
CA ALA C 516 28.59 -10.63 -27.23
C ALA C 516 28.68 -9.33 -26.41
N ARG C 517 27.53 -8.69 -26.13
CA ARG C 517 27.50 -7.43 -25.41
C ARG C 517 27.54 -7.65 -23.89
N GLY C 518 27.42 -8.89 -23.44
CA GLY C 518 27.61 -9.20 -22.02
C GLY C 518 26.40 -8.97 -21.14
N PHE C 519 25.17 -9.04 -21.69
CA PHE C 519 23.91 -8.85 -20.92
C PHE C 519 23.56 -10.14 -20.15
N PHE C 520 24.08 -11.26 -20.61
CA PHE C 520 23.79 -12.59 -20.03
C PHE C 520 24.86 -13.58 -20.49
N LYS C 521 24.98 -14.72 -19.84
CA LYS C 521 25.96 -15.76 -20.21
C LYS C 521 25.25 -17.12 -20.24
N LYS C 522 25.77 -18.07 -21.02
CA LYS C 522 25.16 -19.41 -21.22
C LYS C 522 24.78 -20.02 -19.87
N GLY C 523 23.52 -20.43 -19.73
CA GLY C 523 23.00 -20.93 -18.45
C GLY C 523 21.99 -19.99 -17.82
N ASP C 524 22.03 -18.71 -18.19
CA ASP C 524 21.06 -17.71 -17.73
C ASP C 524 19.65 -17.94 -18.30
N VAL C 525 18.66 -17.29 -17.70
CA VAL C 525 17.29 -17.45 -18.14
C VAL C 525 16.82 -16.19 -18.91
N VAL C 526 16.27 -16.38 -20.13
CA VAL C 526 15.66 -15.25 -20.88
C VAL C 526 14.19 -15.51 -21.21
N ILE C 527 13.40 -14.40 -21.33
CA ILE C 527 11.98 -14.38 -21.76
C ILE C 527 11.95 -14.01 -23.26
N VAL C 528 11.46 -14.92 -24.11
CA VAL C 528 11.28 -14.71 -25.56
C VAL C 528 9.81 -14.49 -25.83
N LEU C 529 9.47 -13.55 -26.72
CA LEU C 529 8.11 -13.14 -27.00
C LEU C 529 7.87 -13.22 -28.50
N THR C 530 6.85 -13.97 -28.94
CA THR C 530 6.61 -14.15 -30.37
C THR C 530 5.11 -14.27 -30.62
N GLY C 531 4.72 -14.35 -31.89
CA GLY C 531 3.31 -14.45 -32.31
C GLY C 531 2.98 -15.82 -32.85
N TRP C 532 1.73 -16.04 -33.21
CA TRP C 532 1.28 -17.39 -33.64
C TRP C 532 1.26 -17.52 -35.16
N ARG C 533 1.32 -16.40 -35.88
CA ARG C 533 1.31 -16.36 -37.38
C ARG C 533 2.12 -15.14 -37.84
N PRO C 534 2.51 -15.06 -39.14
CA PRO C 534 3.27 -13.89 -39.66
C PRO C 534 2.48 -12.57 -39.71
N GLY C 535 3.16 -11.42 -39.77
CA GLY C 535 2.48 -10.13 -39.89
C GLY C 535 2.36 -9.42 -38.55
N SER C 536 1.99 -8.14 -38.55
CA SER C 536 1.85 -7.37 -37.32
C SER C 536 0.57 -7.75 -36.56
N GLY C 537 0.65 -7.64 -35.23
CA GLY C 537 -0.51 -7.55 -34.37
C GLY C 537 -0.90 -8.89 -33.79
N PHE C 538 -0.07 -9.92 -33.98
CA PHE C 538 -0.43 -11.27 -33.56
C PHE C 538 0.45 -11.80 -32.42
N THR C 539 1.17 -10.96 -31.67
CA THR C 539 2.08 -11.42 -30.61
C THR C 539 1.27 -12.03 -29.47
N ASN C 540 1.47 -13.33 -29.22
CA ASN C 540 0.59 -14.05 -28.25
C ASN C 540 1.39 -14.97 -27.30
N THR C 541 2.49 -15.60 -27.77
CA THR C 541 3.33 -16.57 -27.02
C THR C 541 4.37 -15.84 -26.12
N MET C 542 4.72 -16.44 -24.96
CA MET C 542 5.81 -16.01 -24.02
C MET C 542 6.54 -17.27 -23.49
N ARG C 543 7.79 -17.56 -23.89
CA ARG C 543 8.60 -18.73 -23.40
C ARG C 543 9.74 -18.29 -22.47
N VAL C 544 9.92 -18.95 -21.32
CA VAL C 544 11.08 -18.77 -20.43
C VAL C 544 12.17 -19.77 -20.86
N VAL C 545 13.27 -19.31 -21.45
CA VAL C 545 14.27 -20.26 -22.04
C VAL C 545 15.64 -20.10 -21.37
N PRO C 546 16.43 -21.21 -21.27
CA PRO C 546 17.88 -21.20 -20.92
C PRO C 546 18.70 -20.64 -22.11
N VAL C 547 19.71 -19.83 -21.81
CA VAL C 547 20.56 -19.28 -22.88
C VAL C 547 21.40 -20.42 -23.49
N PRO C 548 21.27 -20.64 -24.82
CA PRO C 548 21.98 -21.71 -25.54
C PRO C 548 23.50 -21.47 -25.57
N MET D 39 -3.04 14.18 -2.28
CA MET D 39 -4.42 13.59 -2.16
C MET D 39 -4.55 12.37 -3.10
N ALA D 40 -3.62 12.23 -4.04
CA ALA D 40 -3.61 11.11 -5.00
C ALA D 40 -3.22 9.80 -4.28
N ASP D 41 -3.68 8.67 -4.83
CA ASP D 41 -3.46 7.35 -4.20
C ASP D 41 -2.16 6.66 -4.61
N THR D 42 -1.67 6.96 -5.81
CA THR D 42 -0.35 6.52 -6.28
C THR D 42 0.61 7.72 -6.28
N PHE D 43 1.91 7.43 -6.39
CA PHE D 43 2.94 8.46 -6.60
C PHE D 43 2.85 8.95 -8.05
N LEU D 44 2.48 8.06 -8.97
CA LEU D 44 2.35 8.42 -10.37
C LEU D 44 1.20 9.42 -10.57
N GLU D 45 0.03 9.16 -9.98
CA GLU D 45 -1.07 10.13 -10.02
C GLU D 45 -0.65 11.46 -9.36
N HIS D 46 0.10 11.40 -8.26
CA HIS D 46 0.55 12.62 -7.56
C HIS D 46 1.39 13.53 -8.47
N MET D 47 2.38 12.96 -9.18
CA MET D 47 3.20 13.67 -10.19
C MET D 47 2.27 14.32 -11.22
N CYS D 48 1.38 13.50 -11.84
CA CYS D 48 0.51 13.90 -12.97
C CYS D 48 -0.38 15.10 -12.58
N ARG D 49 -0.59 15.30 -11.28
CA ARG D 49 -1.54 16.31 -10.81
C ARG D 49 -0.81 17.63 -10.51
N LEU D 50 0.53 17.62 -10.56
CA LEU D 50 1.34 18.80 -10.24
C LEU D 50 1.00 19.93 -11.23
N ASP D 51 0.87 21.14 -10.71
CA ASP D 51 0.40 22.27 -11.50
C ASP D 51 1.25 23.52 -11.26
N ILE D 52 1.68 24.15 -12.36
CA ILE D 52 2.60 25.30 -12.30
C ILE D 52 1.82 26.60 -12.10
N ASP D 53 0.49 26.50 -12.02
CA ASP D 53 -0.38 27.65 -11.81
C ASP D 53 -0.86 27.75 -10.36
N SER D 54 -0.87 26.62 -9.67
CA SER D 54 -1.19 26.55 -8.24
C SER D 54 -0.05 27.21 -7.42
N PRO D 55 -0.36 28.30 -6.68
CA PRO D 55 0.64 29.06 -5.91
C PRO D 55 1.17 28.29 -4.69
N PRO D 56 2.45 28.51 -4.30
CA PRO D 56 3.00 27.88 -3.09
C PRO D 56 2.55 28.61 -1.81
N ILE D 57 2.83 28.01 -0.66
CA ILE D 57 2.58 28.63 0.65
C ILE D 57 3.72 29.62 0.98
N THR D 58 3.48 30.55 1.91
CA THR D 58 4.41 31.66 2.27
C THR D 58 5.62 31.13 3.06
N ALA D 59 5.42 30.05 3.82
CA ALA D 59 6.47 29.46 4.65
C ALA D 59 7.46 28.69 3.77
N ARG D 60 8.76 28.88 4.03
CA ARG D 60 9.80 27.98 3.56
C ARG D 60 10.10 26.99 4.69
N ASN D 61 10.34 25.74 4.33
CA ASN D 61 10.59 24.68 5.30
C ASN D 61 12.08 24.31 5.34
N THR D 62 12.79 24.41 4.21
CA THR D 62 14.21 24.05 4.12
C THR D 62 15.08 25.25 4.57
N GLY D 63 15.98 25.03 5.53
CA GLY D 63 16.89 26.14 5.97
C GLY D 63 17.98 26.47 4.95
N ILE D 64 18.61 27.65 5.07
CA ILE D 64 19.67 28.12 4.19
C ILE D 64 20.92 28.54 5.00
N ILE D 65 22.01 27.80 4.74
CA ILE D 65 23.39 28.07 5.20
C ILE D 65 24.16 28.74 4.04
N CYS D 66 24.76 29.89 4.34
CA CYS D 66 25.60 30.62 3.37
C CYS D 66 27.01 30.72 3.96
N THR D 67 28.02 30.45 3.12
CA THR D 67 29.42 30.71 3.49
C THR D 67 29.70 32.21 3.42
N ILE D 68 30.27 32.77 4.49
CA ILE D 68 30.68 34.18 4.47
C ILE D 68 32.14 34.26 4.01
N GLY D 69 32.34 34.94 2.87
CA GLY D 69 33.66 35.23 2.33
C GLY D 69 33.85 36.72 2.14
N PRO D 70 34.80 37.13 1.25
CA PRO D 70 35.09 38.55 0.92
C PRO D 70 33.87 39.33 0.41
N ALA D 71 33.04 38.70 -0.43
CA ALA D 71 31.95 39.36 -1.17
C ALA D 71 30.65 39.42 -0.35
N SER D 72 30.72 39.18 0.97
CA SER D 72 29.51 39.11 1.82
C SER D 72 29.83 39.41 3.29
N ARG D 73 31.09 39.74 3.58
CA ARG D 73 31.60 40.01 4.95
C ARG D 73 31.04 41.31 5.52
N SER D 74 30.53 42.21 4.68
CA SER D 74 30.15 43.59 5.11
C SER D 74 28.80 43.61 5.85
N VAL D 75 28.71 44.47 6.88
CA VAL D 75 27.50 44.63 7.72
C VAL D 75 26.29 45.04 6.87
N GLU D 76 26.54 45.72 5.75
CA GLU D 76 25.46 46.13 4.84
C GLU D 76 24.98 44.93 4.00
N THR D 77 25.91 44.12 3.49
CA THR D 77 25.57 42.97 2.62
C THR D 77 24.88 41.87 3.43
N LEU D 78 25.32 41.72 4.69
CA LEU D 78 24.78 40.76 5.64
C LEU D 78 23.32 41.07 5.97
N LYS D 79 23.01 42.34 6.26
CA LYS D 79 21.62 42.78 6.50
C LYS D 79 20.71 42.34 5.34
N GLU D 80 21.20 42.46 4.12
CA GLU D 80 20.42 42.15 2.93
C GLU D 80 20.19 40.62 2.81
N MET D 81 21.18 39.83 3.25
CA MET D 81 21.06 38.36 3.20
C MET D 81 20.17 37.84 4.34
N ILE D 82 20.21 38.49 5.50
CA ILE D 82 19.27 38.13 6.55
C ILE D 82 17.83 38.41 6.10
N LYS D 83 17.60 39.51 5.38
CA LYS D 83 16.26 39.81 4.85
C LYS D 83 15.87 38.84 3.72
N SER D 84 16.85 38.29 3.02
CA SER D 84 16.61 37.39 1.89
C SER D 84 16.38 35.95 2.38
N GLY D 85 16.63 35.71 3.67
CA GLY D 85 16.33 34.43 4.32
C GLY D 85 17.56 33.56 4.50
N MET D 86 18.65 34.17 4.99
CA MET D 86 19.80 33.40 5.50
C MET D 86 19.54 33.07 6.97
N ASN D 87 19.76 31.81 7.34
CA ASN D 87 19.52 31.33 8.70
C ASN D 87 20.83 31.04 9.43
N VAL D 88 21.88 30.62 8.71
CA VAL D 88 23.15 30.04 9.28
C VAL D 88 24.32 30.69 8.53
N ALA D 89 25.19 31.41 9.24
CA ALA D 89 26.42 32.00 8.63
C ALA D 89 27.63 31.08 8.89
N ARG D 90 28.18 30.45 7.84
CA ARG D 90 29.30 29.48 7.99
C ARG D 90 30.66 30.16 7.70
N LEU D 91 31.60 29.97 8.61
CA LEU D 91 32.97 30.49 8.53
C LEU D 91 33.93 29.33 8.22
N ASN D 92 34.68 29.47 7.12
CA ASN D 92 35.59 28.41 6.65
C ASN D 92 36.99 28.66 7.21
N PHE D 93 37.45 27.75 8.07
CA PHE D 93 38.73 27.90 8.79
C PHE D 93 39.87 27.23 8.01
N SER D 94 39.63 26.95 6.73
CA SER D 94 40.68 26.57 5.78
C SER D 94 41.68 27.74 5.61
N HIS D 95 41.13 28.95 5.52
CA HIS D 95 41.88 30.14 5.15
C HIS D 95 41.52 31.28 6.11
N GLY D 96 42.52 32.09 6.44
CA GLY D 96 42.32 33.23 7.31
C GLY D 96 42.91 33.01 8.69
N THR D 97 43.26 34.11 9.35
CA THR D 97 43.74 34.06 10.74
C THR D 97 42.53 34.07 11.67
N HIS D 98 42.77 33.88 12.97
CA HIS D 98 41.73 34.01 14.01
C HIS D 98 41.18 35.44 14.04
N GLU D 99 42.03 36.42 13.77
CA GLU D 99 41.66 37.83 13.86
C GLU D 99 40.69 38.19 12.72
N TYR D 100 40.92 37.64 11.52
CA TYR D 100 40.05 37.87 10.35
C TYR D 100 38.66 37.27 10.66
N HIS D 101 38.64 36.05 11.22
CA HIS D 101 37.40 35.32 11.50
C HIS D 101 36.57 36.00 12.60
N ALA D 102 37.24 36.51 13.65
CA ALA D 102 36.58 37.22 14.77
C ALA D 102 35.99 38.56 14.30
N GLU D 103 36.54 39.09 13.20
CA GLU D 103 36.00 40.28 12.56
C GLU D 103 34.76 39.90 11.73
N THR D 104 34.71 38.66 11.25
CA THR D 104 33.51 38.18 10.55
C THR D 104 32.38 37.97 11.57
N ILE D 105 32.71 37.40 12.73
CA ILE D 105 31.70 37.03 13.73
C ILE D 105 31.04 38.29 14.30
N LYS D 106 31.84 39.32 14.54
CA LYS D 106 31.34 40.61 14.99
C LYS D 106 30.32 41.16 13.97
N ASN D 107 30.66 41.10 12.69
CA ASN D 107 29.82 41.65 11.62
C ASN D 107 28.47 40.92 11.55
N VAL D 108 28.52 39.58 11.48
CA VAL D 108 27.31 38.73 11.48
C VAL D 108 26.37 39.11 12.63
N ARG D 109 26.93 39.29 13.85
CA ARG D 109 26.13 39.57 15.04
C ARG D 109 25.60 41.02 15.03
N THR D 110 26.36 41.95 14.43
CA THR D 110 25.93 43.35 14.39
C THR D 110 24.70 43.45 13.49
N ALA D 111 24.83 42.91 12.27
CA ALA D 111 23.74 42.83 11.30
C ALA D 111 22.50 42.17 11.95
N THR D 112 22.70 41.02 12.60
CA THR D 112 21.61 40.28 13.28
C THR D 112 20.91 41.19 14.31
N GLU D 113 21.67 41.82 15.20
CA GLU D 113 21.09 42.61 16.31
C GLU D 113 20.47 43.93 15.84
N SER D 114 20.71 44.33 14.58
CA SER D 114 20.11 45.54 13.98
C SER D 114 18.58 45.40 13.90
N PHE D 115 18.08 44.18 13.65
CA PHE D 115 16.64 43.93 13.56
C PHE D 115 16.03 43.57 14.94
N ALA D 116 16.82 43.67 16.02
CA ALA D 116 16.39 43.15 17.34
C ALA D 116 15.36 44.07 18.00
N SER D 117 15.21 45.30 17.49
CA SER D 117 14.30 46.32 18.06
C SER D 117 12.84 45.86 17.99
N ASP D 118 12.42 45.33 16.83
CA ASP D 118 11.09 44.70 16.68
C ASP D 118 11.14 43.20 17.01
N PRO D 119 10.63 42.81 18.21
CA PRO D 119 10.67 41.42 18.66
C PRO D 119 9.87 40.49 17.74
N ILE D 120 8.84 41.03 17.08
CA ILE D 120 8.00 40.26 16.18
C ILE D 120 8.78 39.89 14.91
N LEU D 121 9.66 40.79 14.43
CA LEU D 121 10.29 40.62 13.12
C LEU D 121 11.71 40.03 13.22
N TYR D 122 12.32 40.12 14.40
CA TYR D 122 13.66 39.56 14.65
C TYR D 122 13.76 38.10 14.14
N ARG D 123 14.87 37.79 13.49
CA ARG D 123 15.18 36.43 13.12
C ARG D 123 16.52 36.06 13.74
N PRO D 124 16.56 34.98 14.53
CA PRO D 124 17.85 34.50 15.01
C PRO D 124 18.70 33.89 13.89
N VAL D 125 20.02 34.13 13.93
CA VAL D 125 20.96 33.69 12.90
C VAL D 125 22.07 32.88 13.59
N ALA D 126 22.26 31.62 13.21
CA ALA D 126 23.33 30.79 13.80
C ALA D 126 24.70 31.10 13.17
N VAL D 127 25.76 30.92 13.96
CA VAL D 127 27.14 30.84 13.39
C VAL D 127 27.64 29.38 13.39
N ALA D 128 28.35 28.99 12.32
CA ALA D 128 28.93 27.64 12.20
C ALA D 128 30.42 27.74 11.87
N LEU D 129 31.21 26.91 12.55
CA LEU D 129 32.62 26.85 12.32
C LEU D 129 32.92 25.62 11.47
N ASP D 130 33.62 25.80 10.35
CA ASP D 130 33.98 24.64 9.53
C ASP D 130 35.49 24.42 9.61
N THR D 131 35.89 23.40 10.38
CA THR D 131 37.32 23.03 10.59
C THR D 131 37.98 22.67 9.25
N LYS D 132 39.26 23.03 9.11
CA LYS D 132 40.11 22.58 7.98
C LYS D 132 40.15 21.05 7.92
N GLY D 133 40.43 20.40 9.04
CA GLY D 133 40.58 18.93 9.11
C GLY D 133 41.94 18.48 8.61
N PRO D 134 42.14 17.14 8.48
CA PRO D 134 43.42 16.57 7.97
C PRO D 134 43.64 16.79 6.47
N LEU D 235 46.06 9.81 8.87
CA LEU D 235 46.24 11.06 9.61
C LEU D 235 45.33 11.04 10.85
N PRO D 236 45.59 11.93 11.84
CA PRO D 236 44.76 11.97 13.05
C PRO D 236 43.39 12.62 12.77
N ALA D 237 42.42 12.38 13.66
CA ALA D 237 41.06 12.92 13.55
C ALA D 237 41.06 14.44 13.72
N VAL D 238 41.91 14.92 14.62
CA VAL D 238 42.02 16.34 14.95
C VAL D 238 43.51 16.71 14.93
N SER D 239 43.91 17.49 13.93
CA SER D 239 45.28 18.04 13.86
C SER D 239 45.47 19.15 14.89
N GLU D 240 46.68 19.70 14.97
CA GLU D 240 47.04 20.73 15.96
C GLU D 240 46.28 22.03 15.68
N LYS D 241 46.10 22.35 14.39
CA LYS D 241 45.39 23.56 13.96
C LYS D 241 43.93 23.48 14.46
N ASP D 242 43.29 22.33 14.23
CA ASP D 242 41.90 22.10 14.64
C ASP D 242 41.67 22.28 16.13
N ILE D 243 42.61 21.83 16.96
CA ILE D 243 42.53 21.97 18.43
C ILE D 243 42.45 23.45 18.83
N GLN D 244 43.19 24.33 18.14
CA GLN D 244 43.20 25.77 18.45
C GLN D 244 41.90 26.42 17.94
N ASP D 245 41.47 26.00 16.75
CA ASP D 245 40.24 26.47 16.10
C ASP D 245 38.98 26.11 16.91
N LEU D 246 38.85 24.83 17.26
CA LEU D 246 37.75 24.36 18.11
C LEU D 246 37.77 25.13 19.43
N LYS D 247 38.97 25.42 19.96
CA LYS D 247 39.09 26.17 21.24
C LYS D 247 38.62 27.63 21.07
N PHE D 248 38.93 28.21 19.92
CA PHE D 248 38.50 29.54 19.53
C PHE D 248 36.98 29.58 19.34
N GLY D 249 36.41 28.47 18.87
CA GLY D 249 34.96 28.33 18.63
C GLY D 249 34.14 28.40 19.92
N VAL D 250 34.61 27.68 20.94
CA VAL D 250 34.02 27.70 22.28
C VAL D 250 34.11 29.12 22.86
N GLU D 251 35.24 29.80 22.64
CA GLU D 251 35.44 31.16 23.17
C GLU D 251 34.51 32.16 22.48
N GLN D 252 34.34 32.02 21.16
CA GLN D 252 33.53 32.94 20.37
C GLN D 252 32.04 32.55 20.41
N ASP D 253 31.72 31.40 21.02
CA ASP D 253 30.33 30.99 21.32
C ASP D 253 29.51 30.59 20.06
N VAL D 254 30.10 29.73 19.23
CA VAL D 254 29.46 29.32 18.00
C VAL D 254 28.31 28.35 18.35
N ASP D 255 27.40 28.12 17.39
CA ASP D 255 26.23 27.28 17.66
C ASP D 255 26.43 25.87 17.16
N MET D 256 27.29 25.71 16.18
CA MET D 256 27.59 24.40 15.73
C MET D 256 29.01 24.40 15.15
N VAL D 257 29.51 23.18 14.92
CA VAL D 257 30.80 22.90 14.32
C VAL D 257 30.57 21.89 13.19
N PHE D 258 31.05 22.19 11.99
CA PHE D 258 31.14 21.18 10.96
C PHE D 258 32.53 20.56 11.04
N ALA D 259 32.58 19.28 11.40
CA ALA D 259 33.84 18.57 11.55
C ALA D 259 34.19 17.90 10.22
N SER D 260 35.36 18.23 9.66
CA SER D 260 35.86 17.68 8.38
C SER D 260 36.49 16.28 8.53
N PHE D 261 36.35 15.47 7.49
CA PHE D 261 37.07 14.17 7.29
C PHE D 261 36.81 13.19 8.45
N ILE D 262 35.53 12.94 8.69
CA ILE D 262 35.11 11.99 9.69
C ILE D 262 35.11 10.58 9.08
N ARG D 263 35.87 9.66 9.68
CA ARG D 263 36.05 8.34 9.05
C ARG D 263 35.45 7.23 9.93
N LYS D 264 35.13 7.55 11.18
CA LYS D 264 34.68 6.55 12.19
C LYS D 264 34.12 7.30 13.41
N ALA D 265 33.27 6.62 14.19
CA ALA D 265 32.67 7.16 15.42
C ALA D 265 33.72 7.76 16.37
N SER D 266 34.90 7.16 16.50
CA SER D 266 35.91 7.61 17.47
C SER D 266 36.48 8.99 17.11
N ASP D 267 36.32 9.42 15.84
CA ASP D 267 36.67 10.80 15.41
C ASP D 267 35.70 11.86 16.01
N VAL D 268 34.44 11.48 16.10
CA VAL D 268 33.42 12.36 16.61
C VAL D 268 33.63 12.45 18.12
N HIS D 269 34.08 11.37 18.75
CA HIS D 269 34.35 11.37 20.20
C HIS D 269 35.55 12.27 20.53
N GLU D 270 36.53 12.31 19.62
CA GLU D 270 37.72 13.17 19.79
C GLU D 270 37.33 14.65 19.75
N VAL D 271 36.46 15.04 18.82
CA VAL D 271 35.97 16.42 18.66
C VAL D 271 35.20 16.81 19.93
N ARG D 272 34.34 15.91 20.40
CA ARG D 272 33.46 16.14 21.54
C ARG D 272 34.31 16.38 22.80
N LYS D 273 35.42 15.65 22.96
CA LYS D 273 36.34 15.79 24.11
C LYS D 273 37.04 17.16 24.07
N VAL D 274 37.48 17.60 22.89
CA VAL D 274 38.22 18.86 22.75
C VAL D 274 37.32 20.06 23.12
N LEU D 275 36.04 20.00 22.73
CA LEU D 275 35.07 21.06 23.01
C LEU D 275 34.91 21.18 24.53
N GLY D 276 34.94 20.04 25.22
CA GLY D 276 35.00 20.01 26.69
C GLY D 276 33.61 20.03 27.32
N GLU D 277 33.49 20.74 28.44
CA GLU D 277 32.23 20.94 29.13
C GLU D 277 31.74 22.37 28.85
N LYS D 278 32.67 23.27 28.54
CA LYS D 278 32.32 24.65 28.15
C LYS D 278 31.58 24.66 26.80
N GLY D 279 31.81 23.66 25.94
CA GLY D 279 31.15 23.62 24.63
C GLY D 279 30.25 22.41 24.48
N LYS D 280 29.69 21.92 25.57
CA LYS D 280 28.94 20.64 25.59
C LYS D 280 27.61 20.78 24.82
N ASN D 281 27.12 22.02 24.67
CA ASN D 281 25.85 22.31 24.01
C ASN D 281 26.07 22.78 22.57
N ILE D 282 27.25 22.51 22.00
CA ILE D 282 27.56 22.85 20.61
C ILE D 282 27.24 21.61 19.78
N LYS D 283 26.59 21.79 18.63
CA LYS D 283 26.17 20.63 17.83
C LYS D 283 27.30 20.22 16.88
N ILE D 284 27.60 18.93 16.80
CA ILE D 284 28.64 18.43 15.92
C ILE D 284 28.00 17.77 14.69
N ILE D 285 28.22 18.38 13.53
CA ILE D 285 27.77 17.88 12.25
C ILE D 285 28.99 17.25 11.55
N SER D 286 28.96 15.94 11.33
CA SER D 286 30.06 15.21 10.68
C SER D 286 29.98 15.34 9.16
N LYS D 287 31.01 15.92 8.55
CA LYS D 287 31.15 15.92 7.09
C LYS D 287 31.62 14.54 6.63
N ILE D 288 30.79 13.89 5.81
CA ILE D 288 31.19 12.68 5.11
C ILE D 288 31.90 13.13 3.82
N GLU D 289 33.07 12.56 3.54
CA GLU D 289 33.97 13.10 2.53
C GLU D 289 34.79 11.98 1.86
N ASN D 290 34.65 10.72 2.28
CA ASN D 290 35.44 9.61 1.66
C ASN D 290 34.67 8.28 1.73
N HIS D 291 35.25 7.25 1.11
CA HIS D 291 34.63 5.91 1.00
C HIS D 291 34.49 5.21 2.36
N GLU D 292 35.37 5.52 3.34
CA GLU D 292 35.34 4.82 4.66
C GLU D 292 34.28 5.47 5.56
N GLY D 293 34.25 6.81 5.52
CA GLY D 293 33.15 7.59 6.06
C GLY D 293 31.80 7.11 5.56
N VAL D 294 31.68 6.77 4.27
CA VAL D 294 30.40 6.23 3.73
C VAL D 294 30.17 4.81 4.28
N ARG D 295 31.19 3.96 4.23
CA ARG D 295 31.08 2.53 4.58
C ARG D 295 30.68 2.34 6.05
N ARG D 296 31.10 3.27 6.91
CA ARG D 296 30.82 3.18 8.34
C ARG D 296 29.81 4.26 8.76
N PHE D 297 28.84 4.57 7.88
CA PHE D 297 27.92 5.71 8.09
C PHE D 297 27.13 5.55 9.40
N ASP D 298 26.56 4.38 9.60
CA ASP D 298 25.66 4.10 10.74
C ASP D 298 26.21 4.38 12.13
N GLU D 299 27.51 4.16 12.34
CA GLU D 299 28.10 4.37 13.65
C GLU D 299 28.42 5.86 13.86
N ILE D 300 28.68 6.56 12.77
CA ILE D 300 28.96 8.01 12.77
C ILE D 300 27.67 8.78 13.10
N LEU D 301 26.56 8.34 12.53
CA LEU D 301 25.26 8.95 12.70
C LEU D 301 24.79 8.76 14.16
N GLU D 302 25.16 7.63 14.75
CA GLU D 302 24.80 7.35 16.13
C GLU D 302 25.63 8.24 17.06
N ALA D 303 26.79 8.68 16.59
CA ALA D 303 27.73 9.44 17.42
C ALA D 303 27.55 10.96 17.25
N SER D 304 26.77 11.38 16.25
CA SER D 304 26.75 12.79 15.77
C SER D 304 25.49 13.55 16.21
N ASP D 305 25.45 14.84 15.92
CA ASP D 305 24.21 15.58 16.12
C ASP D 305 23.48 15.76 14.81
N GLY D 306 24.20 15.56 13.70
CA GLY D 306 23.67 15.54 12.35
C GLY D 306 24.78 15.31 11.32
N ILE D 307 24.44 15.37 10.03
CA ILE D 307 25.33 14.89 8.95
C ILE D 307 25.41 15.95 7.85
N MET D 308 26.56 16.06 7.19
CA MET D 308 26.69 16.92 5.99
C MET D 308 27.23 16.06 4.86
N VAL D 309 26.39 15.93 3.83
CA VAL D 309 26.80 15.35 2.57
C VAL D 309 27.60 16.44 1.86
N ALA D 310 28.92 16.29 1.93
CA ALA D 310 29.85 17.25 1.34
C ALA D 310 30.24 16.74 -0.06
N ARG D 311 29.50 17.15 -1.09
CA ARG D 311 29.55 16.44 -2.40
C ARG D 311 30.86 16.69 -3.16
N GLY D 312 31.49 17.85 -2.96
CA GLY D 312 32.73 18.20 -3.65
C GLY D 312 33.82 17.15 -3.45
N ASP D 313 34.17 16.93 -2.19
CA ASP D 313 35.23 16.02 -1.80
C ASP D 313 34.81 14.57 -1.97
N LEU D 314 33.52 14.31 -1.70
CA LEU D 314 32.95 12.98 -1.88
C LEU D 314 33.04 12.59 -3.36
N GLY D 315 32.99 13.58 -4.25
CA GLY D 315 33.03 13.38 -5.71
C GLY D 315 34.43 13.19 -6.26
N ILE D 316 35.44 13.56 -5.46
CA ILE D 316 36.86 13.42 -5.80
C ILE D 316 37.33 12.01 -5.40
N GLU D 317 36.80 11.50 -4.30
CA GLU D 317 37.30 10.29 -3.65
C GLU D 317 36.48 9.06 -4.05
N ILE D 318 35.29 9.25 -4.63
CA ILE D 318 34.50 8.15 -5.23
C ILE D 318 34.16 8.57 -6.68
N PRO D 319 33.79 7.59 -7.57
CA PRO D 319 33.40 7.91 -8.97
C PRO D 319 32.21 8.90 -9.01
N ALA D 320 32.34 10.00 -9.75
CA ALA D 320 31.37 11.12 -9.69
C ALA D 320 29.94 10.64 -9.99
N GLU D 321 29.81 9.58 -10.79
CA GLU D 321 28.52 8.98 -11.18
C GLU D 321 27.83 8.28 -9.99
N LYS D 322 28.52 8.11 -8.86
CA LYS D 322 27.98 7.35 -7.71
C LYS D 322 27.54 8.31 -6.58
N VAL D 323 27.95 9.57 -6.68
CA VAL D 323 27.72 10.57 -5.63
C VAL D 323 26.21 10.69 -5.35
N PHE D 324 25.42 10.72 -6.41
CA PHE D 324 23.97 10.85 -6.28
C PHE D 324 23.40 9.70 -5.43
N LEU D 325 23.98 8.50 -5.53
CA LEU D 325 23.56 7.31 -4.75
C LEU D 325 23.90 7.52 -3.27
N ALA D 326 25.15 7.89 -2.99
CA ALA D 326 25.60 8.13 -1.61
C ALA D 326 24.72 9.20 -0.97
N GLN D 327 24.47 10.30 -1.69
CA GLN D 327 23.62 11.38 -1.19
C GLN D 327 22.24 10.85 -0.75
N LYS D 328 21.60 10.01 -1.56
CA LYS D 328 20.23 9.54 -1.27
C LYS D 328 20.21 8.55 -0.10
N MET D 329 21.19 7.67 -0.07
CA MET D 329 21.35 6.71 1.02
C MET D 329 21.41 7.47 2.35
N MET D 330 22.26 8.49 2.40
CA MET D 330 22.49 9.23 3.62
C MET D 330 21.25 10.06 4.01
N ILE D 331 20.50 10.60 3.06
CA ILE D 331 19.34 11.41 3.47
C ILE D 331 18.24 10.45 3.96
N GLY D 332 18.07 9.33 3.27
CA GLY D 332 17.19 8.25 3.72
C GLY D 332 17.43 7.93 5.19
N ARG D 333 18.67 7.56 5.50
CA ARG D 333 19.06 7.09 6.83
C ARG D 333 18.96 8.19 7.90
N CYS D 334 19.33 9.44 7.58
CA CYS D 334 19.17 10.54 8.56
C CYS D 334 17.69 10.86 8.84
N ASN D 335 16.83 10.70 7.84
CA ASN D 335 15.39 10.94 7.95
C ASN D 335 14.78 9.93 8.93
N ARG D 336 15.25 8.69 8.85
CA ARG D 336 14.74 7.57 9.61
C ARG D 336 15.19 7.69 11.07
N ALA D 337 16.39 8.23 11.30
CA ALA D 337 16.91 8.42 12.66
C ALA D 337 16.32 9.69 13.28
N GLY D 338 15.77 10.60 12.47
CA GLY D 338 15.33 11.91 12.97
C GLY D 338 16.51 12.87 13.20
N LYS D 339 17.59 12.69 12.42
CA LYS D 339 18.79 13.55 12.54
C LYS D 339 18.83 14.47 11.32
N PRO D 340 19.21 15.74 11.51
CA PRO D 340 19.34 16.72 10.43
C PRO D 340 20.47 16.36 9.45
N VAL D 341 20.15 16.42 8.17
CA VAL D 341 21.10 16.25 7.09
C VAL D 341 21.13 17.53 6.25
N ILE D 342 22.34 17.97 5.96
CA ILE D 342 22.62 19.15 5.14
C ILE D 342 23.17 18.69 3.78
N CYS D 343 22.62 19.22 2.72
CA CYS D 343 23.15 18.96 1.39
C CYS D 343 23.96 20.17 0.95
N ALA D 344 25.18 19.93 0.47
CA ALA D 344 26.18 20.99 0.28
C ALA D 344 26.85 20.89 -1.10
N THR D 345 27.44 22.01 -1.55
CA THR D 345 28.53 22.07 -2.58
C THR D 345 28.01 21.98 -4.03
N GLN D 346 28.34 23.00 -4.83
CA GLN D 346 28.06 23.11 -6.29
C GLN D 346 26.55 22.99 -6.57
N MET D 347 25.77 23.67 -5.75
CA MET D 347 24.33 23.64 -5.87
C MET D 347 23.88 24.68 -6.90
N LEU D 348 24.43 25.91 -6.81
CA LEU D 348 24.12 27.01 -7.73
C LEU D 348 25.40 27.57 -8.37
N GLU D 349 26.26 26.67 -8.86
CA GLU D 349 27.67 26.97 -9.26
C GLU D 349 27.73 28.03 -10.37
N SER D 350 26.79 28.02 -11.31
CA SER D 350 26.82 28.97 -12.46
C SER D 350 26.49 30.41 -12.01
N MET D 351 25.96 30.55 -10.78
CA MET D 351 25.51 31.84 -10.22
C MET D 351 26.67 32.59 -9.53
N ILE D 352 27.89 32.07 -9.70
CA ILE D 352 29.11 32.77 -9.27
C ILE D 352 29.39 33.93 -10.26
N LYS D 353 29.00 33.72 -11.52
CA LYS D 353 29.35 34.61 -12.65
C LYS D 353 28.08 35.22 -13.28
N LYS D 354 26.97 34.47 -13.30
CA LYS D 354 25.73 34.89 -13.97
C LYS D 354 24.58 34.98 -12.95
N PRO D 355 23.70 36.01 -13.07
CA PRO D 355 22.59 36.21 -12.09
C PRO D 355 21.46 35.16 -12.13
N ARG D 356 21.60 34.15 -13.01
CA ARG D 356 20.57 33.12 -13.26
C ARG D 356 21.23 31.73 -13.25
N PRO D 357 20.58 30.73 -12.60
CA PRO D 357 21.13 29.35 -12.62
C PRO D 357 20.84 28.63 -13.95
N THR D 358 21.60 27.56 -14.22
CA THR D 358 21.30 26.63 -15.30
C THR D 358 20.07 25.79 -14.88
N ARG D 359 19.48 25.08 -15.84
CA ARG D 359 18.29 24.23 -15.61
C ARG D 359 18.65 23.08 -14.64
N ALA D 360 19.89 22.59 -14.74
CA ALA D 360 20.42 21.52 -13.88
C ALA D 360 20.47 21.95 -12.41
N GLU D 361 20.80 23.23 -12.16
CA GLU D 361 21.00 23.74 -10.81
C GLU D 361 19.65 23.94 -10.12
N GLY D 362 18.67 24.44 -10.88
CA GLY D 362 17.29 24.54 -10.42
C GLY D 362 16.73 23.18 -10.02
N SER D 363 17.06 22.15 -10.81
CA SER D 363 16.59 20.78 -10.57
C SER D 363 17.32 20.16 -9.36
N ASP D 364 18.61 20.41 -9.24
CA ASP D 364 19.44 19.87 -8.14
C ASP D 364 18.99 20.28 -6.71
N VAL D 365 18.84 21.59 -6.48
CA VAL D 365 18.28 22.17 -5.25
C VAL D 365 16.89 21.58 -4.97
N ALA D 366 16.02 21.55 -5.97
CA ALA D 366 14.67 21.00 -5.83
C ALA D 366 14.70 19.50 -5.49
N ASN D 367 15.70 18.78 -5.99
CA ASN D 367 15.73 17.31 -5.82
C ASN D 367 16.25 16.96 -4.43
N ALA D 368 17.21 17.74 -3.90
CA ALA D 368 17.67 17.63 -2.50
C ALA D 368 16.49 17.91 -1.55
N VAL D 369 15.74 18.99 -1.82
CA VAL D 369 14.54 19.29 -1.06
C VAL D 369 13.58 18.09 -1.13
N LEU D 370 13.30 17.55 -2.32
CA LEU D 370 12.32 16.43 -2.44
C LEU D 370 12.82 15.15 -1.75
N ASP D 371 14.12 14.87 -1.81
CA ASP D 371 14.74 13.73 -1.08
C ASP D 371 14.57 13.81 0.47
N GLY D 372 14.62 15.02 1.00
CA GLY D 372 14.39 15.22 2.41
C GLY D 372 15.59 15.82 3.12
N ALA D 373 16.40 16.61 2.42
CA ALA D 373 17.43 17.41 3.06
C ALA D 373 16.77 18.43 3.99
N ASP D 374 17.37 18.63 5.18
CA ASP D 374 16.94 19.65 6.14
C ASP D 374 17.38 21.07 5.80
N CYS D 375 18.61 21.24 5.34
CA CYS D 375 19.13 22.53 4.91
C CYS D 375 19.88 22.34 3.58
N ILE D 376 20.10 23.45 2.90
CA ILE D 376 20.92 23.46 1.70
C ILE D 376 22.03 24.49 1.91
N MET D 377 23.16 24.28 1.23
CA MET D 377 24.32 25.14 1.41
C MET D 377 24.77 25.80 0.10
N LEU D 378 25.18 27.06 0.25
CA LEU D 378 25.82 27.87 -0.78
C LEU D 378 27.28 28.10 -0.35
N SER D 379 28.21 27.53 -1.12
CA SER D 379 29.64 27.67 -0.86
C SER D 379 30.19 28.94 -1.52
N GLY D 380 30.75 28.80 -2.73
CA GLY D 380 31.44 29.88 -3.45
C GLY D 380 30.52 31.03 -3.85
N GLU D 381 29.24 30.72 -4.07
CA GLU D 381 28.22 31.66 -4.61
C GLU D 381 28.04 32.87 -3.67
N THR D 382 28.12 32.62 -2.36
CA THR D 382 27.93 33.65 -1.33
C THR D 382 29.27 34.23 -0.87
N ALA D 383 30.34 33.45 -1.02
CA ALA D 383 31.68 33.77 -0.51
C ALA D 383 32.42 34.72 -1.49
N LYS D 384 32.49 34.35 -2.77
CA LYS D 384 33.45 34.98 -3.70
C LYS D 384 32.76 35.56 -4.94
N GLY D 385 31.54 35.09 -5.25
CA GLY D 385 30.86 35.44 -6.51
C GLY D 385 30.33 36.87 -6.53
N ASP D 386 29.66 37.22 -7.64
CA ASP D 386 29.20 38.59 -7.91
C ASP D 386 27.76 38.86 -7.45
N TYR D 387 27.02 37.79 -7.21
CA TYR D 387 25.58 37.85 -6.94
C TYR D 387 25.26 37.05 -5.68
N PRO D 388 25.74 37.50 -4.48
CA PRO D 388 25.39 36.81 -3.23
C PRO D 388 23.88 36.83 -2.94
N LEU D 389 23.25 38.01 -3.02
CA LEU D 389 21.81 38.16 -2.69
C LEU D 389 20.95 37.40 -3.70
N GLU D 390 21.31 37.43 -4.98
CA GLU D 390 20.51 36.74 -6.03
C GLU D 390 20.52 35.23 -5.74
N ALA D 391 21.69 34.69 -5.38
CA ALA D 391 21.84 33.28 -5.04
C ALA D 391 20.95 32.91 -3.83
N VAL D 392 20.95 33.74 -2.79
CA VAL D 392 20.11 33.47 -1.62
C VAL D 392 18.62 33.55 -2.00
N ARG D 393 18.29 34.53 -2.85
CA ARG D 393 16.90 34.72 -3.25
C ARG D 393 16.43 33.57 -4.16
N MET D 394 17.34 33.03 -4.96
CA MET D 394 17.02 31.88 -5.83
C MET D 394 16.83 30.61 -5.01
N GLN D 395 17.61 30.46 -3.94
CA GLN D 395 17.52 29.30 -3.03
C GLN D 395 16.21 29.34 -2.24
N HIS D 396 15.79 30.54 -1.85
CA HIS D 396 14.48 30.73 -1.24
C HIS D 396 13.37 30.28 -2.19
N LEU D 397 13.36 30.76 -3.44
CA LEU D 397 12.20 30.53 -4.36
C LEU D 397 12.02 29.05 -4.71
N ILE D 398 13.10 28.39 -5.14
CA ILE D 398 13.12 26.96 -5.51
C ILE D 398 12.57 26.14 -4.34
N ALA D 399 13.06 26.41 -3.12
CA ALA D 399 12.72 25.62 -1.94
C ALA D 399 11.20 25.69 -1.63
N ARG D 400 10.56 26.87 -1.66
CA ARG D 400 9.08 26.91 -1.44
C ARG D 400 8.37 26.03 -2.48
N GLU D 401 8.75 26.22 -3.75
CA GLU D 401 8.13 25.51 -4.84
C GLU D 401 8.29 23.99 -4.66
N ALA D 402 9.48 23.49 -4.32
CA ALA D 402 9.69 22.03 -4.23
C ALA D 402 8.98 21.44 -3.00
N GLU D 403 8.79 22.24 -1.94
CA GLU D 403 8.07 21.79 -0.73
C GLU D 403 6.57 21.60 -1.03
N ALA D 404 6.10 22.12 -2.16
CA ALA D 404 4.69 21.97 -2.56
C ALA D 404 4.51 20.75 -3.51
N ALA D 405 5.58 20.02 -3.78
CA ALA D 405 5.55 18.85 -4.66
C ALA D 405 5.80 17.56 -3.86
N ILE D 406 6.01 17.66 -2.54
CA ILE D 406 6.24 16.50 -1.68
C ILE D 406 4.96 15.65 -1.63
N TYR D 407 5.11 14.33 -1.59
CA TYR D 407 3.97 13.43 -1.52
C TYR D 407 3.77 12.97 -0.07
N HIS D 408 3.22 13.90 0.71
CA HIS D 408 3.19 13.90 2.20
C HIS D 408 2.45 12.68 2.76
N LEU D 409 1.38 12.24 2.10
CA LEU D 409 0.59 11.12 2.59
C LEU D 409 1.45 9.85 2.66
N GLN D 410 2.21 9.54 1.59
CA GLN D 410 3.13 8.38 1.58
C GLN D 410 4.25 8.59 2.62
N LEU D 411 4.73 9.82 2.77
CA LEU D 411 5.86 10.14 3.65
C LEU D 411 5.46 9.93 5.12
N PHE D 412 4.38 10.60 5.55
CA PHE D 412 3.90 10.52 6.93
C PHE D 412 3.56 9.07 7.30
N GLU D 413 2.95 8.32 6.37
CA GLU D 413 2.61 6.91 6.53
C GLU D 413 3.89 6.09 6.83
N GLU D 414 4.90 6.24 5.96
CA GLU D 414 6.10 5.41 5.97
C GLU D 414 6.94 5.68 7.22
N LEU D 415 6.79 6.87 7.80
CA LEU D 415 7.59 7.28 8.96
C LEU D 415 6.97 6.68 10.22
N ARG D 416 5.67 6.46 10.17
CA ARG D 416 4.87 5.97 11.28
C ARG D 416 5.05 4.45 11.43
N ARG D 417 5.01 3.73 10.32
CA ARG D 417 5.17 2.26 10.31
C ARG D 417 6.60 1.88 10.74
N LEU D 418 7.45 2.89 10.90
CA LEU D 418 8.85 2.69 11.29
C LEU D 418 9.09 3.26 12.70
N ALA D 419 8.10 3.99 13.23
CA ALA D 419 8.17 4.62 14.55
C ALA D 419 7.91 3.58 15.64
N PRO D 420 8.90 3.36 16.55
CA PRO D 420 8.78 2.39 17.66
C PRO D 420 7.68 2.83 18.64
N ILE D 421 6.81 1.91 19.05
CA ILE D 421 5.85 2.24 20.12
C ILE D 421 6.61 2.27 21.47
N THR D 422 6.33 3.32 22.26
CA THR D 422 6.97 3.60 23.56
C THR D 422 5.93 4.25 24.47
N SER D 423 6.20 4.31 25.78
CA SER D 423 5.30 4.97 26.72
C SER D 423 5.69 6.45 26.93
N ASP D 424 6.64 6.96 26.13
CA ASP D 424 7.03 8.39 26.12
C ASP D 424 5.88 9.34 25.72
N PRO D 425 5.38 10.13 26.69
CA PRO D 425 4.29 11.04 26.33
C PRO D 425 4.63 11.97 25.17
N THR D 426 5.89 12.41 25.10
CA THR D 426 6.24 13.52 24.22
C THR D 426 6.12 13.09 22.76
N GLU D 427 6.59 11.87 22.49
CA GLU D 427 6.58 11.27 21.18
C GLU D 427 5.14 10.97 20.73
N ALA D 428 4.24 10.74 21.68
CA ALA D 428 2.81 10.52 21.40
C ALA D 428 2.10 11.86 21.13
N THR D 429 2.33 12.88 21.96
CA THR D 429 1.76 14.21 21.73
C THR D 429 2.14 14.72 20.33
N ALA D 430 3.38 14.41 19.87
CA ALA D 430 3.96 14.92 18.62
C ALA D 430 3.35 14.24 17.41
N VAL D 431 3.19 12.93 17.47
CA VAL D 431 2.62 12.24 16.32
C VAL D 431 1.11 12.56 16.24
N GLY D 432 0.40 12.59 17.38
CA GLY D 432 -0.93 13.20 17.46
C GLY D 432 -1.03 14.57 16.78
N ALA D 433 -0.16 15.51 17.11
CA ALA D 433 -0.17 16.87 16.53
C ALA D 433 0.03 16.85 14.99
N VAL D 434 0.86 15.96 14.46
CA VAL D 434 1.11 15.98 13.03
C VAL D 434 -0.11 15.41 12.28
N GLU D 435 -0.71 14.36 12.83
CA GLU D 435 -1.93 13.79 12.29
C GLU D 435 -3.04 14.84 12.35
N ALA D 436 -3.28 15.46 13.49
CA ALA D 436 -4.32 16.48 13.55
C ALA D 436 -4.11 17.52 12.44
N SER D 437 -2.85 17.88 12.12
CA SER D 437 -2.58 19.11 11.32
C SER D 437 -2.90 18.84 9.86
N PHE D 438 -2.79 17.58 9.46
CA PHE D 438 -3.12 17.16 8.13
C PHE D 438 -4.63 17.26 7.94
N LYS D 439 -5.36 16.72 8.91
CA LYS D 439 -6.80 16.57 8.89
C LYS D 439 -7.50 17.93 8.91
N CYS D 440 -6.94 18.95 9.52
CA CYS D 440 -7.63 20.26 9.51
C CYS D 440 -6.87 21.26 8.64
N CYS D 441 -5.85 20.78 7.90
CA CYS D 441 -4.97 21.66 7.08
C CYS D 441 -4.57 22.91 7.91
N SER D 442 -3.92 22.70 9.06
CA SER D 442 -3.62 23.85 9.92
C SER D 442 -2.53 24.72 9.28
N GLY D 443 -2.57 26.00 9.61
CA GLY D 443 -1.58 26.91 9.12
C GLY D 443 -0.25 26.77 9.81
N ALA D 444 -0.23 26.31 11.08
CA ALA D 444 1.01 26.18 11.90
C ALA D 444 0.83 25.21 13.07
N ILE D 445 1.93 24.58 13.43
CA ILE D 445 2.11 23.93 14.74
C ILE D 445 2.94 24.86 15.64
N ILE D 446 2.36 25.33 16.71
CA ILE D 446 3.12 26.15 17.67
C ILE D 446 3.67 25.20 18.73
N VAL D 447 4.96 25.23 19.06
CA VAL D 447 5.50 24.32 20.10
C VAL D 447 6.33 25.15 21.07
N LEU D 448 6.05 25.11 22.38
CA LEU D 448 6.89 25.85 23.39
C LEU D 448 8.04 24.94 23.78
N THR D 449 9.28 25.41 23.74
CA THR D 449 10.41 24.48 23.84
C THR D 449 11.58 25.13 24.61
N LYS D 450 12.19 24.43 25.56
CA LYS D 450 13.44 24.96 26.20
C LYS D 450 14.68 24.40 25.48
N SER D 451 14.88 23.07 25.44
CA SER D 451 16.07 22.52 24.78
C SER D 451 15.87 22.37 23.27
N GLY D 452 14.67 22.67 22.78
CA GLY D 452 14.29 22.46 21.41
C GLY D 452 13.83 21.04 21.18
N ARG D 453 13.89 20.19 22.20
CA ARG D 453 13.68 18.76 21.96
C ARG D 453 12.25 18.49 21.40
N SER D 454 11.23 19.16 21.96
CA SER D 454 9.84 18.97 21.57
C SER D 454 9.58 19.35 20.11
N ALA D 455 10.14 20.49 19.70
CA ALA D 455 10.15 20.88 18.30
C ALA D 455 10.89 19.85 17.45
N HIS D 456 12.02 19.26 17.91
CA HIS D 456 12.75 18.28 17.02
C HIS D 456 11.86 17.09 16.67
N GLN D 457 11.01 16.66 17.61
CA GLN D 457 10.18 15.47 17.48
C GLN D 457 9.02 15.66 16.51
N VAL D 458 8.41 16.85 16.50
CA VAL D 458 7.40 17.18 15.51
C VAL D 458 8.07 17.20 14.13
N ALA D 459 9.22 17.85 14.01
CA ALA D 459 9.96 17.95 12.75
C ALA D 459 10.24 16.56 12.18
N ARG D 460 10.55 15.62 13.04
CA ARG D 460 10.79 14.23 12.63
C ARG D 460 9.66 13.69 11.70
N TYR D 461 8.40 14.09 11.91
CA TYR D 461 7.24 13.50 11.21
C TYR D 461 6.91 14.25 9.90
N ARG D 462 7.66 15.32 9.64
CA ARG D 462 7.62 16.06 8.37
C ARG D 462 6.22 16.61 8.08
N PRO D 463 5.61 17.38 9.03
CA PRO D 463 4.33 18.09 8.80
C PRO D 463 4.38 18.98 7.54
N ARG D 464 3.23 19.40 7.05
CA ARG D 464 3.22 20.36 5.95
C ARG D 464 3.15 21.78 6.51
N ALA D 465 2.60 21.94 7.69
CA ALA D 465 2.56 23.28 8.30
C ALA D 465 3.95 23.66 8.81
N PRO D 466 4.29 24.95 8.84
CA PRO D 466 5.52 25.42 9.56
C PRO D 466 5.40 25.14 11.07
N ILE D 467 6.52 24.87 11.74
CA ILE D 467 6.58 24.58 13.19
C ILE D 467 7.14 25.81 13.90
N ILE D 468 6.30 26.66 14.47
CA ILE D 468 6.80 27.84 15.19
C ILE D 468 7.24 27.44 16.61
N ALA D 469 8.53 27.38 16.88
CA ALA D 469 9.08 26.99 18.22
C ALA D 469 9.35 28.25 19.03
N VAL D 470 8.73 28.36 20.20
CA VAL D 470 8.89 29.56 21.00
C VAL D 470 9.80 29.19 22.18
N THR D 471 10.81 30.00 22.38
CA THR D 471 11.83 29.67 23.35
C THR D 471 12.37 30.99 23.85
N ARG D 472 12.81 30.98 25.10
CA ARG D 472 13.49 32.08 25.76
C ARG D 472 15.01 31.89 25.67
N ASN D 473 15.47 30.70 25.28
CA ASN D 473 16.89 30.35 25.20
C ASN D 473 17.46 30.70 23.82
N PRO D 474 18.32 31.75 23.76
CA PRO D 474 18.90 32.21 22.48
C PRO D 474 19.71 31.13 21.74
N GLN D 475 20.44 30.27 22.45
CA GLN D 475 21.18 29.22 21.76
C GLN D 475 20.26 28.18 21.11
N THR D 476 19.12 27.88 21.76
CA THR D 476 18.15 26.91 21.24
C THR D 476 17.55 27.45 19.94
N ALA D 477 17.22 28.75 19.95
CA ALA D 477 16.61 29.38 18.79
C ALA D 477 17.57 29.34 17.60
N ARG D 478 18.89 29.48 17.80
CA ARG D 478 19.85 29.45 16.65
C ARG D 478 20.05 28.02 16.15
N GLN D 479 20.09 27.04 17.04
CA GLN D 479 20.35 25.64 16.62
C GLN D 479 19.15 25.05 15.86
N ALA D 480 17.97 25.66 15.97
CA ALA D 480 16.70 25.11 15.47
C ALA D 480 16.69 25.16 13.93
N HIS D 481 17.48 26.07 13.38
CA HIS D 481 17.60 26.21 11.94
C HIS D 481 18.07 24.91 11.26
N LEU D 482 18.66 23.97 11.99
CA LEU D 482 19.15 22.74 11.35
C LEU D 482 18.02 21.77 10.99
N TYR D 483 16.84 21.90 11.59
CA TYR D 483 15.79 20.89 11.46
C TYR D 483 14.73 21.37 10.46
N ARG D 484 14.25 20.49 9.59
CA ARG D 484 13.35 20.92 8.51
C ARG D 484 12.02 21.40 9.10
N GLY D 485 11.61 22.61 8.81
CA GLY D 485 10.26 23.01 9.14
C GLY D 485 10.21 24.00 10.26
N ILE D 486 11.18 23.95 11.19
CA ILE D 486 11.13 24.77 12.39
C ILE D 486 11.50 26.20 12.04
N PHE D 487 10.55 27.09 12.26
CA PHE D 487 10.74 28.51 12.26
C PHE D 487 10.90 29.00 13.72
N PRO D 488 12.13 29.22 14.22
CA PRO D 488 12.25 29.55 15.66
C PRO D 488 11.88 31.01 15.92
N VAL D 489 11.27 31.28 17.06
CA VAL D 489 11.01 32.64 17.47
C VAL D 489 11.47 32.81 18.92
N LEU D 490 12.25 33.84 19.16
CA LEU D 490 12.85 34.08 20.45
C LEU D 490 12.00 35.11 21.23
N CYS D 491 11.47 34.67 22.36
CA CYS D 491 10.61 35.48 23.21
C CYS D 491 11.50 36.21 24.21
N LYS D 492 11.29 37.53 24.34
CA LYS D 492 12.16 38.39 25.15
C LYS D 492 11.42 38.83 26.43
N ASP D 493 10.09 38.86 26.37
CA ASP D 493 9.20 39.21 27.52
C ASP D 493 9.58 38.48 28.81
N PRO D 494 9.54 39.16 29.97
CA PRO D 494 9.93 38.55 31.26
C PRO D 494 8.92 37.49 31.73
N VAL D 495 9.37 36.59 32.60
CA VAL D 495 8.56 35.45 33.07
C VAL D 495 7.53 35.96 34.10
N GLN D 496 6.27 35.98 33.68
CA GLN D 496 5.09 36.30 34.52
C GLN D 496 5.04 35.36 35.73
N GLU D 497 4.44 35.81 36.83
CA GLU D 497 4.40 35.05 38.09
C GLU D 497 3.58 33.76 37.93
N ALA D 498 2.38 33.88 37.34
CA ALA D 498 1.50 32.71 37.12
C ALA D 498 1.97 31.93 35.90
N TRP D 499 2.22 30.64 36.09
CA TRP D 499 2.83 29.84 35.06
C TRP D 499 1.89 29.69 33.85
N ALA D 500 0.59 29.58 34.07
CA ALA D 500 -0.35 29.47 32.95
C ALA D 500 -0.44 30.80 32.18
N GLU D 501 -0.22 31.94 32.86
CA GLU D 501 -0.23 33.26 32.20
C GLU D 501 1.00 33.39 31.30
N ASP D 502 2.14 32.94 31.83
CA ASP D 502 3.37 32.81 31.07
C ASP D 502 3.29 31.93 29.83
N VAL D 503 2.56 30.81 29.89
CA VAL D 503 2.34 29.92 28.69
C VAL D 503 1.42 30.63 27.68
N ASP D 504 0.43 31.38 28.17
CA ASP D 504 -0.47 32.13 27.27
C ASP D 504 0.18 33.29 26.52
N LEU D 505 1.00 34.05 27.24
CA LEU D 505 1.86 35.09 26.67
C LEU D 505 2.64 34.56 25.45
N ARG D 506 3.35 33.42 25.61
CA ARG D 506 4.22 32.86 24.55
C ARG D 506 3.39 32.29 23.40
N VAL D 507 2.20 31.78 23.68
CA VAL D 507 1.36 31.30 22.61
C VAL D 507 0.88 32.48 21.77
N ASN D 508 0.37 33.55 22.41
CA ASN D 508 -0.05 34.78 21.68
C ASN D 508 1.13 35.38 20.93
N PHE D 509 2.29 35.45 21.58
CA PHE D 509 3.47 35.96 20.87
C PHE D 509 3.64 35.23 19.53
N ALA D 510 3.49 33.90 19.53
CA ALA D 510 3.68 33.08 18.32
C ALA D 510 2.51 33.23 17.33
N MET D 511 1.35 33.68 17.79
CA MET D 511 0.21 34.02 16.91
C MET D 511 0.50 35.33 16.19
N ASN D 512 1.19 36.25 16.86
CA ASN D 512 1.48 37.57 16.29
C ASN D 512 2.48 37.44 15.16
N VAL D 513 3.54 36.68 15.39
CA VAL D 513 4.59 36.42 14.42
C VAL D 513 3.99 35.74 13.17
N GLY D 514 3.04 34.83 13.36
CA GLY D 514 2.52 34.07 12.23
C GLY D 514 1.64 34.91 11.31
N LYS D 515 0.81 35.79 11.92
CA LYS D 515 0.01 36.80 11.18
C LYS D 515 0.95 37.79 10.48
N ALA D 516 1.87 38.40 11.23
CA ALA D 516 2.86 39.36 10.69
C ALA D 516 3.57 38.79 9.44
N ARG D 517 4.03 37.55 9.52
CA ARG D 517 4.77 36.92 8.43
C ARG D 517 3.82 36.31 7.39
N GLY D 518 2.53 36.26 7.68
CA GLY D 518 1.55 35.85 6.68
C GLY D 518 1.38 34.34 6.53
N PHE D 519 1.65 33.55 7.58
CA PHE D 519 1.48 32.07 7.54
C PHE D 519 0.02 31.68 7.74
N PHE D 520 -0.76 32.58 8.34
CA PHE D 520 -2.18 32.34 8.66
C PHE D 520 -2.86 33.69 8.91
N LYS D 521 -4.18 33.73 8.89
CA LYS D 521 -4.95 34.97 9.16
C LYS D 521 -6.06 34.65 10.15
N LYS D 522 -6.54 35.66 10.89
CA LYS D 522 -7.56 35.49 11.96
C LYS D 522 -8.74 34.68 11.42
N GLY D 523 -9.09 33.61 12.14
CA GLY D 523 -10.13 32.68 11.68
C GLY D 523 -9.59 31.32 11.29
N ASP D 524 -8.30 31.26 10.97
CA ASP D 524 -7.60 30.01 10.65
C ASP D 524 -7.44 29.09 11.88
N VAL D 525 -7.13 27.83 11.63
CA VAL D 525 -6.98 26.87 12.72
C VAL D 525 -5.48 26.55 12.94
N VAL D 526 -5.00 26.67 14.20
CA VAL D 526 -3.62 26.25 14.54
C VAL D 526 -3.60 25.18 15.64
N ILE D 527 -2.55 24.32 15.61
CA ILE D 527 -2.25 23.29 16.63
C ILE D 527 -1.17 23.86 17.59
N VAL D 528 -1.50 24.02 18.87
CA VAL D 528 -0.59 24.48 19.94
C VAL D 528 -0.18 23.28 20.78
N LEU D 529 1.08 23.20 21.16
CA LEU D 529 1.65 22.05 21.86
C LEU D 529 2.34 22.55 23.13
N THR D 530 1.97 22.03 24.30
CA THR D 530 2.54 22.52 25.56
C THR D 530 2.64 21.34 26.54
N GLY D 531 3.22 21.61 27.71
CA GLY D 531 3.42 20.60 28.77
C GLY D 531 2.53 20.85 29.96
N TRP D 532 2.58 19.97 30.94
CA TRP D 532 1.65 20.06 32.10
C TRP D 532 2.29 20.76 33.29
N ARG D 533 3.62 20.91 33.29
CA ARG D 533 4.40 21.58 34.37
C ARG D 533 5.64 22.23 33.75
N PRO D 534 6.34 23.15 34.49
CA PRO D 534 7.57 23.80 33.95
C PRO D 534 8.78 22.86 33.79
N GLY D 535 9.77 23.23 32.98
CA GLY D 535 10.98 22.43 32.81
C GLY D 535 10.94 21.57 31.56
N SER D 536 12.06 20.98 31.16
CA SER D 536 12.12 20.14 29.97
C SER D 536 11.48 18.76 30.22
N GLY D 537 10.91 18.20 29.15
CA GLY D 537 10.62 16.78 29.05
C GLY D 537 9.19 16.46 29.43
N PHE D 538 8.35 17.49 29.63
CA PHE D 538 7.00 17.27 30.10
C PHE D 538 5.92 17.62 29.07
N THR D 539 6.23 17.73 27.77
CA THR D 539 5.26 18.12 26.75
C THR D 539 4.20 17.04 26.59
N ASN D 540 2.95 17.37 26.90
CA ASN D 540 1.89 16.31 26.95
C ASN D 540 0.58 16.77 26.27
N THR D 541 0.20 18.07 26.35
CA THR D 541 -1.05 18.65 25.82
C THR D 541 -0.93 18.99 24.31
N MET D 542 -2.04 18.89 23.55
CA MET D 542 -2.20 19.32 22.12
C MET D 542 -3.58 19.97 21.93
N ARG D 543 -3.70 21.29 21.74
CA ARG D 543 -5.01 22.01 21.51
C ARG D 543 -5.14 22.49 20.06
N VAL D 544 -6.30 22.26 19.42
CA VAL D 544 -6.65 22.82 18.10
C VAL D 544 -7.36 24.17 18.33
N VAL D 545 -6.72 25.29 18.01
CA VAL D 545 -7.31 26.62 18.37
C VAL D 545 -7.57 27.48 17.12
N PRO D 546 -8.63 28.34 17.17
CA PRO D 546 -8.86 29.43 16.18
C PRO D 546 -7.85 30.57 16.39
N VAL D 547 -7.34 31.14 15.31
CA VAL D 547 -6.37 32.24 15.42
C VAL D 547 -7.10 33.48 15.97
N PRO D 548 -6.62 34.02 17.11
CA PRO D 548 -7.23 35.19 17.78
C PRO D 548 -7.08 36.47 16.93
P1 FBP E . 3.64 -34.94 -21.96
O1P FBP E . 2.56 -35.10 -20.93
O2P FBP E . 3.11 -35.00 -23.42
O3P FBP E . 4.81 -35.90 -21.80
O1 FBP E . 4.23 -33.48 -21.71
C1 FBP E . 3.35 -32.35 -21.69
C2 FBP E . 3.97 -31.26 -20.81
O2 FBP E . 3.49 -30.00 -21.26
C3 FBP E . 5.51 -31.19 -20.77
O3 FBP E . 5.99 -30.32 -21.78
C4 FBP E . 5.73 -30.60 -19.39
O4 FBP E . 7.04 -30.79 -18.91
C5 FBP E . 4.71 -31.42 -18.58
O5 FBP E . 3.56 -31.52 -19.42
C6 FBP E . 4.34 -30.81 -17.25
O6 FBP E . 4.01 -31.82 -16.32
P2 FBP E . 4.30 -31.64 -14.77
O4P FBP E . 4.19 -32.98 -14.13
O5P FBP E . 3.24 -30.61 -14.23
O6P FBP E . 5.68 -31.02 -14.67
N THR F . -12.33 -29.22 -7.91
CA THR F . -13.63 -28.69 -8.35
C THR F . -14.17 -29.39 -9.59
O THR F . -15.33 -29.30 -9.95
CB THR F . -13.55 -27.18 -8.59
OG1 THR F . -12.97 -26.92 -9.86
CG2 THR F . -12.74 -26.48 -7.50
OXT THR F . -13.27 -30.08 -10.23
P1 FBP G . -19.49 20.45 30.30
O1P FBP G . -20.08 19.09 30.15
O2P FBP G . -18.79 20.69 31.67
O3P FBP G . -20.48 21.61 30.04
O1 FBP G . -18.38 20.55 29.16
C1 FBP G . -17.36 19.54 29.06
C2 FBP G . -16.90 19.44 27.61
O2 FBP G . -15.57 18.97 27.61
C3 FBP G . -16.93 20.75 26.78
O3 FBP G . -15.70 21.44 26.89
C4 FBP G . -17.12 20.18 25.38
O4 FBP G . -17.60 21.14 24.46
C5 FBP G . -18.19 19.11 25.67
O5 FBP G . -17.80 18.52 26.90
C6 FBP G . -18.30 18.06 24.60
O6 FBP G . -19.62 17.55 24.54
P2 FBP G . -20.26 17.07 23.16
O4P FBP G . -21.72 16.96 23.36
O5P FBP G . -19.57 15.68 22.82
O6P FBP G . -19.83 18.09 22.12
N THR H . -20.70 -0.96 25.29
CA THR H . -19.95 -1.99 26.02
C THR H . -19.91 -1.75 27.52
O THR H . -19.59 -2.61 28.32
CB THR H . -18.52 -2.13 25.46
OG1 THR H . -17.70 -1.10 26.00
CG2 THR H . -18.50 -2.07 23.94
OXT THR H . -20.24 -0.53 27.87
N THR I . 18.45 2.50 -26.87
CA THR I . 19.70 2.16 -26.19
C THR I . 20.62 1.27 -27.03
O THR I . 20.00 0.69 -28.03
CB THR I . 19.42 1.51 -24.83
OG1 THR I . 19.09 0.14 -25.01
CG2 THR I . 18.29 2.21 -24.09
OXT THR I . 21.79 1.10 -26.77
P1 FBP J . 7.09 -11.90 -39.05
O1P FBP J . 6.07 -11.69 -40.18
O2P FBP J . 7.92 -10.71 -38.72
O3P FBP J . 7.91 -13.19 -39.34
O1 FBP J . 6.21 -12.17 -37.72
C1 FBP J . 6.86 -12.31 -36.46
C2 FBP J . 5.90 -11.87 -35.36
O2 FBP J . 6.25 -12.56 -34.17
C3 FBP J . 4.39 -12.12 -35.61
O3 FBP J . 4.01 -13.38 -35.13
C4 FBP J . 3.79 -11.00 -34.77
O4 FBP J . 2.45 -10.72 -35.13
C5 FBP J . 4.72 -9.84 -35.16
O5 FBP J . 6.03 -10.42 -35.19
C6 FBP J . 4.68 -8.69 -34.19
O6 FBP J . 4.99 -7.47 -34.84
P2 FBP J . 4.33 -6.10 -34.38
O4P FBP J . 2.88 -6.41 -34.06
O5P FBP J . 5.07 -5.70 -33.04
O6P FBP J . 4.53 -5.12 -35.48
N THR K . 14.58 27.67 9.49
CA THR K . 13.88 28.53 8.52
C THR K . 13.47 29.87 9.10
O THR K . 13.51 29.92 10.40
CB THR K . 12.66 27.80 7.95
OG1 THR K . 11.57 27.88 8.88
CG2 THR K . 12.94 26.34 7.65
OXT THR K . 13.14 30.81 8.40
P1 FBP L . 8.78 26.40 30.70
O1P FBP L . 9.57 26.00 31.95
O2P FBP L . 9.60 26.72 29.50
O3P FBP L . 7.76 27.51 31.08
O1 FBP L . 7.94 25.10 30.29
C1 FBP L . 7.15 25.11 29.08
C2 FBP L . 7.03 23.69 28.55
O2 FBP L . 5.83 23.60 27.82
C3 FBP L . 7.03 22.55 29.60
O3 FBP L . 5.71 22.27 30.02
C4 FBP L . 7.61 21.41 28.78
O4 FBP L . 8.10 20.36 29.58
C5 FBP L . 8.75 22.15 28.06
O5 FBP L . 8.20 23.42 27.71
C6 FBP L . 9.27 21.44 26.84
O6 FBP L . 10.63 21.75 26.63
P2 FBP L . 11.62 20.67 25.99
O4P FBP L . 11.27 19.34 26.62
O5P FBP L . 11.27 20.62 24.45
O6P FBP L . 13.01 21.14 26.25
#